data_2W2C
#
_entry.id   2W2C
#
_cell.length_a   149.546
_cell.length_b   117.803
_cell.length_c   160.761
_cell.angle_alpha   90.00
_cell.angle_beta   111.92
_cell.angle_gamma   90.00
#
_symmetry.space_group_name_H-M   'C 1 2 1'
#
loop_
_entity.id
_entity.type
_entity.pdbx_description
1 polymer 'CALCIUM/CALMODULIN-DEPENDENT PROTEIN KINASE TYPE II DELTA CHAIN'
2 non-polymer 'ACETATE ION'
3 non-polymer 'CADMIUM ION'
4 water water
#
_entity_poly.entity_id   1
_entity_poly.type   'polypeptide(L)'
_entity_poly.pdbx_seq_one_letter_code
;SMSNTTIEDEDVKARKQEIIKVTEQLIEAINNGDFEAYTKICDPGLTAFEPEALGNLVEGMDFHRFYFENALSKSNKPIH
TIILNPHVHLVGDDAACIAYIRLTQYMDGSGMPKTMQSEETRVWHRRDGKWQNVHFHRSGSPTV
;
_entity_poly.pdbx_strand_id   A,B,C,D,E,F,G,H,I,J,K,L,M,N
#
loop_
_chem_comp.id
_chem_comp.type
_chem_comp.name
_chem_comp.formula
ACT non-polymer 'ACETATE ION' 'C2 H3 O2 -1'
CD non-polymer 'CADMIUM ION' 'Cd 2'
#
# COMPACT_ATOMS: atom_id res chain seq x y z
N GLU A 8 45.61 -33.24 26.19
CA GLU A 8 45.53 -31.75 26.30
C GLU A 8 44.21 -31.25 25.72
N ASP A 9 43.95 -31.54 24.45
CA ASP A 9 42.69 -31.17 23.77
C ASP A 9 41.54 -32.10 24.16
N GLU A 10 41.87 -33.30 24.64
CA GLU A 10 40.88 -34.23 25.22
C GLU A 10 40.22 -33.64 26.49
N ASP A 11 41.06 -33.04 27.36
CA ASP A 11 40.59 -32.32 28.55
C ASP A 11 39.81 -31.02 28.23
N VAL A 12 40.33 -30.19 27.31
CA VAL A 12 39.57 -29.03 26.82
C VAL A 12 38.25 -29.50 26.20
N LYS A 13 38.30 -30.54 25.36
CA LYS A 13 37.08 -31.09 24.74
C LYS A 13 36.05 -31.51 25.80
N ALA A 14 36.49 -32.22 26.83
CA ALA A 14 35.63 -32.68 27.92
C ALA A 14 35.05 -31.53 28.75
N ARG A 15 35.88 -30.54 29.08
CA ARG A 15 35.45 -29.38 29.86
C ARG A 15 34.36 -28.61 29.14
N LYS A 16 34.54 -28.46 27.83
CA LYS A 16 33.57 -27.83 26.95
C LYS A 16 32.26 -28.60 26.88
N GLN A 17 32.32 -29.92 26.80
CA GLN A 17 31.11 -30.72 26.87
C GLN A 17 30.32 -30.43 28.15
N GLU A 18 31.03 -30.22 29.25
CA GLU A 18 30.39 -30.01 30.52
C GLU A 18 29.48 -28.80 30.40
N ILE A 19 29.93 -27.77 29.70
CA ILE A 19 29.15 -26.53 29.54
C ILE A 19 28.00 -26.74 28.60
N ILE A 20 28.23 -27.47 27.53
CA ILE A 20 27.14 -27.80 26.61
C ILE A 20 26.08 -28.64 27.33
N LYS A 21 26.53 -29.57 28.17
CA LYS A 21 25.61 -30.46 28.88
C LYS A 21 24.78 -29.66 29.83
N VAL A 22 25.39 -28.71 30.54
CA VAL A 22 24.63 -27.96 31.52
C VAL A 22 23.65 -26.99 30.82
N THR A 23 24.06 -26.41 29.69
CA THR A 23 23.19 -25.56 28.87
C THR A 23 21.96 -26.36 28.38
N GLU A 24 22.20 -27.59 27.93
CA GLU A 24 21.12 -28.45 27.53
C GLU A 24 20.15 -28.75 28.66
N GLN A 25 20.66 -28.89 29.88
CA GLN A 25 19.79 -29.14 31.02
C GLN A 25 18.95 -27.91 31.29
N LEU A 26 19.57 -26.74 31.17
CA LEU A 26 18.84 -25.51 31.46
C LEU A 26 17.67 -25.37 30.52
N ILE A 27 17.93 -25.52 29.22
CA ILE A 27 16.87 -25.41 28.19
C ILE A 27 15.76 -26.47 28.40
N GLU A 28 16.14 -27.63 28.89
CA GLU A 28 15.18 -28.67 29.14
C GLU A 28 14.25 -28.28 30.32
N ALA A 29 14.81 -27.60 31.32
CA ALA A 29 14.04 -27.07 32.42
C ALA A 29 13.05 -26.06 31.92
N ILE A 30 13.54 -25.11 31.11
CA ILE A 30 12.68 -24.12 30.46
C ILE A 30 11.58 -24.80 29.68
N ASN A 31 11.90 -25.72 28.76
CA ASN A 31 10.85 -26.37 27.98
C ASN A 31 9.86 -27.17 28.81
N ASN A 32 10.31 -27.73 29.94
CA ASN A 32 9.42 -28.42 30.84
C ASN A 32 8.65 -27.47 31.74
N GLY A 33 9.00 -26.20 31.76
CA GLY A 33 8.32 -25.28 32.65
C GLY A 33 8.62 -25.50 34.13
N ASP A 34 9.82 -26.01 34.41
CA ASP A 34 10.21 -26.34 35.77
C ASP A 34 11.01 -25.17 36.37
N PHE A 35 10.30 -24.29 37.05
CA PHE A 35 10.93 -23.12 37.64
C PHE A 35 11.88 -23.45 38.79
N GLU A 36 11.52 -24.44 39.61
CA GLU A 36 12.42 -24.86 40.66
C GLU A 36 13.78 -25.28 40.09
N ALA A 37 13.76 -26.12 39.05
CA ALA A 37 15.00 -26.53 38.35
C ALA A 37 15.70 -25.30 37.86
N TYR A 38 14.97 -24.45 37.15
CA TYR A 38 15.56 -23.24 36.56
C TYR A 38 16.24 -22.37 37.62
N THR A 39 15.62 -22.32 38.78
CA THR A 39 16.15 -21.53 39.85
C THR A 39 17.41 -22.12 40.48
N LYS A 40 17.52 -23.44 40.48
CA LYS A 40 18.75 -24.08 40.98
C LYS A 40 19.92 -23.84 39.99
N ILE A 41 19.65 -23.79 38.69
CA ILE A 41 20.73 -23.67 37.70
C ILE A 41 21.18 -22.23 37.50
N CYS A 42 20.33 -21.28 37.89
CA CYS A 42 20.65 -19.86 37.66
C CYS A 42 21.13 -19.21 38.93
N ASP A 43 22.15 -18.37 38.82
CA ASP A 43 22.57 -17.52 39.92
C ASP A 43 21.39 -16.61 40.29
N PRO A 44 21.13 -16.39 41.59
CA PRO A 44 19.99 -15.54 41.97
C PRO A 44 20.06 -14.09 41.49
N GLY A 45 21.24 -13.65 41.06
CA GLY A 45 21.44 -12.33 40.47
C GLY A 45 21.70 -12.35 38.98
N LEU A 46 21.12 -13.35 38.32
CA LEU A 46 21.15 -13.51 36.88
C LEU A 46 20.74 -12.20 36.23
N THR A 47 21.46 -11.79 35.19
CA THR A 47 21.02 -10.66 34.37
C THR A 47 20.75 -11.19 32.99
N ALA A 48 19.77 -10.62 32.30
CA ALA A 48 19.39 -11.11 30.96
C ALA A 48 19.03 -9.98 30.03
N PHE A 49 19.42 -10.14 28.78
CA PHE A 49 18.88 -9.38 27.66
C PHE A 49 18.04 -10.37 26.89
N GLU A 50 16.81 -10.01 26.57
CA GLU A 50 15.98 -10.88 25.72
C GLU A 50 14.87 -10.07 25.09
N PRO A 51 14.34 -10.53 23.97
CA PRO A 51 13.26 -9.83 23.27
C PRO A 51 12.01 -9.53 24.10
N GLU A 52 11.66 -10.39 25.04
CA GLU A 52 10.50 -10.16 25.86
C GLU A 52 10.74 -9.03 26.90
N ALA A 53 12.02 -8.78 27.25
CA ALA A 53 12.38 -7.65 28.13
C ALA A 53 12.45 -6.30 27.37
N LEU A 54 12.07 -6.31 26.09
CA LEU A 54 11.84 -5.11 25.33
C LEU A 54 13.01 -4.11 25.31
N GLY A 55 14.26 -4.57 25.27
CA GLY A 55 15.37 -3.62 25.25
C GLY A 55 15.98 -3.29 26.62
N ASN A 56 15.33 -3.71 27.69
CA ASN A 56 15.86 -3.52 29.04
C ASN A 56 16.69 -4.71 29.50
N LEU A 57 17.70 -4.46 30.33
CA LEU A 57 18.42 -5.51 31.03
C LEU A 57 17.66 -5.88 32.29
N VAL A 58 17.23 -7.11 32.42
CA VAL A 58 16.46 -7.50 33.62
C VAL A 58 17.35 -8.23 34.57
N GLU A 59 16.99 -8.21 35.84
CA GLU A 59 17.85 -8.75 36.88
C GLU A 59 17.05 -9.67 37.81
N GLY A 60 17.64 -10.78 38.22
CA GLY A 60 16.98 -11.72 39.08
C GLY A 60 15.92 -12.61 38.43
N MET A 61 15.15 -13.28 39.28
CA MET A 61 14.25 -14.30 38.82
C MET A 61 12.85 -13.77 38.61
N ASP A 62 12.53 -12.64 39.24
CA ASP A 62 11.17 -12.06 39.21
C ASP A 62 10.59 -12.08 37.79
N PHE A 63 11.35 -11.58 36.84
CA PHE A 63 10.84 -11.34 35.50
C PHE A 63 10.44 -12.63 34.82
N HIS A 64 11.24 -13.67 35.01
CA HIS A 64 11.02 -14.93 34.32
C HIS A 64 9.89 -15.71 34.98
N ARG A 65 9.72 -15.57 36.28
CA ARG A 65 8.69 -16.35 36.96
C ARG A 65 7.31 -16.27 36.26
N PHE A 66 6.97 -15.10 35.78
CA PHE A 66 5.65 -14.90 35.20
C PHE A 66 5.46 -15.78 34.00
N TYR A 67 6.50 -15.93 33.21
CA TYR A 67 6.44 -16.81 32.04
C TYR A 67 6.23 -18.26 32.42
N PHE A 68 6.95 -18.76 33.43
CA PHE A 68 6.75 -20.14 33.86
C PHE A 68 5.32 -20.32 34.41
N GLU A 69 4.91 -19.44 35.32
CA GLU A 69 3.64 -19.58 36.02
C GLU A 69 2.42 -19.52 35.12
N ASN A 70 2.52 -18.85 33.99
CA ASN A 70 1.33 -18.57 33.17
C ASN A 70 1.45 -19.08 31.75
N ALA A 71 2.44 -19.92 31.43
CA ALA A 71 2.55 -20.46 30.07
C ALA A 71 2.45 -21.97 30.13
N LYS A 77 0.93 -29.88 21.98
CA LYS A 77 1.96 -28.97 21.47
C LYS A 77 3.40 -29.28 21.99
N PRO A 78 4.00 -30.43 21.57
CA PRO A 78 5.42 -30.83 21.81
C PRO A 78 6.42 -29.84 21.19
N ILE A 79 7.66 -29.94 21.68
CA ILE A 79 8.70 -28.94 21.42
C ILE A 79 10.03 -29.67 21.42
N HIS A 80 10.94 -29.26 20.54
CA HIS A 80 12.29 -29.78 20.53
C HIS A 80 13.26 -28.62 20.34
N THR A 81 14.33 -28.61 21.12
CA THR A 81 15.33 -27.61 20.98
C THR A 81 16.56 -28.25 20.43
N ILE A 82 17.29 -27.52 19.59
CA ILE A 82 18.58 -27.97 19.13
C ILE A 82 19.53 -26.88 19.41
N ILE A 83 20.62 -27.18 20.10
CA ILE A 83 21.70 -26.23 20.30
C ILE A 83 22.63 -26.41 19.11
N LEU A 84 22.66 -25.45 18.21
CA LEU A 84 23.39 -25.60 16.96
C LEU A 84 24.72 -24.85 17.00
N ASN A 85 25.77 -25.52 16.58
CA ASN A 85 27.07 -24.90 16.37
C ASN A 85 27.60 -24.20 17.63
N PRO A 86 27.50 -24.85 18.78
CA PRO A 86 27.94 -24.17 19.99
C PRO A 86 29.44 -23.91 20.03
N HIS A 87 29.88 -22.73 20.44
CA HIS A 87 31.28 -22.44 20.68
C HIS A 87 31.39 -22.08 22.15
N VAL A 88 32.33 -22.70 22.85
CA VAL A 88 32.51 -22.51 24.28
C VAL A 88 33.88 -21.90 24.50
N HIS A 89 33.96 -20.85 25.30
CA HIS A 89 35.24 -20.35 25.78
C HIS A 89 35.41 -20.71 27.25
N LEU A 90 36.55 -21.30 27.59
CA LEU A 90 36.89 -21.55 28.97
C LEU A 90 37.74 -20.36 29.44
N VAL A 91 37.23 -19.67 30.45
CA VAL A 91 37.74 -18.37 30.86
C VAL A 91 38.19 -18.52 32.31
N GLY A 92 39.27 -19.26 32.54
CA GLY A 92 39.68 -19.64 33.90
C GLY A 92 39.00 -20.94 34.32
N ASP A 93 39.41 -21.49 35.47
CA ASP A 93 38.93 -22.80 35.93
C ASP A 93 37.43 -22.83 36.28
N ASP A 94 36.89 -21.75 36.84
CA ASP A 94 35.50 -21.73 37.33
C ASP A 94 34.56 -20.90 36.49
N ALA A 95 34.94 -20.61 35.26
CA ALA A 95 34.16 -19.70 34.40
C ALA A 95 34.16 -20.14 32.92
N ALA A 96 33.00 -20.09 32.29
CA ALA A 96 32.91 -20.32 30.87
C ALA A 96 31.79 -19.50 30.22
N CYS A 97 31.87 -19.32 28.92
CA CYS A 97 30.66 -18.91 28.21
C CYS A 97 30.51 -19.69 26.96
N ILE A 98 29.27 -19.70 26.52
CA ILE A 98 28.83 -20.54 25.43
C ILE A 98 27.96 -19.69 24.55
N ALA A 99 28.15 -19.83 23.24
CA ALA A 99 27.34 -19.10 22.26
C ALA A 99 26.90 -20.09 21.21
N TYR A 100 25.62 -20.03 20.85
CA TYR A 100 24.99 -21.02 19.96
C TYR A 100 23.72 -20.48 19.32
N ILE A 101 23.35 -21.05 18.18
CA ILE A 101 22.02 -20.84 17.65
C ILE A 101 21.05 -21.82 18.30
N ARG A 102 19.97 -21.31 18.85
CA ARG A 102 18.95 -22.12 19.51
C ARG A 102 17.81 -22.31 18.54
N LEU A 103 17.71 -23.49 17.97
CA LEU A 103 16.59 -23.81 17.10
C LEU A 103 15.45 -24.38 17.94
N THR A 104 14.26 -23.88 17.73
CA THR A 104 13.11 -24.46 18.40
C THR A 104 12.16 -25.02 17.39
N GLN A 105 11.85 -26.30 17.52
CA GLN A 105 10.82 -26.93 16.68
C GLN A 105 9.57 -27.02 17.51
N TYR A 106 8.46 -26.58 16.94
CA TYR A 106 7.20 -26.47 17.68
C TYR A 106 6.03 -26.66 16.70
N MET A 107 4.82 -26.75 17.25
CA MET A 107 3.61 -26.86 16.44
C MET A 107 2.88 -25.52 16.37
N ASP A 108 2.47 -25.11 15.18
CA ASP A 108 1.87 -23.79 15.02
C ASP A 108 0.35 -23.81 15.11
N GLY A 109 -0.23 -22.61 15.13
CA GLY A 109 -1.68 -22.40 15.16
C GLY A 109 -2.40 -23.18 14.06
N SER A 110 -1.85 -23.14 12.84
CA SER A 110 -2.42 -23.85 11.68
C SER A 110 -2.29 -25.39 11.80
N GLY A 111 -1.79 -25.89 12.94
CA GLY A 111 -1.65 -27.32 13.20
C GLY A 111 -0.32 -27.95 12.78
N MET A 112 0.58 -27.15 12.20
CA MET A 112 1.75 -27.68 11.49
C MET A 112 3.08 -27.46 12.22
N PRO A 113 4.09 -28.26 11.87
CA PRO A 113 5.40 -28.09 12.49
C PRO A 113 6.26 -26.96 11.87
N LYS A 114 6.80 -26.11 12.73
CA LYS A 114 7.62 -25.00 12.30
C LYS A 114 8.90 -24.97 13.13
N THR A 115 9.92 -24.34 12.59
CA THR A 115 11.19 -24.08 13.32
C THR A 115 11.43 -22.59 13.40
N MET A 116 11.90 -22.13 14.54
CA MET A 116 12.33 -20.75 14.67
C MET A 116 13.72 -20.74 15.30
N GLN A 117 14.38 -19.59 15.25
CA GLN A 117 15.75 -19.48 15.80
C GLN A 117 16.06 -18.26 16.60
N SER A 118 17.08 -18.35 17.43
CA SER A 118 17.59 -17.22 18.21
C SER A 118 19.08 -17.35 18.33
N GLU A 119 19.77 -16.23 18.36
CA GLU A 119 21.18 -16.24 18.75
C GLU A 119 21.16 -16.19 20.29
N GLU A 120 22.02 -16.94 20.95
CA GLU A 120 22.01 -17.00 22.40
C GLU A 120 23.41 -17.11 23.01
N THR A 121 23.70 -16.28 23.99
CA THR A 121 24.95 -16.33 24.71
C THR A 121 24.62 -16.59 26.16
N ARG A 122 25.40 -17.45 26.81
CA ARG A 122 25.25 -17.72 28.24
C ARG A 122 26.59 -17.76 28.94
N VAL A 123 26.71 -17.06 30.06
CA VAL A 123 27.91 -17.07 30.86
C VAL A 123 27.67 -17.88 32.13
N TRP A 124 28.64 -18.77 32.38
CA TRP A 124 28.54 -19.78 33.43
C TRP A 124 29.63 -19.66 34.48
N HIS A 125 29.27 -19.87 35.73
CA HIS A 125 30.19 -19.76 36.85
C HIS A 125 29.98 -20.97 37.76
N ARG A 126 31.09 -21.59 38.18
CA ARG A 126 30.99 -22.78 39.01
C ARG A 126 31.11 -22.38 40.45
N ARG A 127 30.03 -22.57 41.21
CA ARG A 127 30.02 -22.38 42.66
C ARG A 127 29.79 -23.74 43.30
N ASP A 128 30.53 -24.01 44.38
CA ASP A 128 30.48 -25.28 45.10
C ASP A 128 30.33 -26.52 44.20
N GLY A 129 31.11 -26.59 43.13
CA GLY A 129 31.07 -27.73 42.20
C GLY A 129 29.96 -27.71 41.15
N LYS A 130 28.92 -26.89 41.33
CA LYS A 130 27.77 -26.84 40.41
C LYS A 130 27.83 -25.59 39.50
N TRP A 131 27.87 -25.80 38.20
CA TRP A 131 27.84 -24.68 37.24
C TRP A 131 26.55 -23.90 37.34
N GLN A 132 26.62 -22.58 37.29
CA GLN A 132 25.43 -21.75 37.34
C GLN A 132 25.45 -20.63 36.31
N ASN A 133 24.28 -20.31 35.75
CA ASN A 133 24.15 -19.30 34.72
C ASN A 133 24.06 -17.93 35.39
N VAL A 134 25.02 -17.06 35.10
CA VAL A 134 25.04 -15.71 35.71
C VAL A 134 24.52 -14.62 34.79
N HIS A 135 24.51 -14.88 33.48
CA HIS A 135 24.03 -13.91 32.48
C HIS A 135 23.65 -14.60 31.19
N PHE A 136 22.67 -14.05 30.50
CA PHE A 136 22.42 -14.51 29.14
C PHE A 136 21.86 -13.40 28.29
N HIS A 137 22.02 -13.58 26.98
CA HIS A 137 21.63 -12.62 25.99
C HIS A 137 21.01 -13.44 24.86
N ARG A 138 19.73 -13.23 24.60
CA ARG A 138 19.08 -13.80 23.42
C ARG A 138 18.64 -12.69 22.48
N SER A 139 18.79 -12.92 21.18
CA SER A 139 18.34 -11.96 20.19
C SER A 139 17.70 -12.71 19.04
N GLY A 140 16.69 -12.11 18.45
CA GLY A 140 15.79 -12.80 17.55
C GLY A 140 16.45 -12.91 16.21
N ASP B 9 29.16 -48.00 -23.10
CA ASP B 9 28.61 -46.84 -22.32
C ASP B 9 27.43 -47.24 -21.40
N GLU B 10 26.78 -48.37 -21.71
CA GLU B 10 25.68 -48.93 -20.90
C GLU B 10 26.00 -48.98 -19.37
N ASP B 11 27.28 -49.19 -19.03
CA ASP B 11 27.79 -49.16 -17.65
C ASP B 11 27.65 -47.80 -16.93
N VAL B 12 28.36 -46.77 -17.37
CA VAL B 12 28.20 -45.44 -16.78
C VAL B 12 26.71 -45.14 -16.67
N LYS B 13 25.95 -45.45 -17.72
CA LYS B 13 24.49 -45.18 -17.74
C LYS B 13 23.75 -45.93 -16.60
N ALA B 14 24.09 -47.21 -16.41
CA ALA B 14 23.48 -48.04 -15.38
C ALA B 14 23.92 -47.68 -13.95
N ARG B 15 25.14 -47.17 -13.81
CA ARG B 15 25.65 -46.76 -12.50
C ARG B 15 24.94 -45.48 -12.09
N LYS B 16 24.69 -44.62 -13.06
CA LYS B 16 23.88 -43.44 -12.87
C LYS B 16 22.45 -43.82 -12.52
N GLN B 17 21.87 -44.80 -13.19
CA GLN B 17 20.55 -45.26 -12.80
C GLN B 17 20.45 -45.70 -11.33
N GLU B 18 21.53 -46.28 -10.84
CA GLU B 18 21.58 -46.74 -9.48
C GLU B 18 21.31 -45.56 -8.55
N ILE B 19 21.97 -44.42 -8.82
CA ILE B 19 21.83 -43.25 -7.96
C ILE B 19 20.46 -42.67 -8.08
N ILE B 20 19.90 -42.60 -9.28
CA ILE B 20 18.50 -42.14 -9.47
C ILE B 20 17.52 -43.09 -8.71
N LYS B 21 17.78 -44.39 -8.78
CA LYS B 21 16.92 -45.32 -8.10
C LYS B 21 16.98 -45.04 -6.61
N VAL B 22 18.16 -44.90 -6.05
CA VAL B 22 18.23 -44.75 -4.60
C VAL B 22 17.58 -43.41 -4.16
N THR B 23 17.80 -42.34 -4.93
CA THR B 23 17.19 -41.07 -4.67
C THR B 23 15.66 -41.18 -4.71
N GLU B 24 15.13 -41.92 -5.67
CA GLU B 24 13.70 -42.21 -5.66
C GLU B 24 13.25 -42.95 -4.42
N GLN B 25 14.01 -43.92 -3.98
CA GLN B 25 13.63 -44.68 -2.79
C GLN B 25 13.63 -43.79 -1.58
N LEU B 26 14.60 -42.89 -1.52
CA LEU B 26 14.71 -41.96 -0.40
C LEU B 26 13.49 -41.08 -0.31
N ILE B 27 13.09 -40.50 -1.44
CA ILE B 27 11.92 -39.63 -1.51
C ILE B 27 10.65 -40.45 -1.23
N GLU B 28 10.60 -41.69 -1.62
CA GLU B 28 9.43 -42.50 -1.32
C GLU B 28 9.30 -42.67 0.20
N ALA B 29 10.45 -42.82 0.87
CA ALA B 29 10.48 -42.92 2.31
C ALA B 29 9.89 -41.66 2.90
N ILE B 30 10.37 -40.50 2.42
CA ILE B 30 9.85 -39.24 2.95
C ILE B 30 8.31 -39.15 2.78
N ASN B 31 7.79 -39.39 1.58
CA ASN B 31 6.38 -39.26 1.33
C ASN B 31 5.55 -40.29 2.07
N ASN B 32 6.12 -41.46 2.32
CA ASN B 32 5.43 -42.46 3.17
C ASN B 32 5.51 -42.12 4.66
N GLY B 33 6.35 -41.16 5.02
CA GLY B 33 6.48 -40.75 6.39
C GLY B 33 7.16 -41.81 7.19
N ASP B 34 8.08 -42.53 6.58
CA ASP B 34 8.73 -43.69 7.21
C ASP B 34 10.19 -43.38 7.65
N PHE B 35 10.34 -43.11 8.93
CA PHE B 35 11.61 -42.65 9.47
C PHE B 35 12.64 -43.76 9.60
N GLU B 36 12.19 -45.00 9.82
CA GLU B 36 13.14 -46.10 9.82
C GLU B 36 13.77 -46.29 8.43
N ALA B 37 12.94 -46.32 7.39
CA ALA B 37 13.41 -46.36 6.02
C ALA B 37 14.37 -45.19 5.76
N TYR B 38 13.98 -43.98 6.16
CA TYR B 38 14.84 -42.79 5.96
C TYR B 38 16.17 -42.93 6.70
N THR B 39 16.12 -43.45 7.90
CA THR B 39 17.32 -43.54 8.70
C THR B 39 18.27 -44.53 8.11
N LYS B 40 17.72 -45.53 7.43
CA LYS B 40 18.51 -46.60 6.81
C LYS B 40 19.31 -46.06 5.61
N ILE B 41 18.69 -45.14 4.86
CA ILE B 41 19.27 -44.58 3.64
C ILE B 41 20.19 -43.37 3.87
N CYS B 42 20.20 -42.83 5.07
CA CYS B 42 21.03 -41.66 5.36
C CYS B 42 22.20 -42.05 6.23
N ASP B 43 23.37 -41.50 5.94
CA ASP B 43 24.51 -41.60 6.86
C ASP B 43 24.14 -40.92 8.17
N PRO B 44 24.42 -41.52 9.33
CA PRO B 44 24.06 -40.89 10.61
C PRO B 44 24.54 -39.48 10.83
N GLY B 45 25.62 -39.08 10.13
CA GLY B 45 26.18 -37.71 10.18
C GLY B 45 25.81 -36.85 8.97
N LEU B 46 24.70 -37.16 8.33
CA LEU B 46 24.16 -36.40 7.23
C LEU B 46 24.12 -34.93 7.60
N THR B 47 24.54 -34.07 6.69
CA THR B 47 24.36 -32.63 6.86
C THR B 47 23.39 -32.13 5.82
N ALA B 48 22.65 -31.07 6.13
CA ALA B 48 21.63 -30.55 5.18
C ALA B 48 21.57 -29.05 5.24
N PHE B 49 21.35 -28.48 4.03
CA PHE B 49 20.81 -27.14 3.85
C PHE B 49 19.35 -27.28 3.34
N GLU B 50 18.41 -26.64 4.01
CA GLU B 50 17.03 -26.68 3.55
C GLU B 50 16.28 -25.48 4.12
N PRO B 51 15.18 -25.08 3.46
CA PRO B 51 14.44 -23.90 3.88
C PRO B 51 13.93 -23.98 5.32
N GLU B 52 13.59 -25.15 5.76
CA GLU B 52 13.03 -25.31 7.09
C GLU B 52 14.13 -25.09 8.14
N ALA B 53 15.40 -25.30 7.78
CA ALA B 53 16.52 -25.02 8.67
C ALA B 53 16.92 -23.51 8.71
N LEU B 54 16.14 -22.68 8.03
CA LEU B 54 16.23 -21.24 8.15
C LEU B 54 17.63 -20.71 7.91
N GLY B 55 18.41 -21.30 7.03
CA GLY B 55 19.75 -20.72 6.78
C GLY B 55 20.91 -21.31 7.57
N ASN B 56 20.62 -22.25 8.44
CA ASN B 56 21.66 -23.02 9.13
C ASN B 56 21.91 -24.37 8.44
N LEU B 57 23.11 -24.87 8.65
CA LEU B 57 23.48 -26.19 8.21
C LEU B 57 23.15 -27.10 9.38
N VAL B 58 22.30 -28.09 9.14
CA VAL B 58 21.93 -28.99 10.22
C VAL B 58 22.64 -30.31 10.06
N GLU B 59 22.76 -31.05 11.16
CA GLU B 59 23.61 -32.23 11.17
C GLU B 59 23.01 -33.35 11.96
N GLY B 60 22.94 -34.53 11.36
CA GLY B 60 22.35 -35.71 11.97
C GLY B 60 20.87 -35.83 11.74
N MET B 61 20.28 -36.79 12.41
CA MET B 61 18.89 -37.10 12.20
C MET B 61 17.97 -36.32 13.12
N ASP B 62 18.47 -35.81 14.25
CA ASP B 62 17.62 -35.13 15.26
C ASP B 62 16.59 -34.19 14.59
N PHE B 63 17.08 -33.33 13.69
CA PHE B 63 16.26 -32.24 13.12
C PHE B 63 15.08 -32.75 12.31
N HIS B 64 15.30 -33.78 11.52
CA HIS B 64 14.27 -34.30 10.64
C HIS B 64 13.21 -35.14 11.37
N ARG B 65 13.60 -35.77 12.44
CA ARG B 65 12.69 -36.59 13.17
C ARG B 65 11.37 -35.87 13.48
N PHE B 66 11.47 -34.61 13.88
CA PHE B 66 10.30 -33.87 14.33
C PHE B 66 9.31 -33.82 13.20
N TYR B 67 9.82 -33.60 11.98
CA TYR B 67 8.97 -33.56 10.81
C TYR B 67 8.26 -34.91 10.55
N PHE B 68 8.93 -36.03 10.75
CA PHE B 68 8.27 -37.32 10.55
C PHE B 68 7.24 -37.57 11.63
N GLU B 69 7.63 -37.43 12.88
CA GLU B 69 6.77 -37.74 13.99
C GLU B 69 5.49 -36.94 14.03
N ASN B 70 5.56 -35.68 13.63
CA ASN B 70 4.42 -34.78 13.74
C ASN B 70 3.83 -34.38 12.40
N ALA B 71 4.20 -35.05 11.31
CA ALA B 71 3.51 -34.87 10.05
C ALA B 71 2.44 -35.92 10.00
N LEU B 72 1.33 -35.76 10.73
CA LEU B 72 0.28 -36.78 10.66
C LEU B 72 -0.79 -36.30 9.68
N LYS B 77 -5.16 -37.21 1.04
CA LYS B 77 -3.93 -36.42 0.98
C LYS B 77 -2.77 -37.10 0.15
N PRO B 78 -3.04 -37.41 -1.13
CA PRO B 78 -2.11 -38.02 -2.08
C PRO B 78 -1.03 -37.08 -2.62
N ILE B 79 0.14 -37.62 -2.90
CA ILE B 79 1.32 -36.83 -3.22
C ILE B 79 2.03 -37.56 -4.30
N HIS B 80 2.66 -36.86 -5.23
CA HIS B 80 3.47 -37.49 -6.28
C HIS B 80 4.69 -36.69 -6.54
N THR B 81 5.84 -37.32 -6.58
CA THR B 81 7.08 -36.57 -6.73
C THR B 81 7.70 -36.91 -8.05
N ILE B 82 8.32 -35.93 -8.70
CA ILE B 82 8.98 -36.19 -9.94
C ILE B 82 10.36 -35.64 -9.84
N ILE B 83 11.33 -36.50 -10.09
CA ILE B 83 12.71 -36.11 -10.14
C ILE B 83 12.90 -35.72 -11.58
N LEU B 84 13.11 -34.44 -11.80
CA LEU B 84 13.15 -33.90 -13.16
C LEU B 84 14.56 -33.55 -13.63
N ASN B 85 14.93 -34.02 -14.79
CA ASN B 85 16.19 -33.64 -15.41
C ASN B 85 17.41 -33.93 -14.52
N PRO B 86 17.42 -35.11 -13.89
CA PRO B 86 18.50 -35.41 -13.01
C PRO B 86 19.85 -35.44 -13.75
N HIS B 87 20.88 -34.81 -13.20
CA HIS B 87 22.26 -34.98 -13.63
C HIS B 87 23.04 -35.63 -12.51
N VAL B 88 23.80 -36.68 -12.83
CA VAL B 88 24.53 -37.49 -11.87
C VAL B 88 25.97 -37.44 -12.24
N HIS B 89 26.84 -37.05 -11.29
CA HIS B 89 28.28 -37.24 -11.44
C HIS B 89 28.73 -38.44 -10.62
N LEU B 90 29.56 -39.29 -11.21
CA LEU B 90 30.21 -40.37 -10.48
C LEU B 90 31.60 -39.86 -10.12
N VAL B 91 31.93 -39.90 -8.83
CA VAL B 91 33.08 -39.18 -8.29
C VAL B 91 33.99 -40.18 -7.60
N GLY B 92 34.50 -41.14 -8.34
CA GLY B 92 35.18 -42.28 -7.74
C GLY B 92 34.22 -43.42 -7.52
N ASP B 93 34.74 -44.60 -7.25
CA ASP B 93 33.94 -45.83 -7.32
C ASP B 93 32.81 -45.94 -6.25
N ASP B 94 33.03 -45.35 -5.07
CA ASP B 94 32.01 -45.41 -3.99
C ASP B 94 31.32 -44.03 -3.70
N ALA B 95 31.36 -43.10 -4.66
CA ALA B 95 30.82 -41.75 -4.47
C ALA B 95 30.08 -41.23 -5.68
N ALA B 96 28.93 -40.63 -5.43
CA ALA B 96 28.17 -39.95 -6.50
C ALA B 96 27.48 -38.72 -5.94
N CYS B 97 27.14 -37.80 -6.84
CA CYS B 97 26.11 -36.82 -6.50
C CYS B 97 25.16 -36.65 -7.63
N ILE B 98 23.99 -36.14 -7.26
CA ILE B 98 22.84 -36.04 -8.16
C ILE B 98 22.22 -34.70 -7.92
N ALA B 99 21.88 -34.02 -9.00
CA ALA B 99 21.23 -32.72 -8.92
C ALA B 99 19.99 -32.79 -9.81
N TYR B 100 18.84 -32.31 -9.31
CA TYR B 100 17.54 -32.44 -10.03
C TYR B 100 16.56 -31.40 -9.56
N ILE B 101 15.54 -31.09 -10.36
CA ILE B 101 14.35 -30.38 -9.86
C ILE B 101 13.37 -31.38 -9.27
N ARG B 102 12.95 -31.16 -8.05
CA ARG B 102 12.01 -32.03 -7.39
C ARG B 102 10.65 -31.40 -7.51
N LEU B 103 9.81 -31.91 -8.40
CA LEU B 103 8.43 -31.45 -8.52
C LEU B 103 7.57 -32.22 -7.53
N THR B 104 6.69 -31.56 -6.83
CA THR B 104 5.80 -32.29 -5.94
C THR B 104 4.40 -31.94 -6.35
N GLN B 105 3.62 -32.93 -6.63
CA GLN B 105 2.19 -32.69 -6.87
C GLN B 105 1.39 -33.12 -5.68
N TYR B 106 0.50 -32.28 -5.20
CA TYR B 106 -0.17 -32.49 -3.92
C TYR B 106 -1.56 -31.93 -4.00
N MET B 107 -2.33 -32.07 -2.94
CA MET B 107 -3.69 -31.50 -2.89
C MET B 107 -3.71 -30.37 -1.89
N ASP B 108 -4.39 -29.27 -2.19
CA ASP B 108 -4.28 -28.05 -1.39
C ASP B 108 -5.45 -27.88 -0.45
N GLY B 109 -5.40 -26.80 0.34
CA GLY B 109 -6.49 -26.38 1.23
C GLY B 109 -7.78 -26.23 0.46
N SER B 110 -7.76 -25.45 -0.65
CA SER B 110 -8.96 -25.25 -1.49
C SER B 110 -9.49 -26.56 -2.14
N GLY B 111 -8.90 -27.70 -1.74
CA GLY B 111 -9.29 -29.03 -2.22
C GLY B 111 -8.70 -29.45 -3.57
N MET B 112 -7.79 -28.64 -4.10
CA MET B 112 -7.41 -28.75 -5.51
C MET B 112 -5.97 -29.27 -5.70
N PRO B 113 -5.69 -29.89 -6.85
CA PRO B 113 -4.33 -30.34 -7.14
C PRO B 113 -3.39 -29.19 -7.53
N LYS B 114 -2.19 -29.23 -6.98
CA LYS B 114 -1.19 -28.20 -7.19
C LYS B 114 0.21 -28.79 -7.30
N THR B 115 1.13 -28.06 -7.92
CA THR B 115 2.54 -28.47 -8.04
C THR B 115 3.42 -27.43 -7.45
N MET B 116 4.49 -27.86 -6.83
CA MET B 116 5.51 -26.95 -6.38
C MET B 116 6.86 -27.52 -6.75
N GLN B 117 7.92 -26.74 -6.58
CA GLN B 117 9.24 -27.23 -6.99
C GLN B 117 10.35 -26.84 -6.09
N SER B 118 11.43 -27.58 -6.18
CA SER B 118 12.66 -27.30 -5.45
C SER B 118 13.85 -27.73 -6.23
N GLU B 119 14.94 -27.00 -6.07
CA GLU B 119 16.21 -27.45 -6.58
C GLU B 119 16.82 -28.33 -5.48
N GLU B 120 17.36 -29.48 -5.86
CA GLU B 120 17.89 -30.41 -4.88
C GLU B 120 19.22 -31.05 -5.29
N THR B 121 20.17 -31.03 -4.38
CA THR B 121 21.44 -31.71 -4.58
C THR B 121 21.62 -32.73 -3.49
N ARG B 122 22.01 -33.93 -3.87
CA ARG B 122 22.29 -35.01 -2.89
C ARG B 122 23.61 -35.67 -3.21
N VAL B 123 24.44 -35.85 -2.17
CA VAL B 123 25.70 -36.56 -2.28
C VAL B 123 25.54 -37.93 -1.62
N TRP B 124 25.97 -38.95 -2.34
CA TRP B 124 25.83 -40.35 -1.97
C TRP B 124 27.15 -41.07 -1.83
N HIS B 125 27.24 -41.95 -0.84
CA HIS B 125 28.47 -42.69 -0.52
C HIS B 125 28.10 -44.13 -0.33
N ARG B 126 28.87 -45.07 -0.90
CA ARG B 126 28.55 -46.49 -0.74
C ARG B 126 29.36 -47.05 0.39
N ARG B 127 28.68 -47.62 1.38
CA ARG B 127 29.29 -48.30 2.52
C ARG B 127 28.72 -49.72 2.50
N ASP B 128 29.59 -50.71 2.71
CA ASP B 128 29.22 -52.13 2.60
C ASP B 128 28.05 -52.37 1.64
N GLY B 129 28.21 -51.92 0.39
CA GLY B 129 27.26 -52.24 -0.67
C GLY B 129 26.04 -51.36 -0.78
N LYS B 130 25.66 -50.70 0.31
CA LYS B 130 24.46 -49.86 0.32
C LYS B 130 24.85 -48.41 0.10
N TRP B 131 24.18 -47.73 -0.82
CA TRP B 131 24.42 -46.29 -1.03
C TRP B 131 23.75 -45.51 0.07
N GLN B 132 24.38 -44.45 0.57
CA GLN B 132 23.82 -43.69 1.69
C GLN B 132 24.01 -42.22 1.48
N ASN B 133 22.99 -41.42 1.80
CA ASN B 133 23.03 -39.99 1.57
C ASN B 133 23.80 -39.32 2.67
N VAL B 134 24.89 -38.61 2.32
CA VAL B 134 25.76 -37.97 3.32
C VAL B 134 25.48 -36.47 3.46
N HIS B 135 24.87 -35.90 2.44
CA HIS B 135 24.58 -34.46 2.43
C HIS B 135 23.49 -34.09 1.42
N PHE B 136 22.77 -33.03 1.70
CA PHE B 136 21.83 -32.53 0.72
C PHE B 136 21.56 -31.08 0.89
N HIS B 137 21.09 -30.48 -0.21
CA HIS B 137 20.88 -29.06 -0.29
C HIS B 137 19.58 -28.86 -1.08
N ARG B 138 18.53 -28.38 -0.42
CA ARG B 138 17.29 -28.01 -1.08
C ARG B 138 17.13 -26.49 -0.99
N SER B 139 16.63 -25.90 -2.06
CA SER B 139 16.37 -24.48 -2.08
C SER B 139 15.13 -24.25 -2.93
N GLY B 140 14.37 -23.22 -2.58
CA GLY B 140 13.05 -23.00 -3.12
C GLY B 140 13.17 -22.27 -4.43
N GLU C 10 22.16 -43.21 -32.89
CA GLU C 10 23.38 -42.43 -33.31
C GLU C 10 22.98 -41.43 -34.40
N ASP C 11 22.33 -41.98 -35.43
CA ASP C 11 21.70 -41.20 -36.49
C ASP C 11 20.73 -40.15 -35.93
N VAL C 12 19.73 -40.63 -35.19
CA VAL C 12 18.73 -39.78 -34.50
C VAL C 12 19.41 -38.65 -33.72
N LYS C 13 20.49 -38.95 -33.00
CA LYS C 13 21.22 -37.96 -32.20
C LYS C 13 21.79 -36.83 -33.06
N ALA C 14 22.33 -37.18 -34.24
CA ALA C 14 22.89 -36.18 -35.16
C ALA C 14 21.80 -35.35 -35.88
N ARG C 15 20.64 -35.96 -36.14
CA ARG C 15 19.52 -35.26 -36.80
C ARG C 15 18.93 -34.27 -35.82
N LYS C 16 18.91 -34.66 -34.56
CA LYS C 16 18.54 -33.77 -33.49
C LYS C 16 19.52 -32.61 -33.36
N GLN C 17 20.82 -32.88 -33.43
CA GLN C 17 21.82 -31.81 -33.42
C GLN C 17 21.60 -30.78 -34.52
N GLU C 18 21.09 -31.23 -35.65
CA GLU C 18 20.85 -30.39 -36.79
C GLU C 18 19.85 -29.32 -36.37
N ILE C 19 18.80 -29.72 -35.68
CA ILE C 19 17.75 -28.79 -35.29
C ILE C 19 18.25 -27.84 -34.22
N ILE C 20 19.01 -28.34 -33.25
CA ILE C 20 19.65 -27.47 -32.25
C ILE C 20 20.58 -26.48 -32.94
N LYS C 21 21.33 -26.94 -33.94
CA LYS C 21 22.26 -26.05 -34.65
C LYS C 21 21.50 -24.93 -35.32
N VAL C 22 20.41 -25.26 -36.02
CA VAL C 22 19.69 -24.24 -36.77
C VAL C 22 18.99 -23.24 -35.82
N THR C 23 18.47 -23.75 -34.70
CA THR C 23 17.87 -22.89 -33.69
C THR C 23 18.94 -21.93 -33.14
N GLU C 24 20.13 -22.43 -32.85
CA GLU C 24 21.24 -21.54 -32.46
C GLU C 24 21.57 -20.48 -33.49
N GLN C 25 21.57 -20.86 -34.75
CA GLN C 25 21.82 -19.90 -35.82
C GLN C 25 20.73 -18.85 -35.85
N LEU C 26 19.48 -19.28 -35.66
CA LEU C 26 18.36 -18.35 -35.66
C LEU C 26 18.52 -17.30 -34.59
N ILE C 27 18.81 -17.75 -33.39
CA ILE C 27 18.98 -16.85 -32.23
C ILE C 27 20.22 -15.97 -32.44
N GLU C 28 21.23 -16.50 -33.10
CA GLU C 28 22.39 -15.65 -33.37
C GLU C 28 22.01 -14.49 -34.30
N ALA C 29 21.13 -14.80 -35.26
CA ALA C 29 20.62 -13.80 -36.14
C ALA C 29 19.92 -12.73 -35.32
N ILE C 30 19.01 -13.13 -34.41
CA ILE C 30 18.25 -12.17 -33.61
C ILE C 30 19.20 -11.28 -32.79
N ASN C 31 20.14 -11.88 -32.06
CA ASN C 31 21.07 -11.10 -31.24
C ASN C 31 22.02 -10.20 -32.03
N ASN C 32 22.34 -10.59 -33.26
CA ASN C 32 23.10 -9.72 -34.16
C ASN C 32 22.26 -8.61 -34.76
N GLY C 33 20.93 -8.69 -34.62
CA GLY C 33 20.04 -7.72 -35.17
C GLY C 33 19.97 -7.81 -36.69
N ASP C 34 20.15 -9.02 -37.23
CA ASP C 34 20.24 -9.22 -38.66
C ASP C 34 18.97 -9.82 -39.29
N PHE C 35 18.17 -8.93 -39.86
CA PHE C 35 16.88 -9.32 -40.40
C PHE C 35 16.96 -10.10 -41.69
N GLU C 36 18.00 -9.90 -42.50
CA GLU C 36 18.18 -10.69 -43.71
C GLU C 36 18.46 -12.17 -43.32
N ALA C 37 19.39 -12.36 -42.40
CA ALA C 37 19.63 -13.65 -41.81
C ALA C 37 18.34 -14.26 -41.23
N TYR C 38 17.60 -13.46 -40.48
CA TYR C 38 16.39 -13.96 -39.86
C TYR C 38 15.36 -14.34 -40.91
N THR C 39 15.29 -13.55 -41.99
CA THR C 39 14.28 -13.79 -43.01
C THR C 39 14.60 -15.05 -43.78
N LYS C 40 15.88 -15.37 -43.86
CA LYS C 40 16.34 -16.52 -44.61
C LYS C 40 15.89 -17.78 -43.90
N ILE C 41 15.99 -17.75 -42.57
CA ILE C 41 15.74 -18.92 -41.73
C ILE C 41 14.27 -19.14 -41.39
N CYS C 42 13.41 -18.15 -41.62
CA CYS C 42 11.98 -18.29 -41.32
C CYS C 42 11.19 -18.50 -42.62
N ASP C 43 10.19 -19.37 -42.55
CA ASP C 43 9.19 -19.50 -43.63
C ASP C 43 8.44 -18.15 -43.72
N PRO C 44 8.21 -17.64 -44.92
CA PRO C 44 7.52 -16.34 -45.04
C PRO C 44 6.16 -16.26 -44.35
N GLY C 45 5.50 -17.40 -44.12
CA GLY C 45 4.21 -17.48 -43.43
C GLY C 45 4.31 -17.93 -41.98
N LEU C 46 5.47 -17.73 -41.40
CA LEU C 46 5.73 -18.00 -40.01
C LEU C 46 4.61 -17.45 -39.12
N THR C 47 4.13 -18.25 -38.18
CA THR C 47 3.22 -17.73 -37.18
C THR C 47 3.92 -17.73 -35.85
N ALA C 48 3.54 -16.83 -34.95
CA ALA C 48 4.16 -16.76 -33.61
C ALA C 48 3.15 -16.40 -32.52
N PHE C 49 3.36 -17.00 -31.35
CA PHE C 49 2.86 -16.48 -30.10
C PHE C 49 4.04 -15.93 -29.33
N GLU C 50 3.95 -14.71 -28.81
CA GLU C 50 5.01 -14.15 -27.98
C GLU C 50 4.48 -13.01 -27.17
N PRO C 51 5.11 -12.72 -26.01
CA PRO C 51 4.63 -11.65 -25.11
C PRO C 51 4.46 -10.30 -25.73
N GLU C 52 5.28 -9.96 -26.69
CA GLU C 52 5.18 -8.65 -27.33
C GLU C 52 3.93 -8.55 -28.23
N ALA C 53 3.44 -9.70 -28.70
CA ALA C 53 2.22 -9.77 -29.49
C ALA C 53 0.95 -9.76 -28.62
N LEU C 54 1.14 -9.59 -27.32
CA LEU C 54 0.06 -9.26 -26.40
C LEU C 54 -1.08 -10.27 -26.45
N GLY C 55 -0.78 -11.53 -26.71
CA GLY C 55 -1.87 -12.51 -26.72
C GLY C 55 -2.48 -12.80 -28.08
N ASN C 56 -2.05 -12.11 -29.12
CA ASN C 56 -2.46 -12.44 -30.47
C ASN C 56 -1.48 -13.36 -31.16
N LEU C 57 -1.97 -14.11 -32.14
CA LEU C 57 -1.13 -14.93 -32.99
C LEU C 57 -0.78 -14.04 -34.16
N VAL C 58 0.50 -13.81 -34.39
CA VAL C 58 0.93 -12.96 -35.49
C VAL C 58 1.50 -13.80 -36.61
N GLU C 59 1.48 -13.23 -37.80
CA GLU C 59 1.72 -14.00 -39.01
C GLU C 59 2.59 -13.23 -39.98
N GLY C 60 3.63 -13.89 -40.49
CA GLY C 60 4.55 -13.26 -41.41
C GLY C 60 5.64 -12.45 -40.74
N MET C 61 6.38 -11.74 -41.55
CA MET C 61 7.56 -11.04 -41.05
C MET C 61 7.25 -9.61 -40.61
N ASP C 62 6.17 -9.02 -41.12
CA ASP C 62 5.81 -7.60 -40.86
C ASP C 62 6.11 -7.24 -39.39
N PHE C 63 5.53 -8.03 -38.47
CA PHE C 63 5.54 -7.70 -37.05
C PHE C 63 6.95 -7.61 -36.45
N HIS C 64 7.81 -8.54 -36.82
CA HIS C 64 9.15 -8.61 -36.22
C HIS C 64 10.10 -7.55 -36.82
N ARG C 65 9.83 -7.14 -38.05
CA ARG C 65 10.65 -6.18 -38.67
C ARG C 65 10.88 -4.94 -37.80
N PHE C 66 9.82 -4.46 -37.18
CA PHE C 66 9.88 -3.21 -36.43
C PHE C 66 10.91 -3.36 -35.32
N TYR C 67 10.94 -4.52 -34.69
CA TYR C 67 11.87 -4.78 -33.62
C TYR C 67 13.32 -4.82 -34.09
N PHE C 68 13.60 -5.28 -35.32
CA PHE C 68 14.96 -5.23 -35.86
C PHE C 68 15.38 -3.84 -36.28
N GLU C 69 14.55 -3.18 -37.05
CA GLU C 69 14.88 -1.85 -37.53
C GLU C 69 15.09 -0.81 -36.44
N ASN C 70 14.37 -0.91 -35.32
CA ASN C 70 14.41 0.11 -34.27
C ASN C 70 15.06 -0.37 -32.99
N ALA C 71 15.65 -1.55 -33.01
CA ALA C 71 16.45 -1.97 -31.85
C ALA C 71 17.85 -1.37 -31.98
N ASN C 76 25.09 -2.40 -29.05
CA ASN C 76 26.42 -2.43 -28.43
C ASN C 76 26.43 -2.82 -26.94
N LYS C 77 25.45 -3.64 -26.55
CA LYS C 77 25.30 -4.16 -25.19
C LYS C 77 25.52 -5.67 -25.32
N PRO C 78 26.58 -6.23 -24.68
CA PRO C 78 26.78 -7.67 -24.92
C PRO C 78 25.63 -8.55 -24.40
N ILE C 79 25.40 -9.63 -25.12
CA ILE C 79 24.29 -10.54 -24.87
C ILE C 79 24.77 -11.94 -25.13
N HIS C 80 24.25 -12.89 -24.34
CA HIS C 80 24.56 -14.28 -24.50
C HIS C 80 23.26 -15.06 -24.30
N THR C 81 23.01 -16.02 -25.17
CA THR C 81 21.83 -16.82 -25.07
C THR C 81 22.25 -18.24 -24.86
N ILE C 82 21.49 -18.98 -24.05
CA ILE C 82 21.78 -20.37 -23.82
C ILE C 82 20.49 -21.08 -24.08
N ILE C 83 20.56 -22.07 -24.94
CA ILE C 83 19.46 -22.94 -25.21
C ILE C 83 19.61 -24.05 -24.22
N LEU C 84 18.74 -24.11 -23.22
CA LEU C 84 18.88 -25.03 -22.09
C LEU C 84 17.96 -26.25 -22.18
N ASN C 85 18.50 -27.42 -21.98
CA ASN C 85 17.70 -28.64 -21.90
C ASN C 85 16.79 -28.80 -23.12
N PRO C 86 17.35 -28.62 -24.31
CA PRO C 86 16.53 -28.74 -25.50
C PRO C 86 16.02 -30.16 -25.68
N HIS C 87 14.72 -30.34 -25.96
CA HIS C 87 14.15 -31.63 -26.39
C HIS C 87 13.65 -31.44 -27.83
N VAL C 88 13.99 -32.38 -28.69
CA VAL C 88 13.72 -32.31 -30.10
C VAL C 88 12.94 -33.55 -30.48
N HIS C 89 11.77 -33.37 -31.10
CA HIS C 89 11.07 -34.48 -31.72
C HIS C 89 11.26 -34.41 -33.24
N LEU C 90 11.52 -35.56 -33.84
CA LEU C 90 11.56 -35.69 -35.30
C LEU C 90 10.20 -36.23 -35.77
N VAL C 91 9.55 -35.50 -36.65
CA VAL C 91 8.13 -35.71 -36.90
C VAL C 91 8.01 -35.96 -38.41
N GLY C 92 8.54 -37.09 -38.86
CA GLY C 92 8.69 -37.36 -40.30
C GLY C 92 10.03 -36.83 -40.77
N ASP C 93 10.38 -37.15 -42.01
CA ASP C 93 11.73 -36.88 -42.52
C ASP C 93 12.09 -35.38 -42.71
N ASP C 94 11.11 -34.53 -43.02
CA ASP C 94 11.35 -33.08 -43.28
C ASP C 94 10.74 -32.17 -42.24
N ALA C 95 10.44 -32.70 -41.05
CA ALA C 95 9.75 -31.93 -39.99
C ALA C 95 10.33 -32.20 -38.59
N ALA C 96 10.54 -31.16 -37.83
CA ALA C 96 11.01 -31.29 -36.44
C ALA C 96 10.39 -30.21 -35.54
N CYS C 97 10.33 -30.47 -34.26
CA CYS C 97 10.19 -29.36 -33.36
C CYS C 97 11.11 -29.51 -32.18
N ILE C 98 11.35 -28.38 -31.53
CA ILE C 98 12.35 -28.29 -30.49
C ILE C 98 11.74 -27.44 -29.42
N ALA C 99 11.94 -27.80 -28.17
CA ALA C 99 11.39 -27.06 -27.04
C ALA C 99 12.56 -26.90 -26.09
N TYR C 100 12.75 -25.71 -25.53
CA TYR C 100 13.90 -25.42 -24.66
C TYR C 100 13.63 -24.21 -23.77
N ILE C 101 14.35 -24.10 -22.66
CA ILE C 101 14.42 -22.82 -21.94
C ILE C 101 15.49 -21.94 -22.60
N ARG C 102 15.12 -20.72 -22.98
CA ARG C 102 16.04 -19.72 -23.50
C ARG C 102 16.49 -18.78 -22.39
N LEU C 103 17.71 -18.98 -21.89
CA LEU C 103 18.33 -18.05 -20.95
C LEU C 103 18.98 -16.93 -21.72
N THR C 104 18.73 -15.69 -21.34
CA THR C 104 19.41 -14.58 -21.97
C THR C 104 20.19 -13.88 -20.91
N GLN C 105 21.49 -13.77 -21.11
CA GLN C 105 22.34 -12.99 -20.22
C GLN C 105 22.59 -11.67 -20.91
N TYR C 106 22.47 -10.57 -20.17
CA TYR C 106 22.53 -9.23 -20.75
C TYR C 106 22.98 -8.24 -19.70
N MET C 107 23.19 -6.99 -20.11
CA MET C 107 23.63 -5.97 -19.17
C MET C 107 22.49 -5.00 -18.91
N ASP C 108 22.28 -4.61 -17.66
CA ASP C 108 21.10 -3.85 -17.29
C ASP C 108 21.34 -2.35 -17.21
N GLY C 109 20.27 -1.61 -16.89
CA GLY C 109 20.36 -0.17 -16.64
C GLY C 109 21.33 0.20 -15.53
N SER C 110 21.26 -0.50 -14.39
CA SER C 110 22.19 -0.28 -13.27
C SER C 110 23.66 -0.63 -13.62
N GLY C 111 23.92 -0.95 -14.90
CA GLY C 111 25.25 -1.30 -15.40
C GLY C 111 25.69 -2.74 -15.19
N MET C 112 24.77 -3.61 -14.73
CA MET C 112 25.13 -4.92 -14.18
C MET C 112 24.67 -6.10 -15.03
N PRO C 113 25.41 -7.22 -14.95
CA PRO C 113 24.98 -8.42 -15.68
C PRO C 113 23.76 -9.08 -15.05
N LYS C 114 22.81 -9.52 -15.87
CA LYS C 114 21.57 -10.14 -15.43
C LYS C 114 21.12 -11.25 -16.39
N THR C 115 20.33 -12.19 -15.88
CA THR C 115 19.79 -13.28 -16.68
C THR C 115 18.28 -13.26 -16.63
N MET C 116 17.66 -13.60 -17.73
CA MET C 116 16.24 -13.79 -17.76
C MET C 116 15.95 -15.04 -18.54
N GLN C 117 14.70 -15.49 -18.51
CA GLN C 117 14.35 -16.73 -19.16
C GLN C 117 13.02 -16.76 -19.83
N SER C 118 12.90 -17.70 -20.76
CA SER C 118 11.67 -17.91 -21.50
C SER C 118 11.54 -19.34 -21.86
N GLU C 119 10.32 -19.80 -21.94
CA GLU C 119 10.05 -21.12 -22.51
C GLU C 119 9.82 -20.88 -24.01
N GLU C 120 10.39 -21.70 -24.85
CA GLU C 120 10.30 -21.48 -26.26
C GLU C 120 10.08 -22.78 -27.04
N THR C 121 9.15 -22.77 -27.96
CA THR C 121 8.89 -23.88 -28.86
C THR C 121 9.03 -23.39 -30.26
N ARG C 122 9.68 -24.19 -31.11
CA ARG C 122 9.85 -23.84 -32.51
C ARG C 122 9.60 -25.08 -33.33
N VAL C 123 8.86 -24.89 -34.41
CA VAL C 123 8.61 -25.94 -35.34
C VAL C 123 9.36 -25.66 -36.62
N TRP C 124 10.06 -26.68 -37.10
CA TRP C 124 10.93 -26.58 -38.26
C TRP C 124 10.50 -27.46 -39.42
N HIS C 125 10.68 -26.96 -40.64
CA HIS C 125 10.32 -27.69 -41.89
C HIS C 125 11.45 -27.57 -42.90
N ARG C 126 11.83 -28.67 -43.53
CA ARG C 126 12.91 -28.64 -44.51
C ARG C 126 12.39 -28.48 -45.92
N ARG C 127 12.77 -27.39 -46.56
CA ARG C 127 12.44 -27.11 -47.97
C ARG C 127 13.77 -27.08 -48.72
N ASP C 128 13.79 -27.69 -49.90
CA ASP C 128 15.01 -27.81 -50.70
C ASP C 128 16.28 -27.75 -49.84
N GLY C 129 16.38 -28.64 -48.85
CA GLY C 129 17.60 -28.82 -48.08
C GLY C 129 17.78 -27.90 -46.88
N LYS C 130 17.14 -26.73 -46.90
CA LYS C 130 17.26 -25.76 -45.81
C LYS C 130 16.11 -25.93 -44.78
N TRP C 131 16.46 -26.09 -43.50
CA TRP C 131 15.45 -26.09 -42.44
C TRP C 131 14.90 -24.69 -42.25
N GLN C 132 13.59 -24.55 -42.08
CA GLN C 132 12.98 -23.21 -41.94
C GLN C 132 11.95 -23.17 -40.82
N ASN C 133 11.94 -22.11 -40.03
CA ASN C 133 11.04 -22.03 -38.89
C ASN C 133 9.63 -21.65 -39.34
N VAL C 134 8.66 -22.51 -39.08
CA VAL C 134 7.29 -22.24 -39.54
C VAL C 134 6.38 -21.70 -38.46
N HIS C 135 6.79 -21.90 -37.21
CA HIS C 135 6.02 -21.41 -36.07
C HIS C 135 6.88 -21.36 -34.79
N PHE C 136 6.50 -20.49 -33.86
CA PHE C 136 7.14 -20.48 -32.54
C PHE C 136 6.27 -19.90 -31.47
N HIS C 137 6.59 -20.22 -30.24
CA HIS C 137 5.75 -19.88 -29.11
C HIS C 137 6.72 -19.59 -28.00
N ARG C 138 6.81 -18.33 -27.62
CA ARG C 138 7.58 -17.92 -26.43
C ARG C 138 6.60 -17.53 -25.32
N SER C 139 6.94 -17.88 -24.08
CA SER C 139 6.18 -17.42 -22.95
C SER C 139 7.13 -17.15 -21.80
N GLY C 140 6.77 -16.19 -20.98
CA GLY C 140 7.65 -15.66 -19.96
C GLY C 140 7.55 -16.55 -18.76
N ASP D 11 -7.41 -29.70 -51.36
CA ASP D 11 -6.83 -30.69 -50.41
C ASP D 11 -6.50 -30.01 -49.07
N VAL D 12 -5.69 -28.96 -49.15
CA VAL D 12 -5.05 -28.32 -47.97
C VAL D 12 -6.11 -28.00 -46.91
N LYS D 13 -7.25 -27.43 -47.34
CA LYS D 13 -8.38 -27.11 -46.44
C LYS D 13 -8.84 -28.34 -45.64
N ALA D 14 -9.02 -29.46 -46.32
CA ALA D 14 -9.46 -30.70 -45.71
C ALA D 14 -8.39 -31.30 -44.77
N ARG D 15 -7.12 -31.27 -45.18
CA ARG D 15 -6.04 -31.79 -44.34
C ARG D 15 -5.93 -31.01 -43.04
N LYS D 16 -6.08 -29.70 -43.13
CA LYS D 16 -6.07 -28.83 -41.97
C LYS D 16 -7.22 -29.13 -41.07
N GLN D 17 -8.42 -29.33 -41.62
CA GLN D 17 -9.57 -29.72 -40.79
C GLN D 17 -9.26 -30.97 -39.97
N GLU D 18 -8.53 -31.90 -40.55
CA GLU D 18 -8.23 -33.13 -39.89
C GLU D 18 -7.48 -32.85 -38.59
N ILE D 19 -6.59 -31.86 -38.61
CA ILE D 19 -5.82 -31.48 -37.43
C ILE D 19 -6.70 -30.74 -36.43
N ILE D 20 -7.57 -29.86 -36.93
CA ILE D 20 -8.49 -29.16 -36.04
C ILE D 20 -9.41 -30.20 -35.36
N LYS D 21 -9.88 -31.18 -36.13
CA LYS D 21 -10.76 -32.18 -35.59
C LYS D 21 -10.06 -33.00 -34.52
N VAL D 22 -8.82 -33.38 -34.77
CA VAL D 22 -8.15 -34.21 -33.80
C VAL D 22 -7.84 -33.40 -32.52
N THR D 23 -7.46 -32.13 -32.67
CA THR D 23 -7.26 -31.23 -31.53
C THR D 23 -8.55 -31.07 -30.70
N GLU D 24 -9.68 -30.99 -31.40
CA GLU D 24 -10.98 -30.94 -30.73
C GLU D 24 -11.26 -32.21 -29.92
N GLN D 25 -10.89 -33.35 -30.47
CA GLN D 25 -11.08 -34.61 -29.76
C GLN D 25 -10.20 -34.71 -28.52
N LEU D 26 -8.97 -34.19 -28.62
CA LEU D 26 -8.09 -34.21 -27.50
C LEU D 26 -8.67 -33.40 -26.35
N ILE D 27 -9.07 -32.15 -26.65
CA ILE D 27 -9.57 -31.24 -25.63
C ILE D 27 -10.83 -31.87 -25.00
N GLU D 28 -11.60 -32.55 -25.81
CA GLU D 28 -12.81 -33.18 -25.30
C GLU D 28 -12.48 -34.30 -24.31
N ALA D 29 -11.40 -35.02 -24.60
CA ALA D 29 -10.90 -36.04 -23.69
C ALA D 29 -10.50 -35.42 -22.37
N ILE D 30 -9.72 -34.33 -22.45
CA ILE D 30 -9.36 -33.57 -21.28
C ILE D 30 -10.65 -33.14 -20.51
N ASN D 31 -11.57 -32.44 -21.17
CA ASN D 31 -12.73 -31.93 -20.44
C ASN D 31 -13.59 -33.02 -19.87
N ASN D 32 -13.56 -34.21 -20.47
CA ASN D 32 -14.26 -35.38 -19.90
C ASN D 32 -13.46 -36.11 -18.83
N GLY D 33 -12.20 -35.77 -18.62
CA GLY D 33 -11.37 -36.45 -17.64
C GLY D 33 -11.14 -37.91 -17.99
N ASP D 34 -11.04 -38.18 -19.28
CA ASP D 34 -10.80 -39.52 -19.79
C ASP D 34 -9.30 -39.70 -20.12
N PHE D 35 -8.57 -40.19 -19.15
CA PHE D 35 -7.14 -40.36 -19.29
C PHE D 35 -6.80 -41.42 -20.31
N GLU D 36 -7.55 -42.51 -20.36
CA GLU D 36 -7.31 -43.54 -21.36
C GLU D 36 -7.44 -42.97 -22.77
N ALA D 37 -8.51 -42.22 -23.05
CA ALA D 37 -8.64 -41.52 -24.32
C ALA D 37 -7.46 -40.56 -24.54
N TYR D 38 -7.13 -39.76 -23.54
CA TYR D 38 -6.00 -38.84 -23.67
C TYR D 38 -4.71 -39.58 -24.03
N THR D 39 -4.50 -40.74 -23.41
CA THR D 39 -3.30 -41.51 -23.65
C THR D 39 -3.24 -42.02 -25.07
N LYS D 40 -4.36 -42.47 -25.61
CA LYS D 40 -4.39 -42.97 -26.97
C LYS D 40 -4.02 -41.88 -27.97
N ILE D 41 -4.37 -40.63 -27.68
CA ILE D 41 -4.13 -39.53 -28.62
C ILE D 41 -2.75 -38.88 -28.47
N CYS D 42 -2.07 -39.14 -27.36
CA CYS D 42 -0.76 -38.56 -27.13
C CYS D 42 0.31 -39.61 -27.41
N ASP D 43 1.41 -39.17 -28.01
CA ASP D 43 2.63 -39.98 -28.05
C ASP D 43 3.12 -40.24 -26.62
N PRO D 44 3.53 -41.48 -26.33
CA PRO D 44 4.01 -41.75 -24.96
C PRO D 44 5.16 -40.88 -24.48
N GLY D 45 5.89 -40.26 -25.42
CA GLY D 45 7.02 -39.37 -25.11
C GLY D 45 6.69 -37.90 -25.28
N LEU D 46 5.42 -37.58 -25.10
CA LEU D 46 4.91 -36.22 -25.20
C LEU D 46 5.73 -35.33 -24.30
N THR D 47 6.06 -34.14 -24.79
CA THR D 47 6.72 -33.16 -23.96
C THR D 47 5.78 -32.00 -23.88
N ALA D 48 5.79 -31.27 -22.76
CA ALA D 48 4.87 -30.16 -22.57
C ALA D 48 5.51 -29.02 -21.86
N PHE D 49 5.16 -27.80 -22.29
CA PHE D 49 5.32 -26.60 -21.49
C PHE D 49 3.93 -26.15 -21.06
N GLU D 50 3.73 -25.95 -19.78
CA GLU D 50 2.45 -25.42 -19.29
C GLU D 50 2.60 -24.77 -17.94
N PRO D 51 1.72 -23.80 -17.63
CA PRO D 51 1.77 -23.07 -16.38
C PRO D 51 1.85 -23.94 -15.13
N GLU D 52 1.19 -25.09 -15.12
CA GLU D 52 1.18 -25.96 -13.94
C GLU D 52 2.57 -26.62 -13.75
N ALA D 53 3.33 -26.77 -14.83
CA ALA D 53 4.69 -27.30 -14.76
C ALA D 53 5.71 -26.23 -14.32
N LEU D 54 5.23 -25.05 -13.99
CA LEU D 54 6.05 -24.04 -13.32
C LEU D 54 7.35 -23.64 -14.04
N GLY D 55 7.35 -23.59 -15.36
CA GLY D 55 8.60 -23.23 -16.02
C GLY D 55 9.47 -24.37 -16.47
N ASN D 56 9.16 -25.60 -16.05
CA ASN D 56 9.87 -26.81 -16.49
C ASN D 56 9.20 -27.49 -17.70
N LEU D 57 10.01 -28.11 -18.55
CA LEU D 57 9.52 -28.94 -19.65
C LEU D 57 9.26 -30.31 -19.08
N VAL D 58 8.02 -30.76 -19.10
CA VAL D 58 7.70 -32.10 -18.57
C VAL D 58 7.64 -33.13 -19.69
N GLU D 59 7.89 -34.39 -19.35
CA GLU D 59 8.00 -35.44 -20.36
C GLU D 59 7.17 -36.64 -19.97
N GLY D 60 6.46 -37.22 -20.93
CA GLY D 60 5.60 -38.38 -20.68
C GLY D 60 4.25 -38.09 -20.06
N MET D 61 3.59 -39.12 -19.61
CA MET D 61 2.22 -39.02 -19.15
C MET D 61 2.15 -38.90 -17.64
N ASP D 62 3.22 -39.26 -16.93
CA ASP D 62 3.25 -39.23 -15.44
C ASP D 62 2.63 -37.93 -14.88
N PHE D 63 3.10 -36.80 -15.38
CA PHE D 63 2.74 -35.50 -14.81
C PHE D 63 1.24 -35.17 -14.94
N HIS D 64 0.66 -35.51 -16.09
CA HIS D 64 -0.73 -35.20 -16.35
C HIS D 64 -1.70 -36.20 -15.64
N ARG D 65 -1.26 -37.42 -15.45
CA ARG D 65 -2.10 -38.38 -14.77
C ARG D 65 -2.65 -37.87 -13.42
N PHE D 66 -1.85 -37.16 -12.66
CA PHE D 66 -2.29 -36.69 -11.34
C PHE D 66 -3.49 -35.78 -11.49
N TYR D 67 -3.48 -34.92 -12.49
CA TYR D 67 -4.59 -34.02 -12.74
C TYR D 67 -5.89 -34.84 -13.04
N PHE D 68 -5.81 -35.81 -13.94
CA PHE D 68 -6.99 -36.58 -14.27
C PHE D 68 -7.51 -37.36 -13.06
N GLU D 69 -6.61 -38.00 -12.35
CA GLU D 69 -6.98 -38.83 -11.21
C GLU D 69 -7.59 -38.09 -10.04
N ASN D 70 -7.29 -36.81 -9.88
CA ASN D 70 -7.67 -36.07 -8.70
C ASN D 70 -8.45 -34.82 -8.98
N ALA D 71 -8.98 -34.66 -10.17
CA ALA D 71 -9.78 -33.47 -10.43
C ALA D 71 -11.14 -33.96 -10.85
N LYS D 77 -20.41 -29.24 -12.78
CA LYS D 77 -19.74 -27.99 -13.12
C LYS D 77 -19.44 -27.98 -14.64
N PRO D 78 -20.42 -27.57 -15.50
CA PRO D 78 -20.21 -27.65 -16.95
C PRO D 78 -19.09 -26.75 -17.50
N ILE D 79 -18.63 -27.10 -18.69
CA ILE D 79 -17.44 -26.51 -19.28
C ILE D 79 -17.56 -26.56 -20.78
N HIS D 80 -17.13 -25.49 -21.45
CA HIS D 80 -17.15 -25.43 -22.91
C HIS D 80 -15.83 -24.85 -23.36
N THR D 81 -15.24 -25.46 -24.37
CA THR D 81 -13.99 -24.98 -24.90
C THR D 81 -14.26 -24.48 -26.29
N ILE D 82 -13.55 -23.43 -26.68
CA ILE D 82 -13.64 -22.95 -28.05
C ILE D 82 -12.22 -22.86 -28.51
N ILE D 83 -11.94 -23.46 -29.67
CA ILE D 83 -10.67 -23.31 -30.33
C ILE D 83 -10.82 -22.09 -31.22
N LEU D 84 -10.17 -21.01 -30.89
CA LEU D 84 -10.39 -19.77 -31.59
C LEU D 84 -9.26 -19.49 -32.57
N ASN D 85 -9.60 -19.11 -33.78
CA ASN D 85 -8.63 -18.60 -34.74
C ASN D 85 -7.47 -19.55 -35.01
N PRO D 86 -7.78 -20.85 -35.17
CA PRO D 86 -6.67 -21.81 -35.34
C PRO D 86 -5.91 -21.61 -36.64
N HIS D 87 -4.59 -21.65 -36.58
CA HIS D 87 -3.73 -21.69 -37.75
C HIS D 87 -3.01 -23.02 -37.75
N VAL D 88 -3.06 -23.74 -38.86
CA VAL D 88 -2.45 -25.05 -38.99
C VAL D 88 -1.34 -24.98 -40.05
N HIS D 89 -0.15 -25.48 -39.72
CA HIS D 89 0.89 -25.68 -40.72
C HIS D 89 1.00 -27.14 -41.02
N LEU D 90 0.99 -27.50 -42.29
CA LEU D 90 1.26 -28.85 -42.72
C LEU D 90 2.76 -28.91 -43.03
N VAL D 91 3.47 -29.82 -42.37
CA VAL D 91 4.90 -29.82 -42.36
C VAL D 91 5.33 -31.18 -42.86
N GLY D 92 5.10 -31.46 -44.13
CA GLY D 92 5.26 -32.83 -44.66
C GLY D 92 3.98 -33.64 -44.52
N ASP D 93 3.96 -34.83 -45.12
CA ASP D 93 2.74 -35.65 -45.17
C ASP D 93 2.28 -36.17 -43.79
N ASP D 94 3.22 -36.50 -42.88
CA ASP D 94 2.86 -37.11 -41.60
C ASP D 94 3.07 -36.22 -40.36
N ALA D 95 3.11 -34.92 -40.57
CA ALA D 95 3.39 -33.97 -39.50
C ALA D 95 2.62 -32.67 -39.67
N ALA D 96 2.06 -32.15 -38.59
CA ALA D 96 1.46 -30.82 -38.60
C ALA D 96 1.63 -30.13 -37.25
N CYS D 97 1.45 -28.81 -37.27
CA CYS D 97 1.21 -28.14 -36.01
C CYS D 97 0.10 -27.16 -36.12
N ILE D 98 -0.46 -26.87 -34.97
CA ILE D 98 -1.67 -26.06 -34.87
C ILE D 98 -1.44 -25.06 -33.74
N ALA D 99 -1.84 -23.82 -33.97
CA ALA D 99 -1.75 -22.79 -32.94
C ALA D 99 -3.10 -22.13 -32.85
N TYR D 100 -3.59 -21.92 -31.64
CA TYR D 100 -4.92 -21.33 -31.42
C TYR D 100 -5.08 -20.70 -30.04
N ILE D 101 -6.04 -19.79 -29.89
CA ILE D 101 -6.47 -19.38 -28.58
C ILE D 101 -7.50 -20.38 -28.05
N ARG D 102 -7.26 -20.90 -26.85
CA ARG D 102 -8.16 -21.83 -26.24
C ARG D 102 -9.02 -21.05 -25.26
N LEU D 103 -10.27 -20.83 -25.58
CA LEU D 103 -11.18 -20.19 -24.64
C LEU D 103 -11.87 -21.25 -23.82
N THR D 104 -11.90 -21.07 -22.51
CA THR D 104 -12.66 -22.00 -21.67
C THR D 104 -13.77 -21.26 -20.99
N GLN D 105 -14.98 -21.73 -21.19
CA GLN D 105 -16.13 -21.21 -20.45
C GLN D 105 -16.43 -22.16 -19.31
N TYR D 106 -16.63 -21.62 -18.12
CA TYR D 106 -16.77 -22.44 -16.91
C TYR D 106 -17.58 -21.70 -15.88
N MET D 107 -17.94 -22.38 -14.79
CA MET D 107 -18.72 -21.75 -13.71
C MET D 107 -17.81 -21.45 -12.53
N ASP D 108 -17.90 -20.23 -12.00
CA ASP D 108 -16.99 -19.81 -10.94
C ASP D 108 -17.54 -20.08 -9.54
N GLY D 109 -16.67 -19.85 -8.56
CA GLY D 109 -17.01 -19.98 -7.14
C GLY D 109 -18.24 -19.18 -6.73
N SER D 110 -18.33 -17.94 -7.23
CA SER D 110 -19.49 -17.07 -6.97
C SER D 110 -20.79 -17.54 -7.65
N GLY D 111 -20.74 -18.70 -8.32
CA GLY D 111 -21.91 -19.29 -8.98
C GLY D 111 -22.09 -18.91 -10.45
N MET D 112 -21.19 -18.05 -10.98
CA MET D 112 -21.44 -17.37 -12.26
C MET D 112 -20.58 -17.84 -13.41
N PRO D 113 -21.04 -17.61 -14.64
CA PRO D 113 -20.26 -18.04 -15.80
C PRO D 113 -19.11 -17.09 -16.13
N LYS D 114 -17.92 -17.65 -16.34
CA LYS D 114 -16.72 -16.90 -16.69
C LYS D 114 -16.01 -17.53 -17.87
N THR D 115 -15.24 -16.72 -18.59
CA THR D 115 -14.36 -17.20 -19.66
C THR D 115 -12.91 -16.89 -19.32
N MET D 116 -12.03 -17.80 -19.62
CA MET D 116 -10.62 -17.53 -19.51
C MET D 116 -9.95 -17.94 -20.80
N GLN D 117 -8.67 -17.62 -20.96
CA GLN D 117 -7.97 -17.96 -22.19
C GLN D 117 -6.54 -18.38 -22.05
N SER D 118 -6.04 -19.09 -23.05
CA SER D 118 -4.66 -19.52 -23.11
C SER D 118 -4.25 -19.55 -24.54
N GLU D 119 -3.00 -19.23 -24.80
CA GLU D 119 -2.38 -19.43 -26.09
C GLU D 119 -1.90 -20.87 -26.06
N GLU D 120 -2.09 -21.61 -27.14
CA GLU D 120 -1.77 -23.03 -27.15
C GLU D 120 -1.24 -23.47 -28.52
N THR D 121 -0.10 -24.18 -28.49
CA THR D 121 0.52 -24.76 -29.68
C THR D 121 0.59 -26.27 -29.47
N ARG D 122 0.23 -27.02 -30.51
CA ARG D 122 0.32 -28.48 -30.50
C ARG D 122 1.00 -29.00 -31.77
N VAL D 123 1.88 -29.97 -31.60
CA VAL D 123 2.55 -30.58 -32.73
C VAL D 123 2.11 -32.02 -32.85
N TRP D 124 1.72 -32.37 -34.07
CA TRP D 124 1.06 -33.64 -34.38
C TRP D 124 1.85 -34.51 -35.35
N HIS D 125 1.84 -35.81 -35.09
CA HIS D 125 2.57 -36.76 -35.91
C HIS D 125 1.65 -37.91 -36.18
N ARG D 126 1.58 -38.35 -37.44
CA ARG D 126 0.71 -39.45 -37.80
C ARG D 126 1.50 -40.73 -37.78
N ARG D 127 1.13 -41.64 -36.88
CA ARG D 127 1.73 -42.99 -36.81
C ARG D 127 0.59 -43.98 -37.09
N ASP D 128 0.90 -44.98 -37.92
CA ASP D 128 -0.06 -46.00 -38.36
C ASP D 128 -1.47 -45.44 -38.67
N GLY D 129 -1.54 -44.33 -39.41
CA GLY D 129 -2.82 -43.74 -39.78
C GLY D 129 -3.50 -42.84 -38.74
N LYS D 130 -3.08 -42.92 -37.48
CA LYS D 130 -3.72 -42.16 -36.41
C LYS D 130 -2.81 -40.99 -35.99
N TRP D 131 -3.32 -39.75 -36.06
CA TRP D 131 -2.58 -38.56 -35.60
C TRP D 131 -2.35 -38.57 -34.11
N GLN D 132 -1.14 -38.23 -33.67
CA GLN D 132 -0.81 -38.21 -32.25
C GLN D 132 -0.06 -36.98 -31.83
N ASN D 133 -0.36 -36.49 -30.64
CA ASN D 133 0.24 -35.26 -30.13
C ASN D 133 1.61 -35.55 -29.53
N VAL D 134 2.66 -34.95 -30.09
CA VAL D 134 4.03 -35.19 -29.62
C VAL D 134 4.55 -34.09 -28.70
N HIS D 135 3.97 -32.91 -28.80
CA HIS D 135 4.43 -31.78 -27.99
C HIS D 135 3.36 -30.69 -27.88
N PHE D 136 3.30 -30.01 -26.75
CA PHE D 136 2.41 -28.88 -26.66
C PHE D 136 2.95 -27.87 -25.74
N HIS D 137 2.48 -26.64 -25.94
CA HIS D 137 2.98 -25.46 -25.23
C HIS D 137 1.78 -24.61 -24.96
N ARG D 138 1.40 -24.47 -23.69
CA ARG D 138 0.30 -23.57 -23.28
C ARG D 138 0.88 -22.43 -22.46
N SER D 139 0.40 -21.22 -22.67
CA SER D 139 0.84 -20.09 -21.84
C SER D 139 -0.34 -19.23 -21.53
N GLY D 140 -0.34 -18.64 -20.33
CA GLY D 140 -1.53 -18.02 -19.78
C GLY D 140 -1.75 -16.69 -20.42
N ILE E 7 -38.60 48.41 8.79
CA ILE E 7 -37.71 49.30 9.60
C ILE E 7 -36.76 48.47 10.48
N GLU E 8 -37.34 47.71 11.40
CA GLU E 8 -36.59 46.89 12.38
C GLU E 8 -35.65 45.85 11.75
N ASP E 9 -35.98 45.37 10.55
CA ASP E 9 -35.16 44.37 9.83
C ASP E 9 -33.99 45.02 9.11
N GLU E 10 -34.24 46.19 8.51
CA GLU E 10 -33.17 46.95 7.85
C GLU E 10 -32.03 47.18 8.87
N ASP E 11 -32.43 47.57 10.09
CA ASP E 11 -31.47 47.84 11.17
C ASP E 11 -30.62 46.62 11.60
N VAL E 12 -31.26 45.55 12.07
CA VAL E 12 -30.54 44.28 12.31
C VAL E 12 -29.60 44.00 11.13
N LYS E 13 -30.11 44.20 9.91
CA LYS E 13 -29.31 44.03 8.68
C LYS E 13 -28.04 44.90 8.69
N ALA E 14 -28.18 46.19 9.05
CA ALA E 14 -27.05 47.11 9.15
C ALA E 14 -26.06 46.75 10.27
N ARG E 15 -26.57 46.37 11.43
CA ARG E 15 -25.71 46.00 12.57
C ARG E 15 -24.86 44.77 12.21
N LYS E 16 -25.48 43.83 11.54
CA LYS E 16 -24.79 42.65 11.06
C LYS E 16 -23.73 42.99 10.05
N GLN E 17 -24.01 43.88 9.12
CA GLN E 17 -22.96 44.33 8.19
C GLN E 17 -21.74 44.87 8.90
N GLU E 18 -21.95 45.54 10.02
CA GLU E 18 -20.87 46.15 10.76
C GLU E 18 -19.89 45.04 11.16
N ILE E 19 -20.43 43.91 11.58
CA ILE E 19 -19.60 42.78 12.01
C ILE E 19 -18.90 42.13 10.83
N ILE E 20 -19.61 41.96 9.73
CA ILE E 20 -19.00 41.45 8.50
C ILE E 20 -17.89 42.39 8.03
N LYS E 21 -18.13 43.71 8.09
CA LYS E 21 -17.12 44.68 7.68
C LYS E 21 -15.87 44.55 8.55
N VAL E 22 -16.06 44.43 9.85
CA VAL E 22 -14.90 44.46 10.72
C VAL E 22 -14.09 43.16 10.53
N THR E 23 -14.80 42.05 10.39
CA THR E 23 -14.19 40.77 10.10
C THR E 23 -13.39 40.86 8.79
N GLU E 24 -13.95 41.52 7.79
CA GLU E 24 -13.22 41.73 6.53
C GLU E 24 -11.97 42.54 6.74
N GLN E 25 -12.01 43.55 7.60
CA GLN E 25 -10.82 44.35 7.87
C GLN E 25 -9.75 43.54 8.58
N LEU E 26 -10.18 42.68 9.50
CA LEU E 26 -9.24 41.82 10.21
C LEU E 26 -8.46 40.94 9.25
N ILE E 27 -9.21 40.21 8.41
CA ILE E 27 -8.60 39.30 7.44
C ILE E 27 -7.64 40.07 6.51
N GLU E 28 -7.99 41.31 6.19
CA GLU E 28 -7.18 42.09 5.30
C GLU E 28 -5.85 42.45 6.00
N ALA E 29 -5.93 42.71 7.30
CA ALA E 29 -4.73 42.95 8.09
C ALA E 29 -3.83 41.73 8.04
N ILE E 30 -4.45 40.55 8.29
CA ILE E 30 -3.73 39.29 8.21
C ILE E 30 -3.09 39.14 6.83
N ASN E 31 -3.87 39.25 5.77
CA ASN E 31 -3.31 39.05 4.42
C ASN E 31 -2.23 40.05 4.06
N ASN E 32 -2.30 41.25 4.63
CA ASN E 32 -1.24 42.25 4.45
C ASN E 32 -0.07 42.08 5.40
N GLY E 33 -0.18 41.19 6.36
CA GLY E 33 0.92 40.98 7.30
C GLY E 33 1.18 42.20 8.17
N ASP E 34 0.11 42.93 8.47
CA ASP E 34 0.19 44.13 9.28
C ASP E 34 -0.16 43.80 10.74
N PHE E 35 0.88 43.51 11.52
CA PHE E 35 0.65 43.11 12.91
C PHE E 35 0.11 44.25 13.77
N GLU E 36 0.59 45.47 13.54
CA GLU E 36 0.08 46.62 14.29
C GLU E 36 -1.44 46.72 14.10
N ALA E 37 -1.90 46.68 12.86
CA ALA E 37 -3.34 46.67 12.57
C ALA E 37 -4.04 45.50 13.24
N TYR E 38 -3.48 44.31 13.11
CA TYR E 38 -4.07 43.13 13.75
C TYR E 38 -4.21 43.34 15.27
N THR E 39 -3.20 43.96 15.86
CA THR E 39 -3.19 44.18 17.29
C THR E 39 -4.28 45.15 17.69
N LYS E 40 -4.50 46.19 16.90
CA LYS E 40 -5.53 47.18 17.22
C LYS E 40 -6.93 46.51 17.20
N ILE E 41 -7.15 45.56 16.30
CA ILE E 41 -8.46 44.97 16.13
C ILE E 41 -8.74 43.80 17.10
N CYS E 42 -7.68 43.28 17.73
CA CYS E 42 -7.82 42.16 18.65
C CYS E 42 -7.72 42.65 20.07
N ASP E 43 -8.59 42.13 20.93
CA ASP E 43 -8.44 42.27 22.37
C ASP E 43 -7.09 41.67 22.79
N PRO E 44 -6.33 42.35 23.67
CA PRO E 44 -5.03 41.81 24.08
C PRO E 44 -5.08 40.42 24.73
N GLY E 45 -6.26 40.01 25.19
CA GLY E 45 -6.44 38.68 25.79
C GLY E 45 -7.19 37.72 24.90
N LEU E 46 -7.04 37.91 23.60
CA LEU E 46 -7.60 37.07 22.57
C LEU E 46 -7.25 35.63 22.83
N THR E 47 -8.23 34.75 22.72
CA THR E 47 -7.94 33.32 22.80
C THR E 47 -8.26 32.76 21.44
N ALA E 48 -7.51 31.73 21.01
CA ALA E 48 -7.72 31.11 19.68
C ALA E 48 -7.59 29.62 19.75
N PHE E 49 -8.45 28.95 18.99
CA PHE E 49 -8.24 27.58 18.56
C PHE E 49 -7.88 27.66 17.08
N GLU E 50 -6.80 27.03 16.68
CA GLU E 50 -6.47 26.97 15.25
C GLU E 50 -5.54 25.79 14.97
N PRO E 51 -5.55 25.29 13.73
CA PRO E 51 -4.71 24.15 13.34
C PRO E 51 -3.24 24.28 13.66
N GLU E 52 -2.69 25.46 13.58
CA GLU E 52 -1.27 25.69 13.83
C GLU E 52 -0.97 25.56 15.35
N ALA E 53 -1.97 25.85 16.18
CA ALA E 53 -1.83 25.65 17.64
C ALA E 53 -1.96 24.16 18.07
N LEU E 54 -2.12 23.26 17.11
CA LEU E 54 -1.99 21.81 17.33
C LEU E 54 -2.93 21.25 18.41
N GLY E 55 -4.13 21.77 18.52
CA GLY E 55 -5.02 21.21 19.55
C GLY E 55 -5.05 21.97 20.87
N ASN E 56 -4.13 22.91 21.06
CA ASN E 56 -4.12 23.76 22.27
C ASN E 56 -4.88 25.07 22.07
N LEU E 57 -5.45 25.60 23.13
CA LEU E 57 -6.01 26.95 23.14
C LEU E 57 -4.90 27.92 23.44
N VAL E 58 -4.59 28.82 22.52
CA VAL E 58 -3.54 29.82 22.77
C VAL E 58 -4.13 31.15 23.20
N GLU E 59 -3.36 31.91 23.94
CA GLU E 59 -3.85 33.13 24.57
C GLU E 59 -2.92 34.30 24.26
N GLY E 60 -3.50 35.47 24.00
CA GLY E 60 -2.73 36.65 23.69
C GLY E 60 -2.13 36.71 22.29
N MET E 61 -1.23 37.66 22.09
CA MET E 61 -0.69 37.97 20.78
C MET E 61 0.63 37.23 20.51
N ASP E 62 1.31 36.81 21.57
CA ASP E 62 2.63 36.16 21.46
C ASP E 62 2.62 35.19 20.29
N PHE E 63 1.66 34.27 20.30
CA PHE E 63 1.69 33.12 19.40
C PHE E 63 1.63 33.54 17.94
N HIS E 64 0.80 34.51 17.65
CA HIS E 64 0.56 34.95 16.27
C HIS E 64 1.71 35.81 15.75
N ARG E 65 2.37 36.54 16.62
CA ARG E 65 3.43 37.42 16.19
C ARG E 65 4.45 36.69 15.33
N PHE E 66 4.79 35.47 15.70
CA PHE E 66 5.83 34.72 14.98
C PHE E 66 5.45 34.57 13.52
N TYR E 67 4.17 34.28 13.28
CA TYR E 67 3.68 34.13 11.90
C TYR E 67 3.79 35.42 11.09
N PHE E 68 3.44 36.56 11.68
CA PHE E 68 3.57 37.82 10.97
C PHE E 68 5.04 38.12 10.69
N GLU E 69 5.89 38.01 11.71
CA GLU E 69 7.28 38.40 11.63
C GLU E 69 8.10 37.57 10.66
N ASN E 70 7.70 36.33 10.42
CA ASN E 70 8.52 35.41 9.64
C ASN E 70 7.82 34.81 8.41
N ALA E 71 6.68 35.37 7.99
CA ALA E 71 6.04 34.88 6.77
C ALA E 71 5.96 36.03 5.78
N LYS E 77 3.48 35.98 -3.49
CA LYS E 77 2.47 36.08 -4.55
C LYS E 77 1.04 36.33 -3.97
N PRO E 78 0.10 36.76 -4.83
CA PRO E 78 -1.20 37.33 -4.47
C PRO E 78 -2.18 36.36 -3.83
N ILE E 79 -3.15 36.93 -3.13
CA ILE E 79 -4.04 36.20 -2.26
C ILE E 79 -5.37 36.91 -2.23
N HIS E 80 -6.45 36.14 -2.23
CA HIS E 80 -7.79 36.69 -2.12
C HIS E 80 -8.60 35.87 -1.13
N THR E 81 -9.28 36.56 -0.23
CA THR E 81 -10.09 35.86 0.75
C THR E 81 -11.54 36.15 0.46
N ILE E 82 -12.39 35.16 0.64
CA ILE E 82 -13.80 35.37 0.50
C ILE E 82 -14.40 34.89 1.78
N ILE E 83 -15.20 35.73 2.40
CA ILE E 83 -16.00 35.32 3.55
C ILE E 83 -17.32 34.79 3.02
N LEU E 84 -17.52 33.50 3.09
CA LEU E 84 -18.66 32.88 2.42
C LEU E 84 -19.75 32.57 3.43
N ASN E 85 -20.98 32.89 3.07
CA ASN E 85 -22.16 32.48 3.82
C ASN E 85 -22.12 32.86 5.30
N PRO E 86 -21.73 34.11 5.58
CA PRO E 86 -21.58 34.48 6.98
C PRO E 86 -22.92 34.52 7.69
N HIS E 87 -22.98 34.00 8.91
CA HIS E 87 -24.14 34.16 9.80
C HIS E 87 -23.65 34.91 11.04
N VAL E 88 -24.37 35.95 11.41
CA VAL E 88 -24.00 36.82 12.51
C VAL E 88 -25.10 36.74 13.56
N HIS E 89 -24.72 36.52 14.82
CA HIS E 89 -25.65 36.66 15.90
C HIS E 89 -25.33 37.91 16.69
N LEU E 90 -26.35 38.73 16.92
CA LEU E 90 -26.20 39.90 17.78
C LEU E 90 -26.59 39.48 19.18
N VAL E 91 -25.67 39.63 20.12
CA VAL E 91 -25.81 39.02 21.42
C VAL E 91 -25.70 40.12 22.44
N GLY E 92 -26.72 40.97 22.47
CA GLY E 92 -26.68 42.22 23.25
C GLY E 92 -26.09 43.36 22.42
N ASP E 93 -26.13 44.58 22.94
CA ASP E 93 -25.70 45.76 22.17
C ASP E 93 -24.18 45.75 21.84
N ASP E 94 -23.34 45.28 22.77
CA ASP E 94 -21.89 45.42 22.64
C ASP E 94 -21.17 44.11 22.29
N ALA E 95 -21.93 43.10 21.84
CA ALA E 95 -21.39 41.77 21.60
C ALA E 95 -22.01 41.11 20.37
N ALA E 96 -21.17 40.51 19.53
CA ALA E 96 -21.66 39.70 18.44
C ALA E 96 -20.72 38.51 18.14
N CYS E 97 -21.23 37.52 17.44
CA CYS E 97 -20.32 36.56 16.82
C CYS E 97 -20.73 36.25 15.40
N ILE E 98 -19.73 35.81 14.65
CA ILE E 98 -19.87 35.64 13.25
C ILE E 98 -19.29 34.27 12.94
N ALA E 99 -19.96 33.51 12.08
CA ALA E 99 -19.48 32.21 11.64
C ALA E 99 -19.56 32.17 10.11
N TYR E 100 -18.47 31.76 9.45
CA TYR E 100 -18.41 31.77 8.00
C TYR E 100 -17.39 30.76 7.47
N ILE E 101 -17.53 30.38 6.20
CA ILE E 101 -16.47 29.66 5.52
C ILE E 101 -15.50 30.69 4.95
N ARG E 102 -14.22 30.51 5.25
CA ARG E 102 -13.17 31.39 4.78
C ARG E 102 -12.47 30.71 3.63
N LEU E 103 -12.77 31.16 2.42
CA LEU E 103 -12.10 30.66 1.22
C LEU E 103 -10.87 31.46 0.97
N THR E 104 -9.76 30.81 0.71
CA THR E 104 -8.55 31.54 0.36
C THR E 104 -8.11 31.10 -1.01
N GLN E 105 -7.96 32.06 -1.90
CA GLN E 105 -7.40 31.81 -3.21
C GLN E 105 -5.96 32.26 -3.20
N TYR E 106 -5.07 31.42 -3.70
CA TYR E 106 -3.63 31.65 -3.59
C TYR E 106 -2.92 30.99 -4.75
N MET E 107 -1.62 31.24 -4.89
CA MET E 107 -0.80 30.61 -5.94
C MET E 107 0.08 29.48 -5.37
N ASP E 108 0.06 28.32 -6.00
CA ASP E 108 0.74 27.14 -5.44
C ASP E 108 2.17 27.03 -5.91
N GLY E 109 2.89 26.07 -5.31
CA GLY E 109 4.27 25.72 -5.70
C GLY E 109 4.42 25.43 -7.20
N SER E 110 3.47 24.67 -7.75
CA SER E 110 3.46 24.33 -9.19
C SER E 110 3.21 25.56 -10.10
N GLY E 111 3.04 26.76 -9.50
CA GLY E 111 2.79 27.99 -10.25
C GLY E 111 1.32 28.35 -10.46
N MET E 112 0.40 27.50 -10.01
CA MET E 112 -1.02 27.57 -10.41
C MET E 112 -1.95 28.09 -9.28
N PRO E 113 -3.13 28.61 -9.66
CA PRO E 113 -4.06 29.10 -8.67
C PRO E 113 -4.88 27.99 -8.00
N LYS E 114 -4.94 28.01 -6.67
CA LYS E 114 -5.68 27.02 -5.90
C LYS E 114 -6.53 27.73 -4.86
N THR E 115 -7.59 27.05 -4.41
CA THR E 115 -8.47 27.53 -3.35
C THR E 115 -8.44 26.56 -2.19
N MET E 116 -8.45 27.07 -0.99
CA MET E 116 -8.60 26.22 0.16
C MET E 116 -9.68 26.80 1.07
N GLN E 117 -10.09 26.04 2.07
CA GLN E 117 -11.14 26.53 2.96
C GLN E 117 -10.96 26.21 4.44
N SER E 118 -11.62 27.00 5.26
CA SER E 118 -11.62 26.77 6.71
C SER E 118 -12.97 27.19 7.23
N GLU E 119 -13.46 26.48 8.23
CA GLU E 119 -14.60 26.95 8.99
C GLU E 119 -14.03 27.94 10.04
N GLU E 120 -14.71 29.04 10.27
CA GLU E 120 -14.17 30.03 11.17
C GLU E 120 -15.29 30.73 11.97
N THR E 121 -15.08 30.80 13.28
CA THR E 121 -15.95 31.51 14.21
C THR E 121 -15.15 32.63 14.85
N ARG E 122 -15.74 33.81 14.94
CA ARG E 122 -15.12 34.96 15.65
C ARG E 122 -16.13 35.61 16.59
N VAL E 123 -15.68 35.92 17.79
CA VAL E 123 -16.51 36.59 18.76
C VAL E 123 -15.99 38.00 18.99
N TRP E 124 -16.92 38.96 18.92
CA TRP E 124 -16.59 40.37 18.88
C TRP E 124 -17.21 41.14 20.04
N HIS E 125 -16.47 42.10 20.55
CA HIS E 125 -16.90 42.92 21.67
C HIS E 125 -16.59 44.35 21.34
N ARG E 126 -17.54 45.25 21.58
CA ARG E 126 -17.32 46.66 21.32
C ARG E 126 -16.82 47.35 22.57
N ARG E 127 -15.59 47.87 22.53
CA ARG E 127 -15.05 48.68 23.63
C ARG E 127 -14.78 50.05 23.06
N ASP E 128 -15.13 51.08 23.81
CA ASP E 128 -14.98 52.49 23.41
C ASP E 128 -15.36 52.74 21.92
N GLY E 129 -16.50 52.21 21.48
CA GLY E 129 -16.96 52.43 20.09
C GLY E 129 -16.33 51.55 19.01
N LYS E 130 -15.19 50.93 19.30
CA LYS E 130 -14.46 50.12 18.31
C LYS E 130 -14.65 48.61 18.60
N TRP E 131 -15.21 47.86 17.64
CA TRP E 131 -15.35 46.40 17.76
C TRP E 131 -14.01 45.68 17.81
N GLN E 132 -13.87 44.71 18.70
CA GLN E 132 -12.62 43.98 18.87
C GLN E 132 -12.84 42.50 18.98
N ASN E 133 -11.91 41.73 18.42
CA ASN E 133 -12.01 40.28 18.39
C ASN E 133 -11.49 39.70 19.68
N VAL E 134 -12.35 39.01 20.44
CA VAL E 134 -11.95 38.45 21.74
C VAL E 134 -11.64 36.94 21.67
N HIS E 135 -12.14 36.27 20.66
CA HIS E 135 -11.91 34.86 20.50
C HIS E 135 -12.13 34.43 19.04
N PHE E 136 -11.39 33.42 18.61
CA PHE E 136 -11.70 32.79 17.36
C PHE E 136 -11.32 31.34 17.31
N HIS E 137 -11.95 30.64 16.39
CA HIS E 137 -11.84 29.19 16.28
C HIS E 137 -11.83 28.89 14.80
N ARG E 138 -10.69 28.45 14.28
CA ARG E 138 -10.60 27.99 12.89
C ARG E 138 -10.37 26.50 12.88
N SER E 139 -11.03 25.82 11.94
CA SER E 139 -10.83 24.39 11.77
C SER E 139 -10.77 24.05 10.28
N GLY E 140 -9.92 23.09 9.95
CA GLY E 140 -9.56 22.83 8.56
C GLY E 140 -10.68 22.11 7.89
N GLU F 10 22.90 3.72 54.46
CA GLU F 10 21.84 3.62 55.51
C GLU F 10 20.78 4.70 55.22
N ASP F 11 21.03 5.90 55.73
CA ASP F 11 20.03 6.97 55.71
C ASP F 11 19.45 7.25 54.31
N VAL F 12 20.29 7.70 53.36
CA VAL F 12 19.85 7.97 51.98
C VAL F 12 19.25 6.71 51.33
N LYS F 13 19.96 5.58 51.43
CA LYS F 13 19.47 4.29 50.88
C LYS F 13 18.06 3.95 51.43
N ALA F 14 17.91 4.07 52.75
CA ALA F 14 16.64 3.77 53.42
C ALA F 14 15.51 4.73 53.03
N ARG F 15 15.80 6.03 52.95
CA ARG F 15 14.81 7.03 52.56
C ARG F 15 14.30 6.78 51.14
N LYS F 16 15.24 6.41 50.26
CA LYS F 16 14.90 6.08 48.90
C LYS F 16 14.01 4.86 48.85
N GLN F 17 14.33 3.82 49.61
CA GLN F 17 13.46 2.66 49.66
C GLN F 17 12.05 3.02 50.02
N GLU F 18 11.89 4.01 50.89
CA GLU F 18 10.58 4.44 51.34
C GLU F 18 9.75 4.90 50.17
N ILE F 19 10.39 5.58 49.23
CA ILE F 19 9.71 6.06 48.06
C ILE F 19 9.41 4.94 47.11
N ILE F 20 10.35 4.03 46.92
CA ILE F 20 10.12 2.87 46.05
C ILE F 20 8.99 2.03 46.61
N LYS F 21 8.94 1.87 47.93
CA LYS F 21 7.91 1.07 48.58
C LYS F 21 6.56 1.72 48.36
N VAL F 22 6.49 3.03 48.48
CA VAL F 22 5.19 3.67 48.37
C VAL F 22 4.71 3.63 46.90
N THR F 23 5.64 3.78 45.97
CA THR F 23 5.32 3.65 44.54
C THR F 23 4.79 2.24 44.25
N GLU F 24 5.43 1.25 44.84
CA GLU F 24 4.96 -0.13 44.68
C GLU F 24 3.55 -0.31 45.22
N GLN F 25 3.23 0.33 46.33
CA GLN F 25 1.87 0.22 46.88
C GLN F 25 0.86 0.89 45.97
N LEU F 26 1.25 2.01 45.36
CA LEU F 26 0.36 2.72 44.46
C LEU F 26 0.01 1.85 43.26
N ILE F 27 1.03 1.28 42.64
CA ILE F 27 0.84 0.45 41.46
C ILE F 27 -0.02 -0.75 41.82
N GLU F 28 0.16 -1.25 43.02
CA GLU F 28 -0.62 -2.40 43.47
C GLU F 28 -2.10 -2.03 43.63
N ALA F 29 -2.37 -0.82 44.12
CA ALA F 29 -3.73 -0.33 44.20
C ALA F 29 -4.34 -0.30 42.81
N ILE F 30 -3.60 0.29 41.86
CA ILE F 30 -4.02 0.35 40.46
C ILE F 30 -4.30 -1.05 39.94
N ASN F 31 -3.34 -1.96 40.05
CA ASN F 31 -3.58 -3.32 39.53
C ASN F 31 -4.75 -4.03 40.21
N ASN F 32 -5.02 -3.73 41.47
CA ASN F 32 -6.17 -4.30 42.15
C ASN F 32 -7.47 -3.57 41.87
N GLY F 33 -7.41 -2.43 41.18
CA GLY F 33 -8.62 -1.67 40.89
C GLY F 33 -9.26 -1.09 42.13
N ASP F 34 -8.43 -0.79 43.14
CA ASP F 34 -8.91 -0.25 44.40
C ASP F 34 -8.83 1.27 44.40
N PHE F 35 -9.93 1.93 44.01
CA PHE F 35 -9.93 3.37 43.88
C PHE F 35 -9.83 4.08 45.24
N GLU F 36 -10.47 3.51 46.26
CA GLU F 36 -10.36 4.08 47.62
C GLU F 36 -8.88 4.16 48.04
N ALA F 37 -8.15 3.05 47.88
CA ALA F 37 -6.70 3.01 48.15
C ALA F 37 -5.95 4.04 47.33
N TYR F 38 -6.21 4.05 46.03
CA TYR F 38 -5.57 5.01 45.11
C TYR F 38 -5.80 6.45 45.59
N THR F 39 -7.02 6.72 46.04
CA THR F 39 -7.39 8.05 46.49
C THR F 39 -6.61 8.43 47.72
N LYS F 40 -6.43 7.49 48.64
CA LYS F 40 -5.71 7.77 49.88
C LYS F 40 -4.25 8.12 49.57
N ILE F 41 -3.67 7.51 48.55
CA ILE F 41 -2.25 7.70 48.23
C ILE F 41 -1.97 8.92 47.36
N CYS F 42 -3.00 9.41 46.68
CA CYS F 42 -2.85 10.55 45.79
C CYS F 42 -3.35 11.83 46.45
N ASP F 43 -2.59 12.91 46.29
CA ASP F 43 -3.06 14.23 46.64
C ASP F 43 -4.32 14.51 45.82
N PRO F 44 -5.37 15.10 46.44
CA PRO F 44 -6.61 15.38 45.69
C PRO F 44 -6.44 16.30 44.46
N GLY F 45 -5.34 17.05 44.40
CA GLY F 45 -5.02 17.92 43.26
C GLY F 45 -3.91 17.35 42.39
N LEU F 46 -3.84 16.02 42.34
CA LEU F 46 -2.91 15.31 41.49
C LEU F 46 -3.02 15.84 40.07
N THR F 47 -1.90 16.04 39.42
CA THR F 47 -1.91 16.37 38.01
C THR F 47 -1.19 15.24 37.32
N ALA F 48 -1.60 14.92 36.09
CA ALA F 48 -1.01 13.80 35.33
C ALA F 48 -0.85 14.11 33.85
N PHE F 49 0.23 13.61 33.29
CA PHE F 49 0.38 13.42 31.86
C PHE F 49 0.34 11.92 31.61
N GLU F 50 -0.53 11.47 30.71
CA GLU F 50 -0.54 10.07 30.35
C GLU F 50 -1.15 9.87 28.97
N PRO F 51 -0.78 8.78 28.30
CA PRO F 51 -1.28 8.51 26.94
C PRO F 51 -2.79 8.52 26.79
N GLU F 52 -3.52 8.13 27.81
CA GLU F 52 -4.97 8.08 27.74
C GLU F 52 -5.59 9.49 27.78
N ALA F 53 -4.85 10.44 28.39
CA ALA F 53 -5.24 11.85 28.41
C ALA F 53 -4.90 12.58 27.09
N LEU F 54 -4.42 11.85 26.11
CA LEU F 54 -4.29 12.34 24.75
C LEU F 54 -3.51 13.64 24.61
N GLY F 55 -2.47 13.86 25.40
CA GLY F 55 -1.72 15.12 25.22
C GLY F 55 -2.13 16.25 26.16
N ASN F 56 -3.24 16.10 26.86
CA ASN F 56 -3.66 17.08 27.85
C ASN F 56 -3.14 16.77 29.26
N LEU F 57 -2.92 17.80 30.07
CA LEU F 57 -2.63 17.63 31.49
C LEU F 57 -3.93 17.51 32.23
N VAL F 58 -4.16 16.40 32.91
CA VAL F 58 -5.41 16.25 33.65
C VAL F 58 -5.18 16.52 35.14
N GLU F 59 -6.25 16.93 35.80
CA GLU F 59 -6.16 17.37 37.17
C GLU F 59 -7.20 16.65 38.04
N GLY F 60 -6.83 16.26 39.25
CA GLY F 60 -7.73 15.60 40.17
C GLY F 60 -8.05 14.17 39.88
N MET F 61 -9.06 13.65 40.54
CA MET F 61 -9.33 12.23 40.52
C MET F 61 -10.39 11.87 39.51
N ASP F 62 -11.22 12.83 39.10
CA ASP F 62 -12.33 12.63 38.14
C ASP F 62 -11.90 11.72 36.98
N PHE F 63 -10.79 12.07 36.33
CA PHE F 63 -10.41 11.42 35.07
C PHE F 63 -10.09 9.94 35.27
N HIS F 64 -9.44 9.62 36.38
CA HIS F 64 -9.01 8.26 36.61
C HIS F 64 -10.14 7.37 37.11
N ARG F 65 -11.09 7.96 37.81
CA ARG F 65 -12.20 7.19 38.32
C ARG F 65 -12.87 6.34 37.25
N PHE F 66 -13.00 6.86 36.04
CA PHE F 66 -13.73 6.15 35.00
C PHE F 66 -13.02 4.85 34.71
N TYR F 67 -11.70 4.88 34.68
CA TYR F 67 -10.92 3.68 34.42
C TYR F 67 -11.13 2.62 35.50
N PHE F 68 -11.10 3.01 36.76
CA PHE F 68 -11.33 2.05 37.85
C PHE F 68 -12.76 1.49 37.81
N GLU F 69 -13.74 2.36 37.65
CA GLU F 69 -15.13 1.94 37.68
C GLU F 69 -15.55 1.01 36.54
N ASN F 70 -14.87 1.08 35.40
CA ASN F 70 -15.32 0.38 34.20
C ASN F 70 -14.31 -0.58 33.60
N ALA F 71 -13.23 -0.88 34.30
CA ALA F 71 -12.27 -1.84 33.80
C ALA F 71 -12.21 -3.01 34.78
N LYS F 77 -7.57 -13.12 34.91
CA LYS F 77 -6.69 -12.30 34.04
C LYS F 77 -5.53 -11.65 34.86
N PRO F 78 -4.46 -12.41 35.10
CA PRO F 78 -3.41 -11.95 36.00
C PRO F 78 -2.41 -10.96 35.39
N ILE F 79 -1.74 -10.24 36.27
CA ILE F 79 -0.92 -9.09 35.90
C ILE F 79 0.21 -9.00 36.90
N HIS F 80 1.39 -8.65 36.42
CA HIS F 80 2.53 -8.40 37.29
C HIS F 80 3.21 -7.14 36.83
N THR F 81 3.57 -6.28 37.76
CA THR F 81 4.32 -5.08 37.43
C THR F 81 5.72 -5.19 37.98
N ILE F 82 6.67 -4.64 37.22
CA ILE F 82 8.03 -4.55 37.69
C ILE F 82 8.45 -3.10 37.57
N ILE F 83 8.89 -2.52 38.67
CA ILE F 83 9.48 -1.20 38.67
C ILE F 83 10.96 -1.42 38.37
N LEU F 84 11.40 -1.06 37.19
CA LEU F 84 12.74 -1.40 36.73
C LEU F 84 13.63 -0.19 36.83
N ASN F 85 14.81 -0.37 37.41
CA ASN F 85 15.87 0.62 37.40
C ASN F 85 15.45 1.98 38.00
N PRO F 86 14.70 1.94 39.10
CA PRO F 86 14.25 3.20 39.68
C PRO F 86 15.40 4.12 40.15
N HIS F 87 15.30 5.42 39.88
CA HIS F 87 16.18 6.43 40.40
C HIS F 87 15.33 7.38 41.22
N VAL F 88 15.72 7.64 42.46
CA VAL F 88 14.96 8.48 43.38
C VAL F 88 15.80 9.70 43.71
N HIS F 89 15.23 10.90 43.59
CA HIS F 89 15.88 12.08 44.10
C HIS F 89 15.14 12.49 45.36
N LEU F 90 15.90 12.74 46.41
CA LEU F 90 15.36 13.33 47.64
C LEU F 90 15.54 14.83 47.55
N VAL F 91 14.43 15.55 47.61
CA VAL F 91 14.40 16.96 47.27
C VAL F 91 13.89 17.72 48.49
N GLY F 92 14.69 17.76 49.55
CA GLY F 92 14.25 18.25 50.86
C GLY F 92 13.65 17.12 51.68
N ASP F 93 13.34 17.39 52.95
CA ASP F 93 12.86 16.34 53.85
C ASP F 93 11.49 15.75 53.47
N ASP F 94 10.58 16.58 52.96
CA ASP F 94 9.19 16.16 52.75
C ASP F 94 8.81 15.99 51.26
N ALA F 95 9.82 15.84 50.41
CA ALA F 95 9.61 15.78 48.97
C ALA F 95 10.59 14.85 48.31
N ALA F 96 10.09 14.04 47.38
CA ALA F 96 10.94 13.21 46.51
C ALA F 96 10.35 13.04 45.13
N CYS F 97 11.18 12.64 44.18
CA CYS F 97 10.62 12.08 42.97
C CYS F 97 11.35 10.85 42.55
N ILE F 98 10.65 10.03 41.79
CA ILE F 98 11.10 8.70 41.41
C ILE F 98 10.82 8.51 39.92
N ALA F 99 11.81 8.01 39.19
CA ALA F 99 11.70 7.78 37.77
C ALA F 99 12.08 6.34 37.53
N TYR F 100 11.29 5.62 36.73
CA TYR F 100 11.52 4.19 36.49
C TYR F 100 10.85 3.70 35.21
N ILE F 101 11.33 2.59 34.67
CA ILE F 101 10.59 1.89 33.63
C ILE F 101 9.56 0.97 34.29
N ARG F 102 8.32 1.09 33.90
CA ARG F 102 7.27 0.27 34.43
C ARG F 102 7.01 -0.86 33.42
N LEU F 103 7.40 -2.07 33.76
CA LEU F 103 7.10 -3.24 32.96
C LEU F 103 5.79 -3.82 33.41
N THR F 104 4.93 -4.15 32.47
CA THR F 104 3.71 -4.84 32.83
C THR F 104 3.67 -6.15 32.11
N GLN F 105 3.51 -7.22 32.86
CA GLN F 105 3.33 -8.54 32.30
C GLN F 105 1.86 -8.85 32.39
N TYR F 106 1.28 -9.33 31.30
CA TYR F 106 -0.18 -9.52 31.22
C TYR F 106 -0.48 -10.61 30.22
N MET F 107 -1.73 -11.03 30.15
CA MET F 107 -2.15 -12.07 29.21
C MET F 107 -2.87 -11.43 28.03
N ASP F 108 -2.52 -11.82 26.81
CA ASP F 108 -3.09 -11.19 25.62
C ASP F 108 -4.36 -11.88 25.08
N GLY F 109 -4.97 -11.23 24.11
CA GLY F 109 -6.15 -11.76 23.41
C GLY F 109 -5.91 -13.16 22.86
N SER F 110 -4.75 -13.39 22.26
CA SER F 110 -4.38 -14.72 21.72
C SER F 110 -4.16 -15.77 22.82
N GLY F 111 -4.37 -15.40 24.09
CA GLY F 111 -4.22 -16.34 25.21
C GLY F 111 -2.85 -16.36 25.85
N MET F 112 -1.90 -15.56 25.33
CA MET F 112 -0.49 -15.70 25.65
C MET F 112 0.09 -14.59 26.52
N PRO F 113 1.19 -14.89 27.23
CA PRO F 113 1.78 -13.86 28.07
C PRO F 113 2.64 -12.85 27.28
N LYS F 114 2.44 -11.56 27.56
CA LYS F 114 3.18 -10.48 26.93
C LYS F 114 3.66 -9.45 27.97
N THR F 115 4.69 -8.71 27.60
CA THR F 115 5.21 -7.62 28.41
C THR F 115 5.10 -6.33 27.64
N MET F 116 4.77 -5.26 28.31
CA MET F 116 4.84 -3.93 27.70
C MET F 116 5.54 -2.99 28.65
N GLN F 117 5.87 -1.80 28.18
CA GLN F 117 6.60 -0.87 29.02
C GLN F 117 6.19 0.58 28.88
N SER F 118 6.53 1.36 29.89
CA SER F 118 6.28 2.77 29.94
C SER F 118 7.37 3.41 30.76
N GLU F 119 7.76 4.62 30.37
CA GLU F 119 8.62 5.46 31.17
C GLU F 119 7.67 6.16 32.15
N GLU F 120 8.05 6.28 33.41
CA GLU F 120 7.15 6.84 34.40
C GLU F 120 7.87 7.66 35.47
N THR F 121 7.38 8.86 35.70
CA THR F 121 7.90 9.77 36.72
C THR F 121 6.79 10.05 37.71
N ARG F 122 7.13 10.04 38.99
CA ARG F 122 6.18 10.38 40.06
C ARG F 122 6.83 11.33 41.03
N VAL F 123 6.09 12.34 41.44
CA VAL F 123 6.56 13.27 42.44
C VAL F 123 5.73 13.10 43.70
N TRP F 124 6.43 13.00 44.82
CA TRP F 124 5.85 12.63 46.11
C TRP F 124 6.06 13.70 47.18
N HIS F 125 5.04 13.89 48.01
CA HIS F 125 5.06 14.90 49.06
C HIS F 125 4.55 14.27 50.34
N ARG F 126 5.25 14.48 51.45
CA ARG F 126 4.83 13.89 52.71
C ARG F 126 3.98 14.87 53.47
N ARG F 127 2.70 14.52 53.66
CA ARG F 127 1.78 15.31 54.49
C ARG F 127 1.39 14.44 55.67
N ASP F 128 1.37 15.04 56.86
CA ASP F 128 1.09 14.37 58.15
C ASP F 128 1.69 12.97 58.30
N GLY F 129 2.97 12.81 57.91
CA GLY F 129 3.65 11.52 57.99
C GLY F 129 3.42 10.53 56.84
N LYS F 130 2.38 10.74 56.02
CA LYS F 130 2.05 9.83 54.91
C LYS F 130 2.49 10.43 53.56
N TRP F 131 3.34 9.72 52.82
CA TRP F 131 3.72 10.15 51.47
C TRP F 131 2.53 10.14 50.52
N GLN F 132 2.41 11.17 49.68
CA GLN F 132 1.32 11.25 48.70
C GLN F 132 1.80 11.67 47.31
N ASN F 133 1.19 11.11 46.29
CA ASN F 133 1.58 11.41 44.92
C ASN F 133 0.92 12.70 44.46
N VAL F 134 1.73 13.70 44.10
CA VAL F 134 1.20 15.00 43.67
C VAL F 134 1.17 15.19 42.16
N HIS F 135 2.00 14.44 41.46
CA HIS F 135 2.09 14.54 40.00
C HIS F 135 2.68 13.25 39.43
N PHE F 136 2.26 12.90 38.21
CA PHE F 136 2.93 11.85 37.47
C PHE F 136 2.87 12.06 35.97
N HIS F 137 3.83 11.43 35.30
CA HIS F 137 4.00 11.58 33.89
C HIS F 137 4.36 10.20 33.38
N ARG F 138 3.49 9.62 32.56
CA ARG F 138 3.76 8.35 31.86
C ARG F 138 3.83 8.61 30.36
N SER F 139 4.76 7.95 29.71
CA SER F 139 4.87 8.03 28.28
C SER F 139 5.21 6.65 27.71
N GLY F 140 4.64 6.36 26.53
CA GLY F 140 4.61 5.01 26.01
C GLY F 140 5.95 4.70 25.45
N GLU G 10 -39.77 12.73 -42.08
CA GLU G 10 -40.76 11.69 -41.69
C GLU G 10 -40.16 10.28 -41.87
N ASP G 11 -39.68 10.01 -43.08
CA ASP G 11 -39.18 8.69 -43.49
C ASP G 11 -37.87 8.27 -42.78
N VAL G 12 -36.85 9.13 -42.81
CA VAL G 12 -35.58 8.85 -42.12
C VAL G 12 -35.85 8.62 -40.64
N LYS G 13 -36.63 9.51 -40.01
CA LYS G 13 -36.99 9.38 -38.58
C LYS G 13 -37.60 8.01 -38.28
N ALA G 14 -38.58 7.61 -39.10
CA ALA G 14 -39.29 6.32 -38.94
C ALA G 14 -38.38 5.12 -39.17
N ARG G 15 -37.53 5.17 -40.20
CA ARG G 15 -36.59 4.08 -40.52
C ARG G 15 -35.59 3.86 -39.38
N LYS G 16 -35.15 4.95 -38.79
CA LYS G 16 -34.28 4.92 -37.64
C LYS G 16 -34.97 4.30 -36.45
N GLN G 17 -36.22 4.69 -36.19
CA GLN G 17 -36.98 4.05 -35.10
C GLN G 17 -37.02 2.53 -35.25
N GLU G 18 -37.08 2.05 -36.48
CA GLU G 18 -37.19 0.64 -36.75
C GLU G 18 -35.97 -0.07 -36.19
N ILE G 19 -34.81 0.57 -36.33
CA ILE G 19 -33.57 0.01 -35.84
C ILE G 19 -33.49 0.06 -34.33
N ILE G 20 -33.92 1.18 -33.76
CA ILE G 20 -33.96 1.32 -32.30
C ILE G 20 -34.92 0.28 -31.72
N LYS G 21 -36.05 0.10 -32.37
CA LYS G 21 -37.06 -0.87 -31.89
C LYS G 21 -36.49 -2.28 -31.92
N VAL G 22 -35.78 -2.62 -32.99
CA VAL G 22 -35.28 -3.97 -33.08
C VAL G 22 -34.14 -4.20 -32.06
N THR G 23 -33.28 -3.19 -31.86
CA THR G 23 -32.24 -3.22 -30.85
C THR G 23 -32.85 -3.40 -29.44
N GLU G 24 -33.95 -2.71 -29.19
CA GLU G 24 -34.68 -2.88 -27.95
C GLU G 24 -35.22 -4.30 -27.76
N GLN G 25 -35.68 -4.91 -28.84
CA GLN G 25 -36.17 -6.29 -28.75
C GLN G 25 -35.02 -7.28 -28.50
N LEU G 26 -33.88 -7.03 -29.11
CA LEU G 26 -32.74 -7.88 -28.88
C LEU G 26 -32.33 -7.89 -27.39
N ILE G 27 -32.15 -6.69 -26.83
CA ILE G 27 -31.74 -6.52 -25.44
C ILE G 27 -32.78 -7.19 -24.53
N GLU G 28 -34.04 -7.08 -24.90
CA GLU G 28 -35.10 -7.69 -24.11
C GLU G 28 -35.01 -9.20 -24.12
N ALA G 29 -34.64 -9.77 -25.28
CA ALA G 29 -34.37 -11.21 -25.36
C ALA G 29 -33.20 -11.58 -24.44
N ILE G 30 -32.11 -10.83 -24.51
CA ILE G 30 -30.98 -11.03 -23.59
C ILE G 30 -31.42 -10.99 -22.13
N ASN G 31 -32.07 -9.91 -21.73
CA ASN G 31 -32.50 -9.77 -20.33
C ASN G 31 -33.50 -10.83 -19.89
N ASN G 32 -34.26 -11.37 -20.82
CA ASN G 32 -35.15 -12.50 -20.51
C ASN G 32 -34.47 -13.87 -20.59
N GLY G 33 -33.22 -13.90 -21.06
CA GLY G 33 -32.51 -15.16 -21.17
C GLY G 33 -33.17 -16.08 -22.19
N ASP G 34 -33.76 -15.50 -23.22
CA ASP G 34 -34.44 -16.27 -24.27
C ASP G 34 -33.52 -16.49 -25.48
N PHE G 35 -32.81 -17.62 -25.47
CA PHE G 35 -31.82 -17.89 -26.51
C PHE G 35 -32.45 -18.12 -27.88
N GLU G 36 -33.60 -18.78 -27.89
CA GLU G 36 -34.34 -19.00 -29.14
C GLU G 36 -34.64 -17.63 -29.80
N ALA G 37 -35.20 -16.69 -29.04
CA ALA G 37 -35.47 -15.34 -29.54
C ALA G 37 -34.18 -14.66 -29.99
N TYR G 38 -33.12 -14.75 -29.18
CA TYR G 38 -31.83 -14.16 -29.53
C TYR G 38 -31.33 -14.74 -30.87
N THR G 39 -31.51 -16.04 -31.04
CA THR G 39 -31.06 -16.71 -32.23
C THR G 39 -31.80 -16.22 -33.47
N LYS G 40 -33.10 -16.01 -33.33
CA LYS G 40 -33.90 -15.54 -34.46
C LYS G 40 -33.46 -14.14 -34.92
N ILE G 41 -33.00 -13.31 -33.98
CA ILE G 41 -32.66 -11.92 -34.27
C ILE G 41 -31.23 -11.74 -34.73
N CYS G 42 -30.38 -12.74 -34.47
CA CYS G 42 -28.98 -12.68 -34.86
C CYS G 42 -28.72 -13.53 -36.11
N ASP G 43 -27.90 -12.98 -37.02
CA ASP G 43 -27.36 -13.72 -38.13
C ASP G 43 -26.55 -14.88 -37.55
N PRO G 44 -26.69 -16.08 -38.13
CA PRO G 44 -25.93 -17.22 -37.58
C PRO G 44 -24.41 -17.05 -37.59
N GLY G 45 -23.90 -16.09 -38.39
CA GLY G 45 -22.47 -15.79 -38.49
C GLY G 45 -22.11 -14.49 -37.81
N LEU G 46 -22.90 -14.14 -36.81
CA LEU G 46 -22.68 -12.97 -35.97
C LEU G 46 -21.24 -12.94 -35.47
N THR G 47 -20.59 -11.79 -35.55
CA THR G 47 -19.27 -11.63 -34.94
C THR G 47 -19.38 -10.64 -33.82
N ALA G 48 -18.63 -10.83 -32.76
CA ALA G 48 -18.73 -9.94 -31.58
C ALA G 48 -17.37 -9.59 -31.01
N PHE G 49 -17.24 -8.35 -30.56
CA PHE G 49 -16.20 -7.94 -29.63
C PHE G 49 -16.89 -7.63 -28.33
N GLU G 50 -16.48 -8.25 -27.25
CA GLU G 50 -17.06 -7.92 -25.93
C GLU G 50 -16.09 -8.26 -24.83
N PRO G 51 -16.21 -7.61 -23.68
CA PRO G 51 -15.30 -7.84 -22.54
C PRO G 51 -15.17 -9.30 -22.13
N GLU G 52 -16.23 -10.05 -22.21
CA GLU G 52 -16.21 -11.43 -21.78
C GLU G 52 -15.39 -12.29 -22.76
N ALA G 53 -15.31 -11.88 -24.02
CA ALA G 53 -14.43 -12.55 -25.00
C ALA G 53 -12.94 -12.15 -24.87
N LEU G 54 -12.60 -11.38 -23.83
CA LEU G 54 -11.22 -11.14 -23.43
C LEU G 54 -10.29 -10.59 -24.52
N GLY G 55 -10.76 -9.75 -25.42
CA GLY G 55 -9.85 -9.28 -26.46
C GLY G 55 -9.96 -10.00 -27.78
N ASN G 56 -10.66 -11.13 -27.84
CA ASN G 56 -10.81 -11.90 -29.07
C ASN G 56 -12.11 -11.55 -29.76
N LEU G 57 -12.12 -11.62 -31.10
CA LEU G 57 -13.33 -11.54 -31.90
C LEU G 57 -13.96 -12.93 -31.94
N VAL G 58 -15.17 -13.06 -31.41
CA VAL G 58 -15.86 -14.36 -31.41
C VAL G 58 -16.87 -14.41 -32.56
N GLU G 59 -17.15 -15.61 -33.02
CA GLU G 59 -17.95 -15.81 -34.21
C GLU G 59 -19.04 -16.84 -33.93
N GLY G 60 -20.25 -16.58 -34.40
CA GLY G 60 -21.39 -17.49 -34.21
C GLY G 60 -22.04 -17.47 -32.84
N MET G 61 -22.87 -18.44 -32.60
CA MET G 61 -23.71 -18.45 -31.43
C MET G 61 -23.12 -19.25 -30.29
N ASP G 62 -22.16 -20.14 -30.60
CA ASP G 62 -21.54 -21.06 -29.62
C ASP G 62 -21.21 -20.30 -28.35
N PHE G 63 -20.47 -19.20 -28.51
CA PHE G 63 -19.89 -18.51 -27.35
C PHE G 63 -20.96 -17.96 -26.40
N HIS G 64 -22.04 -17.43 -26.95
CA HIS G 64 -23.08 -16.79 -26.16
C HIS G 64 -23.99 -17.80 -25.47
N ARG G 65 -24.18 -18.95 -26.12
CA ARG G 65 -25.05 -19.95 -25.57
C ARG G 65 -24.74 -20.28 -24.11
N PHE G 66 -23.47 -20.36 -23.77
CA PHE G 66 -23.06 -20.74 -22.42
C PHE G 66 -23.65 -19.77 -21.41
N TYR G 67 -23.59 -18.48 -21.75
CA TYR G 67 -24.11 -17.45 -20.88
C TYR G 67 -25.62 -17.61 -20.66
N PHE G 68 -26.37 -17.88 -21.71
CA PHE G 68 -27.81 -18.07 -21.57
C PHE G 68 -28.09 -19.32 -20.75
N GLU G 69 -27.45 -20.41 -21.10
CA GLU G 69 -27.73 -21.69 -20.44
C GLU G 69 -27.39 -21.74 -18.97
N ASN G 70 -26.48 -20.91 -18.49
CA ASN G 70 -25.97 -21.05 -17.13
C ASN G 70 -26.10 -19.80 -16.29
N ALA G 71 -26.85 -18.80 -16.74
CA ALA G 71 -27.03 -17.59 -15.93
C ALA G 71 -28.50 -17.48 -15.58
N ASN G 76 -35.39 -13.23 -11.34
CA ASN G 76 -35.65 -13.06 -9.89
C ASN G 76 -34.95 -11.79 -9.29
N LYS G 77 -33.80 -11.43 -9.86
CA LYS G 77 -33.13 -10.13 -9.63
C LYS G 77 -33.59 -9.21 -10.78
N PRO G 78 -34.46 -8.21 -10.50
CA PRO G 78 -34.93 -7.41 -11.65
C PRO G 78 -33.84 -6.56 -12.29
N ILE G 79 -34.09 -6.18 -13.55
CA ILE G 79 -33.10 -5.53 -14.40
C ILE G 79 -33.82 -4.59 -15.35
N HIS G 80 -33.23 -3.44 -15.61
CA HIS G 80 -33.77 -2.53 -16.58
C HIS G 80 -32.64 -2.02 -17.44
N THR G 81 -32.87 -1.96 -18.73
CA THR G 81 -31.90 -1.43 -19.67
C THR G 81 -32.41 -0.16 -20.26
N ILE G 82 -31.52 0.79 -20.47
CA ILE G 82 -31.90 1.99 -21.14
C ILE G 82 -30.92 2.11 -22.28
N ILE G 83 -31.43 2.32 -23.49
CA ILE G 83 -30.61 2.66 -24.64
C ILE G 83 -30.52 4.17 -24.64
N LEU G 84 -29.35 4.70 -24.35
CA LEU G 84 -29.21 6.12 -24.18
C LEU G 84 -28.56 6.77 -25.38
N ASN G 85 -29.15 7.84 -25.86
CA ASN G 85 -28.53 8.68 -26.88
C ASN G 85 -28.17 7.94 -28.15
N PRO G 86 -29.11 7.13 -28.65
CA PRO G 86 -28.77 6.31 -29.81
C PRO G 86 -28.58 7.13 -31.07
N HIS G 87 -27.55 6.84 -31.86
CA HIS G 87 -27.36 7.39 -33.20
C HIS G 87 -27.41 6.25 -34.20
N VAL G 88 -28.22 6.40 -35.24
CA VAL G 88 -28.45 5.36 -36.23
C VAL G 88 -27.96 5.89 -37.55
N HIS G 89 -27.16 5.11 -38.26
CA HIS G 89 -26.83 5.44 -39.64
C HIS G 89 -27.54 4.47 -40.54
N LEU G 90 -28.26 5.00 -41.53
CA LEU G 90 -28.86 4.18 -42.58
C LEU G 90 -27.85 4.07 -43.72
N VAL G 91 -27.45 2.84 -44.04
CA VAL G 91 -26.32 2.59 -44.91
C VAL G 91 -26.82 1.77 -46.09
N GLY G 92 -27.64 2.38 -46.94
CA GLY G 92 -28.39 1.64 -47.97
C GLY G 92 -29.71 1.10 -47.43
N ASP G 93 -30.56 0.58 -48.33
CA ASP G 93 -31.92 0.17 -47.96
C ASP G 93 -31.99 -1.00 -46.96
N ASP G 94 -31.06 -1.94 -47.04
CA ASP G 94 -31.12 -3.15 -46.21
C ASP G 94 -30.08 -3.22 -45.09
N ALA G 95 -29.46 -2.10 -44.78
CA ALA G 95 -28.36 -2.11 -43.86
C ALA G 95 -28.40 -0.90 -42.96
N ALA G 96 -28.16 -1.09 -41.66
CA ALA G 96 -28.00 0.03 -40.72
C ALA G 96 -27.00 -0.30 -39.61
N CYS G 97 -26.51 0.74 -38.96
CA CYS G 97 -25.89 0.53 -37.68
C CYS G 97 -26.36 1.54 -36.67
N ILE G 98 -26.22 1.13 -35.42
CA ILE G 98 -26.73 1.89 -34.29
C ILE G 98 -25.67 1.91 -33.23
N ALA G 99 -25.43 3.07 -32.64
CA ALA G 99 -24.44 3.23 -31.58
C ALA G 99 -25.15 3.88 -30.41
N TYR G 100 -24.92 3.39 -29.19
CA TYR G 100 -25.60 3.94 -28.01
C TYR G 100 -24.91 3.56 -26.73
N ILE G 101 -25.18 4.30 -25.66
CA ILE G 101 -24.76 3.88 -24.32
C ILE G 101 -25.82 2.96 -23.76
N ARG G 102 -25.40 1.81 -23.30
CA ARG G 102 -26.30 0.84 -22.71
C ARG G 102 -26.19 0.94 -21.20
N LEU G 103 -27.17 1.55 -20.56
CA LEU G 103 -27.24 1.61 -19.12
C LEU G 103 -27.97 0.39 -18.64
N THR G 104 -27.45 -0.26 -17.62
CA THR G 104 -28.13 -1.36 -17.02
C THR G 104 -28.34 -1.06 -15.56
N GLN G 105 -29.60 -1.12 -15.14
CA GLN G 105 -29.93 -0.95 -13.75
C GLN G 105 -30.18 -2.34 -13.22
N TYR G 106 -29.61 -2.64 -12.06
CA TYR G 106 -29.69 -3.99 -11.50
C TYR G 106 -29.55 -3.94 -9.98
N MET G 107 -29.75 -5.07 -9.32
CA MET G 107 -29.63 -5.14 -7.87
C MET G 107 -28.30 -5.77 -7.49
N ASP G 108 -27.59 -5.16 -6.54
CA ASP G 108 -26.25 -5.64 -6.20
C ASP G 108 -26.26 -6.65 -5.04
N GLY G 109 -25.09 -7.24 -4.82
CA GLY G 109 -24.86 -8.15 -3.69
C GLY G 109 -25.28 -7.58 -2.35
N SER G 110 -24.94 -6.31 -2.09
CA SER G 110 -25.31 -5.61 -0.84
C SER G 110 -26.84 -5.34 -0.73
N GLY G 111 -27.62 -5.81 -1.71
CA GLY G 111 -29.07 -5.67 -1.70
C GLY G 111 -29.60 -4.42 -2.39
N MET G 112 -28.71 -3.58 -2.91
CA MET G 112 -29.07 -2.21 -3.34
C MET G 112 -29.10 -2.04 -4.85
N PRO G 113 -29.82 -1.03 -5.33
CA PRO G 113 -29.86 -0.77 -6.77
C PRO G 113 -28.62 -0.03 -7.29
N LYS G 114 -28.04 -0.52 -8.38
CA LYS G 114 -26.89 0.09 -9.02
C LYS G 114 -27.09 0.21 -10.53
N THR G 115 -26.35 1.14 -11.13
CA THR G 115 -26.34 1.31 -12.58
C THR G 115 -24.93 1.13 -13.09
N MET G 116 -24.81 0.51 -14.24
CA MET G 116 -23.53 0.39 -14.90
C MET G 116 -23.73 0.76 -16.38
N GLN G 117 -22.63 0.88 -17.11
CA GLN G 117 -22.73 1.28 -18.51
C GLN G 117 -21.74 0.65 -19.44
N SER G 118 -22.08 0.67 -20.72
CA SER G 118 -21.24 0.13 -21.77
C SER G 118 -21.49 0.94 -23.00
N GLU G 119 -20.45 1.18 -23.77
CA GLU G 119 -20.59 1.68 -25.14
C GLU G 119 -20.95 0.46 -26.02
N GLU G 120 -21.85 0.62 -26.96
CA GLU G 120 -22.28 -0.52 -27.76
C GLU G 120 -22.61 -0.14 -29.19
N THR G 121 -22.07 -0.85 -30.14
CA THR G 121 -22.32 -0.65 -31.56
C THR G 121 -22.93 -1.94 -32.08
N ARG G 122 -23.98 -1.83 -32.90
CA ARG G 122 -24.59 -2.99 -33.54
C ARG G 122 -24.79 -2.74 -35.00
N VAL G 123 -24.49 -3.72 -35.84
CA VAL G 123 -24.72 -3.58 -37.27
C VAL G 123 -25.83 -4.52 -37.67
N TRP G 124 -26.76 -3.98 -38.43
CA TRP G 124 -28.00 -4.67 -38.78
C TRP G 124 -28.19 -4.87 -40.30
N HIS G 125 -28.74 -6.01 -40.67
CA HIS G 125 -28.95 -6.35 -42.08
C HIS G 125 -30.34 -6.95 -42.22
N ARG G 126 -31.12 -6.45 -43.18
CA ARG G 126 -32.47 -6.95 -43.38
C ARG G 126 -32.46 -8.08 -44.38
N ARG G 127 -32.85 -9.28 -43.94
CA ARG G 127 -33.00 -10.45 -44.78
C ARG G 127 -34.45 -10.84 -44.71
N ASP G 128 -35.03 -11.15 -45.87
CA ASP G 128 -36.46 -11.50 -46.03
C ASP G 128 -37.40 -10.65 -45.17
N GLY G 129 -37.20 -9.34 -45.15
CA GLY G 129 -38.06 -8.44 -44.39
C GLY G 129 -37.76 -8.29 -42.90
N LYS G 130 -36.98 -9.21 -42.32
CA LYS G 130 -36.66 -9.17 -40.87
C LYS G 130 -35.23 -8.67 -40.63
N TRP G 131 -35.08 -7.58 -39.90
CA TRP G 131 -33.75 -7.09 -39.53
C TRP G 131 -33.00 -8.11 -38.66
N GLN G 132 -31.69 -8.27 -38.90
CA GLN G 132 -30.87 -9.20 -38.14
C GLN G 132 -29.54 -8.59 -37.79
N ASN G 133 -29.04 -8.91 -36.59
CA ASN G 133 -27.78 -8.39 -36.09
C ASN G 133 -26.62 -9.20 -36.64
N VAL G 134 -25.71 -8.57 -37.37
CA VAL G 134 -24.59 -9.28 -37.99
C VAL G 134 -23.28 -9.11 -37.24
N HIS G 135 -23.19 -8.05 -36.45
CA HIS G 135 -21.98 -7.76 -35.69
C HIS G 135 -22.31 -6.86 -34.50
N PHE G 136 -21.55 -7.02 -33.42
CA PHE G 136 -21.62 -6.05 -32.34
C PHE G 136 -20.33 -5.86 -31.59
N HIS G 137 -20.20 -4.70 -30.97
CA HIS G 137 -18.98 -4.32 -30.30
C HIS G 137 -19.41 -3.66 -29.04
N ARG G 138 -19.16 -4.30 -27.89
CA ARG G 138 -19.39 -3.68 -26.58
C ARG G 138 -18.06 -3.43 -25.91
N SER G 139 -17.93 -2.30 -25.23
CA SER G 139 -16.75 -1.98 -24.45
C SER G 139 -17.14 -1.33 -23.12
N GLY G 140 -16.39 -1.65 -22.08
CA GLY G 140 -16.78 -1.32 -20.72
C GLY G 140 -16.55 0.13 -20.49
N GLU H 8 -14.09 42.48 43.26
CA GLU H 8 -14.17 42.68 41.79
C GLU H 8 -13.68 41.44 41.07
N ASP H 9 -12.54 40.91 41.48
CA ASP H 9 -12.02 39.63 40.94
C ASP H 9 -12.95 38.45 41.30
N GLU H 10 -13.59 38.55 42.48
CA GLU H 10 -14.63 37.61 42.94
C GLU H 10 -15.86 37.59 42.02
N ASP H 11 -16.43 38.78 41.76
CA ASP H 11 -17.53 38.96 40.78
C ASP H 11 -17.24 38.23 39.44
N VAL H 12 -16.10 38.53 38.82
CA VAL H 12 -15.70 37.92 37.54
C VAL H 12 -15.59 36.39 37.67
N LYS H 13 -14.93 35.91 38.73
CA LYS H 13 -14.77 34.47 38.96
C LYS H 13 -16.14 33.76 39.01
N ALA H 14 -17.09 34.34 39.74
CA ALA H 14 -18.45 33.79 39.85
C ALA H 14 -19.26 33.80 38.56
N ARG H 15 -19.17 34.91 37.81
CA ARG H 15 -19.87 35.04 36.53
C ARG H 15 -19.37 34.00 35.52
N LYS H 16 -18.06 33.79 35.50
CA LYS H 16 -17.46 32.79 34.66
C LYS H 16 -17.94 31.40 35.03
N GLN H 17 -18.00 31.09 36.33
CA GLN H 17 -18.54 29.79 36.76
C GLN H 17 -19.94 29.54 36.24
N GLU H 18 -20.72 30.60 36.13
CA GLU H 18 -22.08 30.48 35.69
C GLU H 18 -22.08 29.89 34.28
N ILE H 19 -21.13 30.34 33.46
CA ILE H 19 -21.04 29.91 32.08
C ILE H 19 -20.57 28.49 32.03
N ILE H 20 -19.56 28.17 32.86
CA ILE H 20 -19.04 26.79 32.91
C ILE H 20 -20.15 25.86 33.37
N LYS H 21 -20.93 26.30 34.35
CA LYS H 21 -22.00 25.46 34.87
C LYS H 21 -23.03 25.21 33.79
N VAL H 22 -23.39 26.24 33.03
CA VAL H 22 -24.44 26.07 32.04
C VAL H 22 -23.93 25.18 30.90
N THR H 23 -22.67 25.34 30.50
CA THR H 23 -22.04 24.48 29.50
C THR H 23 -22.03 23.01 29.97
N GLU H 24 -21.75 22.81 31.24
CA GLU H 24 -21.81 21.47 31.80
C GLU H 24 -23.21 20.86 31.73
N GLN H 25 -24.24 21.67 31.96
CA GLN H 25 -25.61 21.19 31.89
C GLN H 25 -25.92 20.80 30.46
N LEU H 26 -25.45 21.60 29.50
CA LEU H 26 -25.75 21.35 28.11
C LEU H 26 -25.20 20.00 27.71
N ILE H 27 -23.91 19.80 28.00
CA ILE H 27 -23.25 18.56 27.63
C ILE H 27 -23.95 17.39 28.28
N GLU H 28 -24.41 17.56 29.51
CA GLU H 28 -25.12 16.50 30.21
C GLU H 28 -26.42 16.15 29.44
N ALA H 29 -27.14 17.18 28.97
CA ALA H 29 -28.33 16.99 28.18
C ALA H 29 -28.00 16.11 26.97
N ILE H 30 -26.93 16.53 26.25
CA ILE H 30 -26.45 15.78 25.10
C ILE H 30 -26.08 14.32 25.45
N ASN H 31 -25.28 14.10 26.50
CA ASN H 31 -24.97 12.74 26.89
C ASN H 31 -26.20 11.95 27.30
N ASN H 32 -27.19 12.58 27.94
CA ASN H 32 -28.43 11.87 28.32
C ASN H 32 -29.39 11.70 27.15
N GLY H 33 -29.09 12.29 26.00
CA GLY H 33 -30.00 12.20 24.86
C GLY H 33 -31.35 12.88 25.09
N ASP H 34 -31.36 13.92 25.91
CA ASP H 34 -32.57 14.66 26.26
C ASP H 34 -32.73 15.87 25.34
N PHE H 35 -33.46 15.68 24.25
CA PHE H 35 -33.66 16.73 23.27
C PHE H 35 -34.47 17.89 23.79
N GLU H 36 -35.49 17.60 24.59
CA GLU H 36 -36.28 18.67 25.21
C GLU H 36 -35.34 19.59 26.00
N ALA H 37 -34.53 19.02 26.88
CA ALA H 37 -33.55 19.81 27.66
C ALA H 37 -32.63 20.59 26.75
N TYR H 38 -32.09 19.92 25.73
CA TYR H 38 -31.19 20.58 24.80
C TYR H 38 -31.86 21.76 24.11
N THR H 39 -33.13 21.59 23.76
CA THR H 39 -33.91 22.65 23.13
C THR H 39 -34.16 23.85 24.04
N LYS H 40 -34.39 23.59 25.33
CA LYS H 40 -34.56 24.71 26.25
C LYS H 40 -33.28 25.54 26.37
N ILE H 41 -32.13 24.91 26.30
CA ILE H 41 -30.84 25.58 26.51
C ILE H 41 -30.33 26.29 25.26
N CYS H 42 -30.80 25.86 24.09
CA CYS H 42 -30.32 26.41 22.84
C CYS H 42 -31.30 27.45 22.31
N ASP H 43 -30.76 28.57 21.82
CA ASP H 43 -31.56 29.52 21.05
C ASP H 43 -32.09 28.78 19.82
N PRO H 44 -33.36 29.01 19.46
CA PRO H 44 -33.94 28.31 18.30
C PRO H 44 -33.25 28.54 16.97
N GLY H 45 -32.42 29.59 16.88
CA GLY H 45 -31.64 29.91 15.68
C GLY H 45 -30.16 29.60 15.84
N LEU H 46 -29.87 28.61 16.69
CA LEU H 46 -28.51 28.15 16.94
C LEU H 46 -27.83 27.83 15.63
N THR H 47 -26.58 28.26 15.49
CA THR H 47 -25.82 27.91 14.30
C THR H 47 -24.69 27.07 14.79
N ALA H 48 -24.24 26.10 14.01
CA ALA H 48 -23.14 25.21 14.45
C ALA H 48 -22.17 24.89 13.33
N PHE H 49 -20.90 24.82 13.71
CA PHE H 49 -19.91 24.13 12.94
C PHE H 49 -19.56 22.84 13.68
N GLU H 50 -19.62 21.71 13.00
CA GLU H 50 -19.19 20.46 13.61
C GLU H 50 -18.82 19.43 12.57
N PRO H 51 -17.95 18.48 12.93
CA PRO H 51 -17.52 17.43 12.01
C PRO H 51 -18.63 16.68 11.30
N GLU H 52 -19.74 16.44 11.96
CA GLU H 52 -20.84 15.69 11.38
C GLU H 52 -21.54 16.49 10.27
N ALA H 53 -21.48 17.81 10.38
CA ALA H 53 -22.02 18.71 9.38
C ALA H 53 -21.08 18.86 8.17
N LEU H 54 -19.98 18.14 8.15
CA LEU H 54 -19.16 17.99 6.95
C LEU H 54 -18.66 19.31 6.31
N GLY H 55 -18.33 20.31 7.11
CA GLY H 55 -17.84 21.54 6.52
C GLY H 55 -18.87 22.63 6.35
N ASN H 56 -20.14 22.30 6.49
CA ASN H 56 -21.22 23.28 6.35
C ASN H 56 -21.59 23.88 7.69
N LEU H 57 -22.03 25.14 7.68
CA LEU H 57 -22.65 25.77 8.84
C LEU H 57 -24.13 25.38 8.90
N VAL H 58 -24.55 24.70 9.95
CA VAL H 58 -25.96 24.31 10.07
C VAL H 58 -26.71 25.26 10.98
N GLU H 59 -27.99 25.38 10.76
CA GLU H 59 -28.81 26.35 11.47
C GLU H 59 -30.03 25.67 12.06
N GLY H 60 -30.39 26.06 13.28
CA GLY H 60 -31.57 25.53 13.95
C GLY H 60 -31.41 24.14 14.55
N MET H 61 -32.53 23.56 14.93
CA MET H 61 -32.53 22.34 15.69
C MET H 61 -32.71 21.12 14.81
N ASP H 62 -33.26 21.31 13.62
CA ASP H 62 -33.53 20.22 12.67
C ASP H 62 -32.36 19.22 12.62
N PHE H 63 -31.15 19.74 12.40
CA PHE H 63 -30.01 18.89 12.12
C PHE H 63 -29.65 17.98 13.29
N HIS H 64 -29.75 18.52 14.49
CA HIS H 64 -29.33 17.79 15.67
C HIS H 64 -30.38 16.78 16.08
N ARG H 65 -31.64 17.07 15.85
CA ARG H 65 -32.70 16.18 16.25
C ARG H 65 -32.46 14.73 15.82
N PHE H 66 -31.96 14.54 14.60
CA PHE H 66 -31.77 13.19 14.07
C PHE H 66 -30.82 12.41 14.95
N TYR H 67 -29.78 13.06 15.43
CA TYR H 67 -28.81 12.40 16.30
C TYR H 67 -29.42 11.96 17.63
N PHE H 68 -30.26 12.81 18.24
CA PHE H 68 -30.95 12.44 19.46
C PHE H 68 -31.94 11.28 19.24
N GLU H 69 -32.78 11.43 18.23
CA GLU H 69 -33.84 10.45 17.96
C GLU H 69 -33.33 9.07 17.60
N ASN H 70 -32.12 8.96 17.06
CA ASN H 70 -31.64 7.70 16.50
C ASN H 70 -30.30 7.24 17.07
N ALA H 71 -29.85 7.83 18.16
CA ALA H 71 -28.64 7.33 18.81
C ALA H 71 -29.09 6.95 20.23
N LEU H 72 -29.67 5.76 20.37
CA LEU H 72 -30.35 5.37 21.61
C LEU H 72 -29.41 4.62 22.56
N SER H 73 -28.09 4.87 22.48
CA SER H 73 -27.15 4.04 23.23
C SER H 73 -26.55 4.75 24.46
N ASN H 76 -27.25 2.10 26.61
CA ASN H 76 -26.76 1.20 27.66
C ASN H 76 -25.41 1.56 28.28
N LYS H 77 -24.51 2.08 27.47
CA LYS H 77 -23.09 2.10 27.80
C LYS H 77 -22.67 3.45 28.37
N PRO H 78 -21.77 3.45 29.36
CA PRO H 78 -21.49 4.69 30.07
C PRO H 78 -20.48 5.64 29.41
N ILE H 79 -20.58 6.91 29.81
CA ILE H 79 -19.90 8.02 29.15
C ILE H 79 -19.61 9.11 30.18
N HIS H 80 -18.42 9.70 30.11
CA HIS H 80 -18.08 10.80 31.02
C HIS H 80 -17.43 11.88 30.20
N THR H 81 -17.81 13.12 30.44
CA THR H 81 -17.25 14.25 29.72
C THR H 81 -16.50 15.09 30.68
N ILE H 82 -15.38 15.64 30.26
CA ILE H 82 -14.63 16.54 31.10
C ILE H 82 -14.41 17.76 30.28
N ILE H 83 -14.78 18.90 30.84
CA ILE H 83 -14.51 20.19 30.22
C ILE H 83 -13.14 20.63 30.70
N LEU H 84 -12.16 20.59 29.84
CA LEU H 84 -10.79 20.79 30.26
C LEU H 84 -10.30 22.17 29.95
N ASN H 85 -9.68 22.82 30.92
CA ASN H 85 -8.99 24.08 30.68
C ASN H 85 -9.88 25.17 30.08
N PRO H 86 -11.08 25.35 30.63
CA PRO H 86 -12.00 26.30 30.02
C PRO H 86 -11.51 27.72 30.20
N HIS H 87 -11.64 28.54 29.17
CA HIS H 87 -11.44 29.99 29.23
C HIS H 87 -12.77 30.64 28.85
N VAL H 88 -13.20 31.59 29.68
CA VAL H 88 -14.48 32.27 29.50
C VAL H 88 -14.20 33.73 29.29
N HIS H 89 -14.77 34.30 28.22
CA HIS H 89 -14.78 35.76 28.05
C HIS H 89 -16.17 36.28 28.36
N LEU H 90 -16.24 37.27 29.21
CA LEU H 90 -17.48 37.98 29.47
C LEU H 90 -17.49 39.17 28.53
N VAL H 91 -18.52 39.25 27.70
CA VAL H 91 -18.56 40.17 26.59
C VAL H 91 -19.80 41.03 26.77
N GLY H 92 -19.79 41.93 27.76
CA GLY H 92 -21.00 42.64 28.17
C GLY H 92 -21.79 41.82 29.17
N ASP H 93 -22.84 42.43 29.72
CA ASP H 93 -23.60 41.80 30.81
C ASP H 93 -24.42 40.55 30.39
N ASP H 94 -24.96 40.55 29.18
CA ASP H 94 -25.84 39.45 28.74
C ASP H 94 -25.21 38.49 27.70
N ALA H 95 -23.89 38.50 27.60
CA ALA H 95 -23.18 37.71 26.59
C ALA H 95 -21.83 37.16 27.11
N ALA H 96 -21.57 35.89 26.78
CA ALA H 96 -20.26 35.28 27.06
C ALA H 96 -19.89 34.22 26.04
N CYS H 97 -18.60 33.97 25.94
CA CYS H 97 -18.20 32.77 25.24
C CYS H 97 -17.18 31.97 26.03
N ILE H 98 -17.21 30.68 25.75
CA ILE H 98 -16.42 29.71 26.48
C ILE H 98 -15.67 28.84 25.46
N ALA H 99 -14.40 28.61 25.73
CA ALA H 99 -13.61 27.75 24.84
C ALA H 99 -12.91 26.72 25.71
N TYR H 100 -12.95 25.45 25.30
CA TYR H 100 -12.42 24.35 26.12
C TYR H 100 -12.09 23.14 25.29
N ILE H 101 -11.29 22.25 25.85
CA ILE H 101 -11.14 20.88 25.31
C ILE H 101 -12.20 19.96 25.93
N ARG H 102 -12.93 19.28 25.08
CA ARG H 102 -13.97 18.41 25.53
C ARG H 102 -13.42 17.00 25.43
N LEU H 103 -13.09 16.42 26.58
CA LEU H 103 -12.66 15.01 26.66
C LEU H 103 -13.86 14.16 26.89
N THR H 104 -13.98 13.11 26.11
CA THR H 104 -15.05 12.17 26.31
C THR H 104 -14.42 10.84 26.62
N GLN H 105 -14.83 10.26 27.73
CA GLN H 105 -14.46 8.91 28.06
C GLN H 105 -15.65 8.03 27.74
N TYR H 106 -15.40 6.90 27.07
CA TYR H 106 -16.47 6.03 26.57
C TYR H 106 -15.97 4.59 26.50
N MET H 107 -16.85 3.65 26.18
CA MET H 107 -16.45 2.24 26.01
C MET H 107 -16.40 1.85 24.54
N ASP H 108 -15.33 1.21 24.10
CA ASP H 108 -15.16 0.94 22.66
C ASP H 108 -15.72 -0.42 22.24
N GLY H 109 -15.73 -0.64 20.93
CA GLY H 109 -16.15 -1.92 20.34
C GLY H 109 -15.43 -3.12 20.94
N SER H 110 -14.11 -3.02 21.12
CA SER H 110 -13.30 -4.10 21.72
C SER H 110 -13.60 -4.33 23.22
N GLY H 111 -14.59 -3.60 23.77
CA GLY H 111 -15.00 -3.74 25.16
C GLY H 111 -14.31 -2.79 26.15
N MET H 112 -13.36 -1.99 25.68
CA MET H 112 -12.41 -1.30 26.56
C MET H 112 -12.70 0.19 26.68
N PRO H 113 -12.19 0.82 27.76
CA PRO H 113 -12.36 2.28 27.91
C PRO H 113 -11.39 3.10 27.06
N LYS H 114 -11.91 4.10 26.35
CA LYS H 114 -11.10 4.99 25.52
C LYS H 114 -11.48 6.43 25.80
N THR H 115 -10.56 7.35 25.52
CA THR H 115 -10.80 8.79 25.60
C THR H 115 -10.60 9.43 24.24
N MET H 116 -11.45 10.37 23.88
CA MET H 116 -11.24 11.14 22.68
C MET H 116 -11.39 12.60 23.02
N GLN H 117 -11.03 13.47 22.09
CA GLN H 117 -11.09 14.91 22.36
C GLN H 117 -11.58 15.77 21.20
N SER H 118 -12.04 16.96 21.55
CA SER H 118 -12.48 17.95 20.58
C SER H 118 -12.16 19.30 21.14
N GLU H 119 -11.79 20.23 20.28
CA GLU H 119 -11.75 21.61 20.63
C GLU H 119 -13.19 22.11 20.48
N GLU H 120 -13.65 22.95 21.39
CA GLU H 120 -15.05 23.39 21.35
C GLU H 120 -15.20 24.84 21.84
N THR H 121 -15.92 25.64 21.06
CA THR H 121 -16.27 27.03 21.37
C THR H 121 -17.79 27.13 21.44
N ARG H 122 -18.29 27.80 22.47
CA ARG H 122 -19.73 28.07 22.60
C ARG H 122 -19.97 29.52 22.94
N VAL H 123 -20.95 30.15 22.27
CA VAL H 123 -21.32 31.53 22.54
C VAL H 123 -22.72 31.54 23.19
N TRP H 124 -22.79 32.29 24.30
CA TRP H 124 -23.95 32.29 25.18
C TRP H 124 -24.60 33.66 25.29
N HIS H 125 -25.91 33.68 25.34
CA HIS H 125 -26.66 34.92 25.43
C HIS H 125 -27.74 34.75 26.47
N ARG H 126 -27.87 35.73 27.37
CA ARG H 126 -28.87 35.63 28.43
C ARG H 126 -30.15 36.28 28.00
N ARG H 127 -31.22 35.49 27.86
CA ARG H 127 -32.55 36.02 27.57
C ARG H 127 -33.42 35.68 28.76
N ASP H 128 -34.23 36.66 29.18
CA ASP H 128 -35.11 36.53 30.36
C ASP H 128 -34.49 35.80 31.57
N GLY H 129 -33.25 36.13 31.91
CA GLY H 129 -32.56 35.50 33.05
C GLY H 129 -31.91 34.13 32.79
N LYS H 130 -32.27 33.45 31.71
CA LYS H 130 -31.74 32.13 31.41
C LYS H 130 -30.70 32.20 30.27
N TRP H 131 -29.47 31.76 30.54
CA TRP H 131 -28.42 31.70 29.50
C TRP H 131 -28.75 30.71 28.39
N GLN H 132 -28.50 31.09 27.13
CA GLN H 132 -28.81 30.22 26.00
C GLN H 132 -27.67 30.16 24.98
N ASN H 133 -27.48 28.98 24.40
CA ASN H 133 -26.42 28.79 23.45
C ASN H 133 -26.88 29.26 22.06
N VAL H 134 -26.17 30.23 21.49
CA VAL H 134 -26.54 30.80 20.18
C VAL H 134 -25.69 30.23 19.04
N HIS H 135 -24.50 29.78 19.37
CA HIS H 135 -23.57 29.27 18.37
C HIS H 135 -22.57 28.33 19.01
N PHE H 136 -22.13 27.32 18.25
CA PHE H 136 -20.98 26.51 18.65
C PHE H 136 -20.16 25.99 17.49
N HIS H 137 -18.92 25.67 17.80
CA HIS H 137 -17.96 25.29 16.82
C HIS H 137 -17.17 24.20 17.47
N ARG H 138 -17.27 22.97 16.96
CA ARG H 138 -16.46 21.84 17.42
C ARG H 138 -15.54 21.41 16.28
N SER H 139 -14.30 21.07 16.60
CA SER H 139 -13.39 20.56 15.61
C SER H 139 -12.61 19.43 16.25
N GLY H 140 -12.32 18.43 15.43
CA GLY H 140 -11.78 17.17 15.89
C GLY H 140 -10.34 17.37 16.25
N ILE I 7 -41.52 47.89 -0.63
CA ILE I 7 -42.66 47.61 -1.54
C ILE I 7 -42.36 46.41 -2.44
N GLU I 8 -41.30 46.52 -3.25
CA GLU I 8 -40.99 45.54 -4.31
C GLU I 8 -40.41 44.19 -3.83
N ASP I 9 -39.85 44.17 -2.62
CA ASP I 9 -39.16 42.96 -2.05
C ASP I 9 -40.15 41.92 -1.50
N GLU I 10 -41.21 42.41 -0.82
CA GLU I 10 -42.28 41.57 -0.23
C GLU I 10 -42.61 40.36 -1.13
N ASP I 11 -42.85 40.62 -2.41
CA ASP I 11 -43.14 39.58 -3.39
C ASP I 11 -41.88 38.73 -3.68
N VAL I 12 -40.70 39.34 -3.77
CA VAL I 12 -39.52 38.54 -4.13
C VAL I 12 -39.30 37.48 -3.05
N LYS I 13 -39.28 37.89 -1.77
CA LYS I 13 -39.10 36.95 -0.65
C LYS I 13 -40.15 35.82 -0.71
N ALA I 14 -41.43 36.18 -0.88
CA ALA I 14 -42.53 35.21 -0.96
C ALA I 14 -42.44 34.29 -2.19
N ARG I 15 -42.10 34.86 -3.35
CA ARG I 15 -41.98 34.08 -4.59
C ARG I 15 -40.87 33.03 -4.46
N LYS I 16 -39.76 33.44 -3.87
CA LYS I 16 -38.67 32.55 -3.58
C LYS I 16 -39.06 31.44 -2.63
N GLN I 17 -39.80 31.74 -1.57
CA GLN I 17 -40.30 30.69 -0.67
C GLN I 17 -41.10 29.64 -1.42
N GLU I 18 -41.82 30.07 -2.44
CA GLU I 18 -42.66 29.17 -3.19
C GLU I 18 -41.79 28.08 -3.81
N ILE I 19 -40.63 28.48 -4.31
CA ILE I 19 -39.71 27.55 -4.93
C ILE I 19 -39.03 26.65 -3.92
N ILE I 20 -38.67 27.21 -2.76
CA ILE I 20 -38.12 26.41 -1.67
C ILE I 20 -39.16 25.40 -1.18
N LYS I 21 -40.41 25.83 -1.08
CA LYS I 21 -41.47 24.94 -0.63
C LYS I 21 -41.67 23.82 -1.61
N VAL I 22 -41.68 24.13 -2.89
CA VAL I 22 -41.93 23.07 -3.86
C VAL I 22 -40.73 22.08 -3.95
N THR I 23 -39.50 22.59 -3.82
CA THR I 23 -38.32 21.75 -3.73
C THR I 23 -38.41 20.83 -2.51
N GLU I 24 -38.88 21.37 -1.39
CA GLU I 24 -39.06 20.56 -0.21
C GLU I 24 -40.10 19.46 -0.40
N GLN I 25 -41.13 19.74 -1.16
CA GLN I 25 -42.13 18.71 -1.43
C GLN I 25 -41.57 17.59 -2.31
N LEU I 26 -40.74 17.99 -3.28
CA LEU I 26 -40.13 17.03 -4.20
C LEU I 26 -39.28 16.06 -3.41
N ILE I 27 -38.38 16.60 -2.57
CA ILE I 27 -37.47 15.80 -1.77
C ILE I 27 -38.27 14.85 -0.87
N GLU I 28 -39.37 15.34 -0.36
CA GLU I 28 -40.21 14.54 0.52
C GLU I 28 -40.86 13.35 -0.22
N ALA I 29 -41.22 13.59 -1.48
CA ALA I 29 -41.70 12.52 -2.34
C ALA I 29 -40.62 11.46 -2.51
N ILE I 30 -39.40 11.93 -2.87
CA ILE I 30 -38.26 11.05 -2.99
C ILE I 30 -38.11 10.26 -1.69
N ASN I 31 -37.96 10.92 -0.55
CA ASN I 31 -37.67 10.20 0.69
C ASN I 31 -38.80 9.26 1.07
N ASN I 32 -40.03 9.56 0.64
CA ASN I 32 -41.15 8.64 0.86
C ASN I 32 -41.28 7.54 -0.21
N GLY I 33 -40.45 7.60 -1.25
CA GLY I 33 -40.49 6.59 -2.29
C GLY I 33 -41.80 6.64 -3.06
N ASP I 34 -42.40 7.82 -3.16
CA ASP I 34 -43.67 8.01 -3.83
C ASP I 34 -43.46 8.46 -5.28
N PHE I 35 -43.38 7.49 -6.18
CA PHE I 35 -43.13 7.78 -7.57
C PHE I 35 -44.25 8.55 -8.27
N GLU I 36 -45.51 8.20 -7.95
CA GLU I 36 -46.64 8.93 -8.49
C GLU I 36 -46.49 10.44 -8.15
N ALA I 37 -46.25 10.77 -6.87
CA ALA I 37 -46.02 12.16 -6.44
C ALA I 37 -44.84 12.76 -7.18
N TYR I 38 -43.73 12.04 -7.24
CA TYR I 38 -42.56 12.52 -7.97
C TYR I 38 -42.89 12.83 -9.44
N THR I 39 -43.70 11.99 -10.04
CA THR I 39 -44.09 12.17 -11.43
C THR I 39 -44.94 13.42 -11.61
N LYS I 40 -45.83 13.68 -10.67
CA LYS I 40 -46.69 14.85 -10.76
C LYS I 40 -45.86 16.13 -10.70
N ILE I 41 -44.77 16.11 -9.92
CA ILE I 41 -43.95 17.32 -9.72
C ILE I 41 -42.90 17.53 -10.81
N CYS I 42 -42.60 16.49 -11.56
CA CYS I 42 -41.56 16.57 -12.58
C CYS I 42 -42.22 16.70 -13.95
N ASP I 43 -41.64 17.56 -14.80
CA ASP I 43 -41.96 17.59 -16.22
C ASP I 43 -41.62 16.22 -16.83
N PRO I 44 -42.51 15.67 -17.69
CA PRO I 44 -42.23 14.36 -18.27
C PRO I 44 -40.93 14.28 -19.06
N GLY I 45 -40.38 15.42 -19.48
CA GLY I 45 -39.12 15.48 -20.22
C GLY I 45 -37.96 15.96 -19.39
N LEU I 46 -38.06 15.72 -18.08
CA LEU I 46 -37.04 16.06 -17.10
C LEU I 46 -35.69 15.53 -17.56
N THR I 47 -34.66 16.37 -17.47
CA THR I 47 -33.32 15.92 -17.77
C THR I 47 -32.53 16.01 -16.46
N ALA I 48 -31.60 15.08 -16.24
CA ALA I 48 -30.81 15.04 -14.98
C ALA I 48 -29.35 14.73 -15.22
N PHE I 49 -28.50 15.41 -14.46
CA PHE I 49 -27.14 14.96 -14.21
C PHE I 49 -27.09 14.47 -12.79
N GLU I 50 -26.60 13.26 -12.58
CA GLU I 50 -26.43 12.78 -11.21
C GLU I 50 -25.39 11.69 -11.16
N PRO I 51 -24.77 11.50 -10.02
CA PRO I 51 -23.76 10.45 -9.86
C PRO I 51 -24.17 9.03 -10.28
N GLU I 52 -25.42 8.66 -10.06
CA GLU I 52 -25.88 7.34 -10.41
C GLU I 52 -25.94 7.14 -11.94
N ALA I 53 -26.20 8.24 -12.69
CA ALA I 53 -26.17 8.22 -14.15
C ALA I 53 -24.74 8.19 -14.73
N LEU I 54 -23.73 8.10 -13.87
CA LEU I 54 -22.36 7.83 -14.30
C LEU I 54 -21.78 8.79 -15.34
N GLY I 55 -22.11 10.06 -15.30
CA GLY I 55 -21.55 10.97 -16.31
C GLY I 55 -22.43 11.23 -17.53
N ASN I 56 -23.50 10.48 -17.68
CA ASN I 56 -24.44 10.72 -18.75
C ASN I 56 -25.58 11.66 -18.30
N LEU I 57 -26.13 12.42 -19.25
CA LEU I 57 -27.38 13.16 -19.06
C LEU I 57 -28.55 12.24 -19.32
N VAL I 58 -29.38 12.01 -18.33
CA VAL I 58 -30.52 11.12 -18.53
C VAL I 58 -31.77 11.93 -18.76
N GLU I 59 -32.74 11.34 -19.46
CA GLU I 59 -33.94 12.04 -19.89
C GLU I 59 -35.20 11.25 -19.53
N GLY I 60 -36.23 11.94 -19.07
CA GLY I 60 -37.49 11.32 -18.70
C GLY I 60 -37.51 10.61 -17.36
N MET I 61 -38.52 9.82 -17.15
CA MET I 61 -38.75 9.21 -15.86
C MET I 61 -38.20 7.80 -15.76
N ASP I 62 -38.02 7.14 -16.92
CA ASP I 62 -37.58 5.75 -17.01
C ASP I 62 -36.48 5.52 -15.96
N PHE I 63 -35.41 6.32 -16.02
CA PHE I 63 -34.20 6.03 -15.28
C PHE I 63 -34.43 6.04 -13.76
N HIS I 64 -35.26 6.95 -13.30
CA HIS I 64 -35.51 7.10 -11.86
C HIS I 64 -36.47 6.04 -11.34
N ARG I 65 -37.40 5.59 -12.16
CA ARG I 65 -38.37 4.60 -11.72
C ARG I 65 -37.68 3.43 -11.03
N PHE I 66 -36.56 2.96 -11.57
CA PHE I 66 -35.91 1.76 -11.05
C PHE I 66 -35.56 1.93 -9.60
N TYR I 67 -35.05 3.12 -9.28
CA TYR I 67 -34.67 3.43 -7.91
C TYR I 67 -35.86 3.42 -6.95
N PHE I 68 -36.99 3.99 -7.37
CA PHE I 68 -38.19 3.93 -6.54
C PHE I 68 -38.68 2.47 -6.35
N GLU I 69 -38.84 1.76 -7.46
CA GLU I 69 -39.41 0.42 -7.45
C GLU I 69 -38.62 -0.59 -6.64
N ASN I 70 -37.31 -0.39 -6.50
CA ASN I 70 -36.44 -1.42 -5.94
C ASN I 70 -35.63 -0.95 -4.74
N ALA I 71 -35.96 0.20 -4.17
CA ALA I 71 -35.25 0.63 -2.97
C ALA I 71 -36.25 0.75 -1.84
N PRO I 78 -34.91 5.50 9.22
CA PRO I 78 -35.36 6.89 9.05
C PRO I 78 -34.34 7.77 8.38
N ILE I 79 -34.82 8.87 7.82
CA ILE I 79 -34.03 9.77 6.95
C ILE I 79 -34.54 11.19 7.12
N HIS I 80 -33.63 12.15 7.12
CA HIS I 80 -34.00 13.54 7.19
C HIS I 80 -33.16 14.27 6.14
N THR I 81 -33.79 15.18 5.42
CA THR I 81 -33.09 16.01 4.48
C THR I 81 -33.16 17.43 4.92
N ILE I 82 -32.05 18.16 4.70
CA ILE I 82 -32.02 19.56 5.01
C ILE I 82 -31.60 20.22 3.73
N ILE I 83 -32.36 21.21 3.31
CA ILE I 83 -31.96 22.06 2.19
C ILE I 83 -31.20 23.23 2.80
N LEU I 84 -29.89 23.26 2.58
CA LEU I 84 -29.04 24.19 3.27
C LEU I 84 -28.68 25.36 2.37
N ASN I 85 -28.79 26.57 2.87
CA ASN I 85 -28.29 27.73 2.17
C ASN I 85 -28.83 27.87 0.75
N PRO I 86 -30.14 27.73 0.59
CA PRO I 86 -30.69 27.80 -0.76
C PRO I 86 -30.61 29.21 -1.34
N HIS I 87 -30.22 29.34 -2.60
CA HIS I 87 -30.31 30.58 -3.35
C HIS I 87 -31.26 30.32 -4.53
N VAL I 88 -32.21 31.22 -4.71
CA VAL I 88 -33.23 31.10 -5.74
C VAL I 88 -33.08 32.28 -6.69
N HIS I 89 -33.05 32.00 -7.98
CA HIS I 89 -33.16 33.06 -8.97
C HIS I 89 -34.54 32.99 -9.63
N LEU I 90 -35.21 34.13 -9.67
CA LEU I 90 -36.46 34.23 -10.38
C LEU I 90 -36.09 34.69 -11.79
N VAL I 91 -36.49 33.90 -12.79
CA VAL I 91 -36.03 34.09 -14.15
C VAL I 91 -37.28 34.27 -15.01
N GLY I 92 -37.95 35.43 -14.90
CA GLY I 92 -39.27 35.65 -15.49
C GLY I 92 -40.39 35.15 -14.59
N ASP I 93 -41.62 35.40 -14.98
CA ASP I 93 -42.77 35.06 -14.11
C ASP I 93 -42.99 33.54 -13.89
N ASP I 94 -42.76 32.73 -14.94
CA ASP I 94 -43.09 31.30 -14.90
C ASP I 94 -41.86 30.38 -14.79
N ALA I 95 -40.72 30.92 -14.36
CA ALA I 95 -39.46 30.16 -14.33
C ALA I 95 -38.58 30.55 -13.17
N ALA I 96 -38.00 29.56 -12.51
CA ALA I 96 -37.03 29.82 -11.45
C ALA I 96 -35.99 28.71 -11.38
N CYS I 97 -34.85 29.01 -10.75
CA CYS I 97 -33.96 27.95 -10.35
C CYS I 97 -33.43 28.12 -8.98
N ILE I 98 -33.08 27.01 -8.37
CA ILE I 98 -32.75 26.95 -6.98
C ILE I 98 -31.48 26.14 -6.82
N ALA I 99 -30.55 26.64 -6.03
CA ALA I 99 -29.30 25.95 -5.81
C ALA I 99 -29.09 25.82 -4.31
N TYR I 100 -28.71 24.63 -3.83
CA TYR I 100 -28.57 24.39 -2.40
C TYR I 100 -27.69 23.20 -2.09
N ILE I 101 -27.17 23.14 -0.86
CA ILE I 101 -26.57 21.92 -0.37
C ILE I 101 -27.66 21.02 0.20
N ARG I 102 -27.69 19.79 -0.23
CA ARG I 102 -28.64 18.82 0.24
C ARG I 102 -27.94 17.92 1.24
N LEU I 103 -28.22 18.15 2.52
CA LEU I 103 -27.73 17.28 3.57
C LEU I 103 -28.72 16.13 3.72
N THR I 104 -28.22 14.92 3.81
CA THR I 104 -29.04 13.81 4.14
C THR I 104 -28.54 13.15 5.43
N GLN I 105 -29.43 13.07 6.42
CA GLN I 105 -29.12 12.37 7.66
C GLN I 105 -29.75 11.01 7.50
N TYR I 106 -29.01 9.97 7.86
CA TYR I 106 -29.46 8.58 7.67
C TYR I 106 -28.77 7.66 8.67
N MET I 107 -29.22 6.42 8.74
CA MET I 107 -28.62 5.43 9.65
C MET I 107 -27.69 4.48 8.85
N ASP I 108 -26.49 4.26 9.37
CA ASP I 108 -25.50 3.49 8.62
C ASP I 108 -25.54 2.00 8.96
N GLY I 109 -24.77 1.23 8.19
CA GLY I 109 -24.61 -0.20 8.40
C GLY I 109 -24.20 -0.54 9.82
N SER I 110 -23.23 0.22 10.37
CA SER I 110 -22.77 0.02 11.76
C SER I 110 -23.82 0.36 12.83
N GLY I 111 -25.03 0.73 12.40
CA GLY I 111 -26.13 1.07 13.31
C GLY I 111 -26.22 2.54 13.69
N MET I 112 -25.31 3.37 13.18
CA MET I 112 -25.11 4.74 13.70
C MET I 112 -25.62 5.83 12.76
N PRO I 113 -25.91 7.03 13.31
CA PRO I 113 -26.36 8.12 12.46
C PRO I 113 -25.20 8.80 11.72
N LYS I 114 -25.37 9.03 10.44
CA LYS I 114 -24.38 9.71 9.59
C LYS I 114 -25.05 10.76 8.69
N THR I 115 -24.29 11.79 8.32
CA THR I 115 -24.74 12.82 7.39
C THR I 115 -23.90 12.77 6.16
N MET I 116 -24.50 12.99 5.02
CA MET I 116 -23.75 13.12 3.78
C MET I 116 -24.27 14.32 3.02
N GLN I 117 -23.59 14.73 1.97
CA GLN I 117 -23.99 15.94 1.26
C GLN I 117 -23.83 15.91 -0.25
N SER I 118 -24.57 16.79 -0.90
CA SER I 118 -24.54 16.90 -2.35
C SER I 118 -24.77 18.34 -2.68
N GLU I 119 -24.14 18.84 -3.71
CA GLU I 119 -24.52 20.11 -4.29
C GLU I 119 -25.65 19.77 -5.28
N GLU I 120 -26.68 20.60 -5.35
CA GLU I 120 -27.89 20.31 -6.14
C GLU I 120 -28.50 21.57 -6.74
N THR I 121 -28.76 21.53 -8.03
CA THR I 121 -29.40 22.63 -8.75
C THR I 121 -30.68 22.06 -9.33
N ARG I 122 -31.77 22.83 -9.25
CA ARG I 122 -33.04 22.45 -9.85
C ARG I 122 -33.63 23.63 -10.59
N VAL I 123 -34.16 23.36 -11.79
CA VAL I 123 -34.81 24.38 -12.59
C VAL I 123 -36.30 24.06 -12.64
N TRP I 124 -37.09 25.11 -12.39
CA TRP I 124 -38.53 24.98 -12.23
C TRP I 124 -39.28 25.81 -13.24
N HIS I 125 -40.40 25.28 -13.71
CA HIS I 125 -41.24 25.94 -14.70
C HIS I 125 -42.68 25.78 -14.24
N ARG I 126 -43.45 26.88 -14.29
CA ARG I 126 -44.84 26.84 -13.87
C ARG I 126 -45.74 26.61 -15.09
N ARG I 127 -46.42 25.46 -15.10
CA ARG I 127 -47.41 25.14 -16.12
C ARG I 127 -48.76 25.05 -15.41
N ASP I 128 -49.80 25.61 -16.02
CA ASP I 128 -51.17 25.63 -15.47
C ASP I 128 -51.22 25.87 -13.95
N GLY I 129 -50.44 26.83 -13.45
CA GLY I 129 -50.43 27.16 -12.01
C GLY I 129 -49.56 26.30 -11.10
N LYS I 130 -49.16 25.11 -11.56
CA LYS I 130 -48.36 24.20 -10.74
C LYS I 130 -46.90 24.23 -11.19
N TRP I 131 -45.98 24.54 -10.27
CA TRP I 131 -44.53 24.47 -10.57
C TRP I 131 -44.07 23.05 -10.85
N GLN I 132 -43.19 22.90 -11.84
CA GLN I 132 -42.68 21.57 -12.20
C GLN I 132 -41.20 21.57 -12.48
N ASN I 133 -40.53 20.49 -12.10
CA ASN I 133 -39.07 20.41 -12.22
C ASN I 133 -38.71 19.94 -13.59
N VAL I 134 -37.97 20.76 -14.33
CA VAL I 134 -37.61 20.44 -15.74
C VAL I 134 -36.20 19.89 -15.89
N HIS I 135 -35.35 20.20 -14.92
CA HIS I 135 -33.97 19.78 -14.95
C HIS I 135 -33.36 19.78 -13.54
N PHE I 136 -32.47 18.84 -13.29
CA PHE I 136 -31.65 18.91 -12.10
C PHE I 136 -30.26 18.32 -12.27
N HIS I 137 -29.35 18.79 -11.42
CA HIS I 137 -27.93 18.50 -11.48
C HIS I 137 -27.50 18.29 -10.06
N ARG I 138 -27.14 17.06 -9.70
CA ARG I 138 -26.61 16.75 -8.39
C ARG I 138 -25.17 16.27 -8.58
N SER I 139 -24.28 16.74 -7.70
CA SER I 139 -22.90 16.31 -7.72
C SER I 139 -22.43 16.03 -6.31
N GLY I 140 -21.59 15.01 -6.15
CA GLY I 140 -21.23 14.49 -4.85
C GLY I 140 -20.29 15.43 -4.13
N ASP J 11 1.19 34.81 47.66
CA ASP J 11 2.39 34.23 48.31
C ASP J 11 2.71 32.93 47.58
N VAL J 12 1.73 32.03 47.58
CA VAL J 12 1.73 30.85 46.72
C VAL J 12 1.89 31.28 45.26
N LYS J 13 1.09 32.27 44.83
CA LYS J 13 1.15 32.79 43.44
C LYS J 13 2.57 33.21 43.07
N ALA J 14 3.22 33.98 43.94
CA ALA J 14 4.59 34.46 43.73
C ALA J 14 5.63 33.31 43.72
N ARG J 15 5.52 32.38 44.65
CA ARG J 15 6.45 31.25 44.71
C ARG J 15 6.35 30.41 43.44
N LYS J 16 5.14 30.23 42.94
CA LYS J 16 4.92 29.55 41.70
C LYS J 16 5.54 30.29 40.53
N GLN J 17 5.35 31.59 40.45
CA GLN J 17 6.01 32.37 39.39
C GLN J 17 7.50 32.16 39.35
N GLU J 18 8.10 32.00 40.53
CA GLU J 18 9.53 31.81 40.64
C GLU J 18 9.96 30.57 39.86
N ILE J 19 9.13 29.51 39.92
CA ILE J 19 9.42 28.26 39.24
C ILE J 19 9.20 28.41 37.77
N ILE J 20 8.11 29.08 37.38
CA ILE J 20 7.86 29.33 35.96
C ILE J 20 8.99 30.19 35.38
N LYS J 21 9.45 31.17 36.14
CA LYS J 21 10.53 32.05 35.65
C LYS J 21 11.80 31.24 35.44
N VAL J 22 12.11 30.34 36.36
CA VAL J 22 13.36 29.62 36.24
C VAL J 22 13.26 28.60 35.08
N THR J 23 12.10 27.96 34.92
CA THR J 23 11.86 27.08 33.79
C THR J 23 12.05 27.86 32.48
N GLU J 24 11.55 29.09 32.43
CA GLU J 24 11.71 29.91 31.26
C GLU J 24 13.18 30.20 30.96
N GLN J 25 13.97 30.42 32.01
CA GLN J 25 15.39 30.70 31.82
C GLN J 25 16.10 29.47 31.30
N LEU J 26 15.72 28.30 31.79
CA LEU J 26 16.31 27.06 31.34
C LEU J 26 16.08 26.85 29.83
N ILE J 27 14.82 26.98 29.42
CA ILE J 27 14.45 26.79 28.02
C ILE J 27 15.21 27.79 27.15
N GLU J 28 15.39 29.00 27.66
CA GLU J 28 16.11 30.01 26.91
C GLU J 28 17.58 29.63 26.73
N ALA J 29 18.16 29.03 27.76
CA ALA J 29 19.53 28.53 27.66
C ALA J 29 19.59 27.50 26.56
N ILE J 30 18.66 26.55 26.60
CA ILE J 30 18.57 25.53 25.57
C ILE J 30 18.46 26.20 24.19
N ASN J 31 17.48 27.06 23.99
CA ASN J 31 17.29 27.65 22.67
C ASN J 31 18.49 28.50 22.22
N ASN J 32 19.23 29.05 23.17
CA ASN J 32 20.47 29.75 22.82
C ASN J 32 21.68 28.85 22.66
N GLY J 33 21.54 27.57 22.97
CA GLY J 33 22.66 26.65 22.87
C GLY J 33 23.78 26.97 23.83
N ASP J 34 23.43 27.52 24.99
CA ASP J 34 24.40 27.91 26.00
C ASP J 34 24.52 26.78 27.02
N PHE J 35 25.50 25.91 26.82
CA PHE J 35 25.70 24.79 27.71
C PHE J 35 26.17 25.18 29.09
N GLU J 36 27.07 26.17 29.18
CA GLU J 36 27.50 26.68 30.48
C GLU J 36 26.27 27.06 31.31
N ALA J 37 25.41 27.91 30.75
CA ALA J 37 24.18 28.33 31.43
C ALA J 37 23.35 27.13 31.82
N TYR J 38 23.13 26.21 30.87
CA TYR J 38 22.36 25.00 31.14
C TYR J 38 22.93 24.21 32.31
N THR J 39 24.26 24.14 32.37
CA THR J 39 24.96 23.41 33.43
C THR J 39 24.75 24.09 34.79
N LYS J 40 24.76 25.42 34.82
CA LYS J 40 24.57 26.13 36.09
C LYS J 40 23.16 25.89 36.64
N ILE J 41 22.18 25.70 35.76
CA ILE J 41 20.79 25.55 36.17
C ILE J 41 20.40 24.11 36.49
N CYS J 42 21.21 23.16 36.03
CA CYS J 42 20.91 21.76 36.24
C CYS J 42 21.79 21.21 37.34
N ASP J 43 21.18 20.40 38.21
CA ASP J 43 21.94 19.58 39.17
C ASP J 43 22.86 18.66 38.36
N PRO J 44 24.11 18.49 38.81
CA PRO J 44 25.03 17.64 38.05
C PRO J 44 24.58 16.17 37.88
N GLY J 45 23.65 15.73 38.73
CA GLY J 45 23.10 14.35 38.69
C GLY J 45 21.68 14.31 38.13
N LEU J 46 21.39 15.27 37.26
CA LEU J 46 20.14 15.37 36.57
C LEU J 46 19.82 14.03 35.95
N THR J 47 18.57 13.60 36.05
CA THR J 47 18.13 12.44 35.32
C THR J 47 17.06 12.89 34.35
N ALA J 48 17.00 12.25 33.18
CA ALA J 48 16.03 12.64 32.15
C ALA J 48 15.40 11.45 31.47
N PHE J 49 14.10 11.56 31.20
CA PHE J 49 13.42 10.80 30.17
C PHE J 49 13.15 11.73 29.01
N GLU J 50 13.56 11.36 27.80
CA GLU J 50 13.22 12.13 26.63
C GLU J 50 13.24 11.27 25.40
N PRO J 51 12.50 11.64 24.35
CA PRO J 51 12.47 10.89 23.08
C PRO J 51 13.82 10.60 22.45
N GLU J 52 14.78 11.50 22.57
CA GLU J 52 16.11 11.29 22.00
C GLU J 52 16.88 10.19 22.75
N ALA J 53 16.58 10.02 24.04
CA ALA J 53 17.17 8.94 24.83
C ALA J 53 16.48 7.59 24.60
N LEU J 54 15.58 7.51 23.61
CA LEU J 54 15.06 6.24 23.08
C LEU J 54 14.51 5.29 24.14
N GLY J 55 13.84 5.77 25.16
CA GLY J 55 13.28 4.84 26.13
C GLY J 55 14.11 4.59 27.37
N ASN J 56 15.37 5.03 27.36
CA ASN J 56 16.27 4.89 28.51
C ASN J 56 16.19 6.13 29.40
N LEU J 57 16.41 5.97 30.70
CA LEU J 57 16.64 7.07 31.62
C LEU J 57 18.12 7.48 31.57
N VAL J 58 18.41 8.71 31.20
CA VAL J 58 19.82 9.13 31.14
C VAL J 58 20.18 9.94 32.36
N GLU J 59 21.45 9.96 32.70
CA GLU J 59 21.92 10.56 33.93
C GLU J 59 23.09 11.49 33.65
N GLY J 60 23.12 12.63 34.33
CA GLY J 60 24.19 13.61 34.16
C GLY J 60 24.13 14.44 32.89
N MET J 61 25.22 15.14 32.64
CA MET J 61 25.26 16.11 31.58
C MET J 61 25.80 15.53 30.28
N ASP J 62 26.54 14.43 30.37
CA ASP J 62 27.22 13.80 29.21
C ASP J 62 26.30 13.77 27.99
N PHE J 63 25.10 13.23 28.20
CA PHE J 63 24.21 12.92 27.10
C PHE J 63 23.78 14.17 26.34
N HIS J 64 23.53 15.25 27.08
CA HIS J 64 23.00 16.47 26.48
C HIS J 64 24.13 17.26 25.80
N ARG J 65 25.32 17.17 26.34
CA ARG J 65 26.40 17.93 25.78
C ARG J 65 26.51 17.77 24.26
N PHE J 66 26.31 16.55 23.77
CA PHE J 66 26.49 16.30 22.35
C PHE J 66 25.53 17.16 21.55
N TYR J 67 24.29 17.29 22.03
CA TYR J 67 23.30 18.12 21.33
C TYR J 67 23.72 19.60 21.25
N PHE J 68 24.20 20.16 22.35
CA PHE J 68 24.67 21.53 22.36
C PHE J 68 25.86 21.69 21.41
N GLU J 69 26.87 20.84 21.56
CA GLU J 69 28.10 20.97 20.80
C GLU J 69 27.95 20.83 19.29
N ASN J 70 26.94 20.14 18.82
CA ASN J 70 26.84 19.81 17.41
C ASN J 70 25.54 20.23 16.77
N ALA J 71 24.75 21.08 17.42
CA ALA J 71 23.52 21.57 16.80
C ALA J 71 23.60 23.07 16.72
N LYS J 77 17.66 31.09 11.54
CA LYS J 77 16.82 30.00 12.03
C LYS J 77 16.22 30.34 13.40
N PRO J 78 15.25 31.27 13.44
CA PRO J 78 14.64 31.67 14.71
C PRO J 78 13.66 30.68 15.30
N ILE J 79 13.45 30.82 16.61
CA ILE J 79 12.73 29.84 17.43
C ILE J 79 12.03 30.58 18.55
N HIS J 80 10.82 30.16 18.88
CA HIS J 80 10.10 30.71 20.02
C HIS J 80 9.47 29.59 20.80
N THR J 81 9.61 29.63 22.11
CA THR J 81 9.01 28.62 22.95
C THR J 81 7.90 29.25 23.73
N ILE J 82 6.85 28.49 23.97
CA ILE J 82 5.77 28.97 24.81
C ILE J 82 5.50 27.91 25.81
N ILE J 83 5.57 28.26 27.08
CA ILE J 83 5.22 27.35 28.16
C ILE J 83 3.73 27.51 28.36
N LEU J 84 2.97 26.49 28.00
CA LEU J 84 1.52 26.60 27.95
C LEU J 84 0.92 25.91 29.14
N ASN J 85 0.01 26.60 29.82
CA ASN J 85 -0.83 25.99 30.85
C ASN J 85 -0.03 25.37 31.98
N PRO J 86 1.00 26.05 32.45
CA PRO J 86 1.83 25.44 33.47
C PRO J 86 1.07 25.23 34.79
N HIS J 87 1.25 24.07 35.42
CA HIS J 87 0.79 23.78 36.79
C HIS J 87 2.02 23.50 37.67
N VAL J 88 2.12 24.18 38.79
CA VAL J 88 3.28 24.11 39.66
C VAL J 88 2.82 23.56 40.98
N HIS J 89 3.47 22.50 41.48
CA HIS J 89 3.23 22.04 42.84
C HIS J 89 4.41 22.44 43.72
N LEU J 90 4.10 23.09 44.84
CA LEU J 90 5.12 23.42 45.83
C LEU J 90 5.15 22.26 46.82
N VAL J 91 6.32 21.64 46.95
CA VAL J 91 6.45 20.38 47.63
C VAL J 91 7.46 20.59 48.76
N GLY J 92 7.09 21.36 49.77
CA GLY J 92 8.02 21.83 50.80
C GLY J 92 8.71 23.13 50.38
N ASP J 93 9.49 23.72 51.29
CA ASP J 93 10.11 25.03 51.04
C ASP J 93 11.17 25.03 49.92
N ASP J 94 11.96 23.96 49.81
CA ASP J 94 13.08 23.92 48.84
C ASP J 94 12.83 23.07 47.58
N ALA J 95 11.58 22.71 47.32
CA ALA J 95 11.29 21.74 46.28
C ALA J 95 10.02 22.10 45.53
N ALA J 96 10.05 22.03 44.21
CA ALA J 96 8.84 22.18 43.40
C ALA J 96 8.87 21.36 42.13
N CYS J 97 7.70 21.09 41.58
CA CYS J 97 7.68 20.60 40.22
C CYS J 97 6.67 21.36 39.40
N ILE J 98 6.92 21.33 38.10
CA ILE J 98 6.19 22.11 37.12
C ILE J 98 5.89 21.19 35.94
N ALA J 99 4.64 21.22 35.47
CA ALA J 99 4.22 20.43 34.33
C ALA J 99 3.53 21.34 33.38
N TYR J 100 3.87 21.25 32.09
CA TYR J 100 3.37 22.19 31.07
C TYR J 100 3.45 21.60 29.68
N ILE J 101 2.69 22.16 28.74
CA ILE J 101 2.92 21.88 27.33
C ILE J 101 3.96 22.85 26.82
N ARG J 102 4.98 22.31 26.18
CA ARG J 102 6.03 23.11 25.57
C ARG J 102 5.76 23.23 24.09
N LEU J 103 5.27 24.38 23.66
CA LEU J 103 5.09 24.66 22.22
C LEU J 103 6.35 25.26 21.65
N THR J 104 6.84 24.73 20.55
CA THR J 104 7.97 25.34 19.91
C THR J 104 7.54 25.80 18.54
N GLN J 105 7.80 27.06 18.26
CA GLN J 105 7.61 27.61 16.94
C GLN J 105 8.97 27.72 16.27
N TYR J 106 9.06 27.24 15.02
CA TYR J 106 10.34 27.14 14.32
C TYR J 106 10.11 27.27 12.83
N MET J 107 11.20 27.32 12.06
CA MET J 107 11.09 27.38 10.59
C MET J 107 11.43 26.02 9.97
N ASP J 108 10.63 25.56 9.03
CA ASP J 108 10.82 24.22 8.48
C ASP J 108 11.70 24.22 7.24
N GLY J 109 12.03 23.02 6.80
CA GLY J 109 12.76 22.77 5.56
C GLY J 109 12.16 23.46 4.35
N SER J 110 10.82 23.38 4.22
CA SER J 110 10.09 24.04 3.12
C SER J 110 10.10 25.59 3.21
N GLY J 111 10.81 26.14 4.20
CA GLY J 111 10.93 27.58 4.39
C GLY J 111 9.90 28.22 5.33
N MET J 112 8.96 27.42 5.83
CA MET J 112 7.75 27.94 6.45
C MET J 112 7.71 27.80 7.97
N PRO J 113 6.90 28.62 8.62
CA PRO J 113 6.77 28.48 10.07
C PRO J 113 5.88 27.30 10.50
N LYS J 114 6.34 26.52 11.46
CA LYS J 114 5.58 25.42 12.03
C LYS J 114 5.62 25.46 13.56
N THR J 115 4.64 24.83 14.19
CA THR J 115 4.64 24.63 15.62
C THR J 115 4.68 23.15 15.90
N MET J 116 5.37 22.77 16.96
CA MET J 116 5.28 21.41 17.48
C MET J 116 5.09 21.47 18.99
N GLN J 117 4.79 20.33 19.59
CA GLN J 117 4.55 20.28 21.02
C GLN J 117 5.11 19.06 21.74
N SER J 118 5.28 19.23 23.05
CA SER J 118 5.73 18.17 23.95
C SER J 118 5.09 18.40 25.30
N GLU J 119 4.77 17.30 25.98
CA GLU J 119 4.40 17.35 27.38
C GLU J 119 5.72 17.31 28.10
N GLU J 120 5.86 18.12 29.15
CA GLU J 120 7.11 18.22 29.85
C GLU J 120 6.90 18.39 31.36
N THR J 121 7.60 17.61 32.16
CA THR J 121 7.60 17.72 33.62
C THR J 121 9.03 18.03 34.07
N ARG J 122 9.19 18.97 35.01
CA ARG J 122 10.49 19.30 35.58
C ARG J 122 10.39 19.35 37.08
N VAL J 123 11.37 18.76 37.76
CA VAL J 123 11.43 18.82 39.21
C VAL J 123 12.62 19.67 39.62
N TRP J 124 12.33 20.60 40.53
CA TRP J 124 13.27 21.64 40.93
C TRP J 124 13.63 21.58 42.42
N HIS J 125 14.89 21.85 42.72
CA HIS J 125 15.39 21.82 44.09
C HIS J 125 16.21 23.07 44.31
N ARG J 126 15.98 23.75 45.43
CA ARG J 126 16.73 24.95 45.73
C ARG J 126 17.95 24.61 46.57
N ARG J 127 19.14 24.82 46.02
CA ARG J 127 20.41 24.67 46.74
C ARG J 127 21.09 26.05 46.80
N ASP J 128 21.58 26.39 47.99
CA ASP J 128 22.20 27.70 48.27
C ASP J 128 21.46 28.88 47.63
N GLY J 129 20.13 28.92 47.75
CA GLY J 129 19.33 30.03 47.20
C GLY J 129 18.98 29.94 45.70
N LYS J 130 19.70 29.13 44.93
CA LYS J 130 19.48 29.01 43.48
C LYS J 130 18.71 27.72 43.11
N TRP J 131 17.54 27.87 42.51
CA TRP J 131 16.75 26.71 42.07
C TRP J 131 17.51 25.93 41.01
N GLN J 132 17.47 24.59 41.09
CA GLN J 132 18.14 23.74 40.13
C GLN J 132 17.28 22.59 39.67
N ASN J 133 17.42 22.22 38.40
CA ASN J 133 16.63 21.13 37.83
C ASN J 133 17.26 19.78 38.15
N VAL J 134 16.52 18.91 38.84
CA VAL J 134 17.08 17.59 39.24
C VAL J 134 16.58 16.42 38.36
N HIS J 135 15.45 16.65 37.70
CA HIS J 135 14.86 15.65 36.84
C HIS J 135 13.93 16.27 35.82
N PHE J 136 13.85 15.67 34.65
CA PHE J 136 12.81 16.04 33.71
C PHE J 136 12.34 14.87 32.85
N HIS J 137 11.12 15.03 32.34
CA HIS J 137 10.47 14.01 31.56
C HIS J 137 9.78 14.72 30.43
N ARG J 138 10.23 14.48 29.21
CA ARG J 138 9.55 15.02 28.00
C ARG J 138 8.98 13.86 27.21
N SER J 139 7.78 14.04 26.68
CA SER J 139 7.19 13.03 25.82
C SER J 139 6.50 13.71 24.62
N GLY J 140 6.55 13.04 23.48
CA GLY J 140 6.18 13.68 22.21
C GLY J 140 4.68 13.78 22.10
N ASP K 11 36.94 -4.85 47.48
CA ASP K 11 37.68 -4.81 46.19
C ASP K 11 36.73 -4.92 44.96
N VAL K 12 35.46 -5.27 45.18
CA VAL K 12 34.53 -5.59 44.08
C VAL K 12 34.23 -4.36 43.20
N LYS K 13 33.93 -3.22 43.83
CA LYS K 13 33.63 -1.97 43.10
C LYS K 13 34.78 -1.63 42.13
N ALA K 14 36.01 -1.68 42.65
CA ALA K 14 37.23 -1.38 41.86
C ALA K 14 37.45 -2.40 40.72
N ARG K 15 37.28 -3.69 41.01
CA ARG K 15 37.46 -4.73 40.00
C ARG K 15 36.47 -4.55 38.85
N LYS K 16 35.26 -4.21 39.21
CA LYS K 16 34.23 -3.94 38.23
C LYS K 16 34.59 -2.74 37.37
N GLN K 17 35.09 -1.68 37.98
CA GLN K 17 35.54 -0.52 37.19
C GLN K 17 36.58 -0.88 36.16
N GLU K 18 37.44 -1.82 36.50
CA GLU K 18 38.49 -2.26 35.62
C GLU K 18 37.86 -2.77 34.32
N ILE K 19 36.76 -3.51 34.43
CA ILE K 19 36.08 -4.07 33.28
C ILE K 19 35.35 -3.00 32.50
N ILE K 20 34.71 -2.07 33.19
CA ILE K 20 34.07 -0.95 32.52
C ILE K 20 35.11 -0.10 31.77
N LYS K 21 36.26 0.12 32.40
CA LYS K 21 37.32 0.91 31.79
C LYS K 21 37.83 0.23 30.52
N VAL K 22 38.01 -1.08 30.58
CA VAL K 22 38.58 -1.76 29.44
C VAL K 22 37.55 -1.78 28.30
N THR K 23 36.28 -1.97 28.63
CA THR K 23 35.20 -1.91 27.65
C THR K 23 35.16 -0.52 26.99
N GLU K 24 35.34 0.50 27.78
CA GLU K 24 35.40 1.87 27.25
C GLU K 24 36.56 2.07 26.27
N GLN K 25 37.70 1.47 26.56
CA GLN K 25 38.86 1.55 25.66
C GLN K 25 38.55 0.84 24.35
N LEU K 26 37.87 -0.31 24.44
CA LEU K 26 37.57 -1.08 23.25
C LEU K 26 36.70 -0.26 22.29
N ILE K 27 35.62 0.27 22.83
CA ILE K 27 34.67 1.05 22.06
C ILE K 27 35.40 2.25 21.46
N GLU K 28 36.33 2.80 22.20
CA GLU K 28 37.06 3.96 21.69
C GLU K 28 37.94 3.57 20.50
N ALA K 29 38.54 2.39 20.58
CA ALA K 29 39.30 1.85 19.47
C ALA K 29 38.40 1.70 18.25
N ILE K 30 37.22 1.11 18.46
CA ILE K 30 36.22 1.00 17.39
C ILE K 30 35.86 2.36 16.81
N ASN K 31 35.48 3.31 17.65
CA ASN K 31 35.09 4.61 17.12
C ASN K 31 36.22 5.34 16.42
N ASN K 32 37.46 5.10 16.84
CA ASN K 32 38.63 5.64 16.15
C ASN K 32 39.06 4.85 14.92
N GLY K 33 38.43 3.71 14.66
CA GLY K 33 38.79 2.88 13.51
C GLY K 33 40.20 2.30 13.60
N ASP K 34 40.68 2.09 14.84
CA ASP K 34 42.02 1.62 15.08
C ASP K 34 42.01 0.11 15.22
N PHE K 35 42.22 -0.56 14.09
CA PHE K 35 42.21 -2.01 14.07
C PHE K 35 43.34 -2.63 14.88
N GLU K 36 44.55 -2.08 14.80
CA GLU K 36 45.66 -2.60 15.58
C GLU K 36 45.26 -2.61 17.06
N ALA K 37 44.76 -1.49 17.57
CA ALA K 37 44.30 -1.38 18.95
C ALA K 37 43.26 -2.44 19.23
N TYR K 38 42.26 -2.52 18.36
CA TYR K 38 41.17 -3.49 18.52
C TYR K 38 41.71 -4.90 18.61
N THR K 39 42.71 -5.20 17.78
CA THR K 39 43.32 -6.52 17.75
C THR K 39 44.07 -6.84 19.03
N LYS K 40 44.74 -5.86 19.62
CA LYS K 40 45.43 -6.07 20.88
C LYS K 40 44.41 -6.42 22.00
N ILE K 41 43.22 -5.81 21.96
CA ILE K 41 42.27 -5.97 23.07
C ILE K 41 41.42 -7.23 22.91
N CYS K 42 41.35 -7.76 21.70
CA CYS K 42 40.54 -8.93 21.45
C CYS K 42 41.40 -10.16 21.40
N ASP K 43 40.88 -11.24 22.00
CA ASP K 43 41.45 -12.58 21.83
C ASP K 43 41.39 -12.96 20.34
N PRO K 44 42.47 -13.56 19.80
CA PRO K 44 42.44 -13.88 18.37
C PRO K 44 41.31 -14.83 17.94
N GLY K 45 40.74 -15.55 18.89
CA GLY K 45 39.62 -16.46 18.62
C GLY K 45 38.30 -15.91 19.12
N LEU K 46 38.19 -14.58 19.11
CA LEU K 46 36.97 -13.88 19.44
C LEU K 46 35.82 -14.45 18.65
N THR K 47 34.70 -14.65 19.32
CA THR K 47 33.47 -15.04 18.63
C THR K 47 32.48 -13.92 18.84
N ALA K 48 31.61 -13.70 17.85
CA ALA K 48 30.65 -12.61 17.96
C ALA K 48 29.31 -13.00 17.38
N PHE K 49 28.26 -12.51 18.03
CA PHE K 49 26.93 -12.35 17.43
C PHE K 49 26.68 -10.86 17.22
N GLU K 50 26.31 -10.48 16.01
CA GLU K 50 25.96 -9.08 15.75
C GLU K 50 25.06 -8.95 14.54
N PRO K 51 24.27 -7.89 14.46
CA PRO K 51 23.39 -7.68 13.36
C PRO K 51 24.02 -7.72 11.98
N GLU K 52 25.24 -7.26 11.83
CA GLU K 52 25.91 -7.27 10.54
C GLU K 52 26.32 -8.68 10.09
N ALA K 53 26.51 -9.59 11.06
CA ALA K 53 26.77 -11.00 10.77
C ALA K 53 25.49 -11.80 10.44
N LEU K 54 24.34 -11.11 10.33
CA LEU K 54 23.12 -11.70 9.78
C LEU K 54 22.62 -13.00 10.43
N GLY K 55 22.75 -13.14 11.73
CA GLY K 55 22.27 -14.38 12.33
C GLY K 55 23.31 -15.49 12.52
N ASN K 56 24.49 -15.33 11.90
CA ASN K 56 25.60 -16.26 12.06
C ASN K 56 26.55 -15.86 13.20
N LEU K 57 27.15 -16.85 13.85
CA LEU K 57 28.23 -16.62 14.83
C LEU K 57 29.55 -16.51 14.07
N VAL K 58 30.21 -15.38 14.14
CA VAL K 58 31.46 -15.21 13.43
C VAL K 58 32.61 -15.46 14.38
N GLU K 59 33.74 -15.86 13.81
CA GLU K 59 34.91 -16.21 14.60
C GLU K 59 36.15 -15.49 14.08
N GLY K 60 37.00 -15.03 14.99
CA GLY K 60 38.24 -14.34 14.63
C GLY K 60 38.11 -12.89 14.19
N MET K 61 39.17 -12.39 13.61
CA MET K 61 39.25 -10.98 13.28
C MET K 61 38.88 -10.70 11.84
N ASP K 62 38.95 -11.72 10.99
CA ASP K 62 38.69 -11.58 9.55
C ASP K 62 37.45 -10.69 9.30
N PHE K 63 36.34 -11.05 9.93
CA PHE K 63 35.04 -10.45 9.62
C PHE K 63 35.02 -8.95 9.92
N HIS K 64 35.65 -8.56 11.02
CA HIS K 64 35.63 -7.17 11.46
C HIS K 64 36.57 -6.30 10.65
N ARG K 65 37.67 -6.87 10.20
CA ARG K 65 38.66 -6.10 9.49
C ARG K 65 38.06 -5.30 8.35
N PHE K 66 37.10 -5.88 7.65
CA PHE K 66 36.51 -5.22 6.48
C PHE K 66 35.84 -3.91 6.90
N TYR K 67 35.18 -3.94 8.04
CA TYR K 67 34.52 -2.74 8.54
C TYR K 67 35.50 -1.61 8.89
N PHE K 68 36.61 -1.95 9.53
CA PHE K 68 37.65 -0.95 9.81
C PHE K 68 38.28 -0.41 8.50
N GLU K 69 38.70 -1.32 7.63
CA GLU K 69 39.40 -0.95 6.42
C GLU K 69 38.58 -0.09 5.46
N ASN K 70 37.27 -0.18 5.50
CA ASN K 70 36.44 0.45 4.48
C ASN K 70 35.36 1.36 5.05
N ALA K 71 35.47 1.76 6.30
CA ALA K 71 34.53 2.73 6.83
C ALA K 71 35.29 3.95 7.29
N SER K 75 34.39 8.75 9.65
CA SER K 75 35.17 9.57 8.72
C SER K 75 35.45 10.93 9.39
N ASN K 76 35.05 12.06 8.77
CA ASN K 76 35.15 13.42 9.37
C ASN K 76 33.81 13.92 9.97
N LYS K 77 33.10 13.02 10.67
CA LYS K 77 31.78 13.27 11.28
C LYS K 77 31.75 12.67 12.70
N PRO K 78 31.52 13.50 13.76
CA PRO K 78 31.74 13.09 15.15
C PRO K 78 30.73 12.10 15.77
N ILE K 79 31.18 11.43 16.82
CA ILE K 79 30.49 10.29 17.39
C ILE K 79 30.79 10.23 18.88
N HIS K 80 29.78 9.89 19.68
CA HIS K 80 29.96 9.73 21.11
C HIS K 80 29.21 8.53 21.56
N THR K 81 29.87 7.70 22.36
CA THR K 81 29.27 6.48 22.86
C THR K 81 29.05 6.64 24.34
N ILE K 82 27.95 6.07 24.83
CA ILE K 82 27.69 6.05 26.24
C ILE K 82 27.39 4.63 26.64
N ILE K 83 28.12 4.12 27.61
CA ILE K 83 27.85 2.79 28.14
C ILE K 83 26.87 2.99 29.26
N LEU K 84 25.64 2.61 29.02
CA LEU K 84 24.57 2.93 29.94
C LEU K 84 24.23 1.75 30.83
N ASN K 85 24.14 1.99 32.12
CA ASN K 85 23.62 1.00 33.07
C ASN K 85 24.38 -0.32 33.07
N PRO K 86 25.71 -0.24 33.06
CA PRO K 86 26.47 -1.48 32.96
C PRO K 86 26.33 -2.34 34.21
N HIS K 87 26.18 -3.64 34.01
CA HIS K 87 26.25 -4.64 35.09
C HIS K 87 27.41 -5.57 34.79
N VAL K 88 28.28 -5.79 35.77
CA VAL K 88 29.47 -6.58 35.61
C VAL K 88 29.38 -7.76 36.54
N HIS K 89 29.61 -8.96 36.03
CA HIS K 89 29.76 -10.13 36.88
C HIS K 89 31.21 -10.55 36.92
N LEU K 90 31.74 -10.71 38.13
CA LEU K 90 33.10 -11.23 38.28
C LEU K 90 32.97 -12.74 38.42
N VAL K 91 33.62 -13.48 37.54
CA VAL K 91 33.38 -14.90 37.40
C VAL K 91 34.71 -15.61 37.59
N GLY K 92 35.21 -15.59 38.83
CA GLY K 92 36.59 -16.02 39.12
C GLY K 92 37.56 -14.87 38.94
N ASP K 93 38.82 -15.09 39.30
CA ASP K 93 39.84 -14.02 39.32
C ASP K 93 40.21 -13.49 37.93
N ASP K 94 40.25 -14.35 36.90
CA ASP K 94 40.72 -13.93 35.58
C ASP K 94 39.62 -13.84 34.52
N ALA K 95 38.36 -13.73 34.95
CA ALA K 95 37.21 -13.74 34.03
C ALA K 95 36.10 -12.82 34.48
N ALA K 96 35.54 -12.06 33.55
CA ALA K 96 34.37 -11.23 33.84
C ALA K 96 33.47 -11.10 32.65
N CYS K 97 32.22 -10.75 32.88
CA CYS K 97 31.41 -10.27 31.79
C CYS K 97 30.65 -9.02 32.16
N ILE K 98 30.32 -8.26 31.13
CA ILE K 98 29.74 -6.96 31.27
C ILE K 98 28.56 -6.87 30.29
N ALA K 99 27.45 -6.33 30.78
CA ALA K 99 26.25 -6.16 29.95
C ALA K 99 25.77 -4.72 30.11
N TYR K 100 25.49 -4.07 29.00
CA TYR K 100 25.12 -2.65 29.02
C TYR K 100 24.29 -2.24 27.80
N ILE K 101 23.59 -1.12 27.89
CA ILE K 101 23.06 -0.49 26.70
C ILE K 101 24.09 0.43 26.08
N ARG K 102 24.38 0.26 24.81
CA ARG K 102 25.36 1.06 24.14
C ARG K 102 24.60 2.13 23.37
N LEU K 103 24.63 3.37 23.86
CA LEU K 103 24.06 4.48 23.15
C LEU K 103 25.09 5.11 22.22
N THR K 104 24.72 5.36 20.97
CA THR K 104 25.65 6.01 20.08
C THR K 104 25.01 7.30 19.63
N GLN K 105 25.72 8.40 19.83
CA GLN K 105 25.28 9.67 19.31
C GLN K 105 26.09 9.98 18.06
N TYR K 106 25.43 10.37 16.98
CA TYR K 106 26.08 10.53 15.68
C TYR K 106 25.35 11.59 14.87
N MET K 107 25.90 11.97 13.72
CA MET K 107 25.25 12.93 12.84
C MET K 107 24.63 12.26 11.62
N ASP K 108 23.36 12.56 11.33
CA ASP K 108 22.62 11.86 10.29
C ASP K 108 22.77 12.50 8.91
N GLY K 109 22.26 11.80 7.91
CA GLY K 109 22.22 12.29 6.53
C GLY K 109 21.61 13.67 6.40
N SER K 110 20.48 13.91 7.09
CA SER K 110 19.79 15.22 7.07
C SER K 110 20.59 16.33 7.78
N GLY K 111 21.80 16.02 8.25
CA GLY K 111 22.68 17.00 8.89
C GLY K 111 22.55 17.09 10.41
N MET K 112 21.65 16.29 11.00
CA MET K 112 21.21 16.47 12.39
C MET K 112 21.76 15.42 13.36
N PRO K 113 21.79 15.74 14.65
CA PRO K 113 22.22 14.77 15.65
C PRO K 113 21.14 13.74 16.03
N LYS K 114 21.51 12.47 16.03
CA LYS K 114 20.61 11.39 16.38
C LYS K 114 21.30 10.45 17.37
N THR K 115 20.50 9.72 18.16
CA THR K 115 20.99 8.66 19.04
C THR K 115 20.39 7.34 18.62
N MET K 116 21.18 6.28 18.69
CA MET K 116 20.67 4.94 18.49
C MET K 116 21.19 4.06 19.61
N GLN K 117 20.63 2.86 19.72
CA GLN K 117 21.00 1.96 20.83
C GLN K 117 21.14 0.50 20.46
N SER K 118 21.86 -0.21 21.29
CA SER K 118 22.05 -1.64 21.17
C SER K 118 22.18 -2.21 22.56
N GLU K 119 21.71 -3.43 22.72
CA GLU K 119 22.01 -4.21 23.90
C GLU K 119 23.37 -4.84 23.55
N GLU K 120 24.27 -4.94 24.52
CA GLU K 120 25.59 -5.49 24.26
C GLU K 120 26.15 -6.25 25.46
N THR K 121 26.65 -7.46 25.20
CA THR K 121 27.29 -8.31 26.17
C THR K 121 28.71 -8.57 25.74
N ARG K 122 29.65 -8.47 26.68
CA ARG K 122 31.05 -8.78 26.43
C ARG K 122 31.62 -9.66 27.53
N VAL K 123 32.34 -10.70 27.11
CA VAL K 123 33.03 -11.57 28.03
C VAL K 123 34.54 -11.33 27.92
N TRP K 124 35.14 -11.17 29.10
CA TRP K 124 36.53 -10.78 29.25
C TRP K 124 37.36 -11.82 29.97
N HIS K 125 38.60 -11.98 29.53
CA HIS K 125 39.53 -12.93 30.12
C HIS K 125 40.87 -12.24 30.27
N ARG K 126 41.50 -12.39 31.43
CA ARG K 126 42.79 -11.76 31.67
C ARG K 126 43.89 -12.74 31.38
N ARG K 127 44.69 -12.44 30.36
CA ARG K 127 45.89 -13.21 30.01
C ARG K 127 47.11 -12.30 30.21
N ASP K 128 48.15 -12.85 30.82
CA ASP K 128 49.38 -12.11 31.16
C ASP K 128 49.13 -10.68 31.66
N GLY K 129 48.17 -10.51 32.56
CA GLY K 129 47.86 -9.20 33.16
C GLY K 129 46.97 -8.27 32.35
N LYS K 130 46.78 -8.54 31.07
CA LYS K 130 45.98 -7.69 30.21
C LYS K 130 44.61 -8.32 29.89
N TRP K 131 43.51 -7.66 30.26
CA TRP K 131 42.15 -8.16 29.95
C TRP K 131 41.93 -8.22 28.46
N GLN K 132 41.29 -9.29 27.99
CA GLN K 132 40.98 -9.44 26.57
C GLN K 132 39.55 -9.90 26.32
N ASN K 133 38.95 -9.38 25.25
CA ASN K 133 37.59 -9.73 24.92
C ASN K 133 37.57 -11.04 24.15
N VAL K 134 36.87 -12.03 24.69
CA VAL K 134 36.81 -13.38 24.05
C VAL K 134 35.51 -13.61 23.26
N HIS K 135 34.47 -12.87 23.61
CA HIS K 135 33.17 -13.04 22.99
C HIS K 135 32.33 -11.79 23.17
N PHE K 136 31.51 -11.48 22.17
CA PHE K 136 30.49 -10.45 22.36
C PHE K 136 29.26 -10.72 21.58
N HIS K 137 28.16 -10.12 22.03
CA HIS K 137 26.83 -10.33 21.50
C HIS K 137 26.21 -8.96 21.50
N ARG K 138 25.89 -8.43 20.32
CA ARG K 138 25.13 -7.16 20.18
C ARG K 138 23.82 -7.47 19.46
N SER K 139 22.76 -6.82 19.92
CA SER K 139 21.46 -6.98 19.30
C SER K 139 20.81 -5.61 19.25
N GLY K 140 20.05 -5.39 18.18
CA GLY K 140 19.54 -4.08 17.85
C GLY K 140 18.39 -3.74 18.74
N ASP L 9 42.59 -38.94 14.01
CA ASP L 9 41.99 -37.90 13.11
C ASP L 9 43.06 -36.97 12.48
N GLU L 10 44.35 -37.32 12.65
CA GLU L 10 45.48 -36.56 12.06
C GLU L 10 45.28 -36.35 10.54
N ASP L 11 45.15 -37.45 9.81
CA ASP L 11 44.91 -37.43 8.35
C ASP L 11 43.51 -36.88 7.98
N VAL L 12 42.45 -37.25 8.71
CA VAL L 12 41.11 -36.73 8.36
C VAL L 12 41.13 -35.19 8.44
N LYS L 13 41.65 -34.64 9.54
CA LYS L 13 41.72 -33.18 9.72
C LYS L 13 42.47 -32.53 8.54
N ALA L 14 43.62 -33.09 8.18
CA ALA L 14 44.44 -32.58 7.08
C ALA L 14 43.76 -32.72 5.71
N ARG L 15 43.13 -33.86 5.46
CA ARG L 15 42.45 -34.08 4.19
C ARG L 15 41.29 -33.10 4.00
N LYS L 16 40.58 -32.82 5.08
CA LYS L 16 39.53 -31.85 5.07
C LYS L 16 40.07 -30.45 4.80
N GLN L 17 41.18 -30.07 5.42
CA GLN L 17 41.80 -28.78 5.10
C GLN L 17 42.10 -28.60 3.62
N GLU L 18 42.47 -29.69 2.97
CA GLU L 18 42.81 -29.67 1.57
C GLU L 18 41.61 -29.18 0.77
N ILE L 19 40.42 -29.64 1.15
CA ILE L 19 39.20 -29.26 0.48
C ILE L 19 38.82 -27.84 0.80
N ILE L 20 39.01 -27.43 2.05
CA ILE L 20 38.73 -26.04 2.43
C ILE L 20 39.69 -25.11 1.69
N LYS L 21 40.96 -25.52 1.59
CA LYS L 21 41.95 -24.71 0.87
C LYS L 21 41.57 -24.55 -0.59
N VAL L 22 41.17 -25.63 -1.22
CA VAL L 22 40.90 -25.55 -2.64
C VAL L 22 39.62 -24.74 -2.90
N THR L 23 38.61 -24.87 -2.04
CA THR L 23 37.43 -24.01 -2.10
C THR L 23 37.81 -22.51 -1.94
N GLU L 24 38.72 -22.22 -1.00
CA GLU L 24 39.20 -20.85 -0.83
C GLU L 24 39.89 -20.32 -2.08
N GLN L 25 40.62 -21.18 -2.76
CA GLN L 25 41.26 -20.77 -4.01
C GLN L 25 40.24 -20.49 -5.09
N LEU L 26 39.18 -21.31 -5.14
CA LEU L 26 38.15 -21.11 -6.14
C LEU L 26 37.49 -19.78 -5.98
N ILE L 27 37.07 -19.48 -4.75
CA ILE L 27 36.39 -18.23 -4.43
C ILE L 27 37.32 -17.06 -4.75
N GLU L 28 38.59 -17.25 -4.50
CA GLU L 28 39.54 -16.18 -4.78
C GLU L 28 39.71 -15.91 -6.30
N ALA L 29 39.65 -16.97 -7.09
CA ALA L 29 39.57 -16.84 -8.54
C ALA L 29 38.31 -16.03 -8.95
N ILE L 30 37.15 -16.42 -8.42
CA ILE L 30 35.92 -15.68 -8.66
C ILE L 30 36.13 -14.19 -8.30
N ASN L 31 36.48 -13.91 -7.04
CA ASN L 31 36.61 -12.52 -6.62
C ASN L 31 37.62 -11.73 -7.39
N ASN L 32 38.64 -12.38 -7.93
CA ASN L 32 39.59 -11.73 -8.85
C ASN L 32 39.15 -11.67 -10.30
N GLY L 33 38.04 -12.32 -10.64
CA GLY L 33 37.54 -12.29 -12.01
C GLY L 33 38.49 -12.97 -12.96
N ASP L 34 39.16 -14.01 -12.46
CA ASP L 34 40.11 -14.78 -13.26
C ASP L 34 39.46 -16.05 -13.80
N PHE L 35 38.91 -15.95 -15.00
CA PHE L 35 38.22 -17.06 -15.63
C PHE L 35 39.14 -18.21 -15.98
N GLU L 36 40.34 -17.92 -16.43
CA GLU L 36 41.30 -18.96 -16.70
C GLU L 36 41.54 -19.83 -15.46
N ALA L 37 41.82 -19.19 -14.34
CA ALA L 37 41.99 -19.89 -13.06
C ALA L 37 40.72 -20.66 -12.68
N TYR L 38 39.56 -20.02 -12.81
CA TYR L 38 38.30 -20.69 -12.53
C TYR L 38 38.15 -21.93 -13.40
N THR L 39 38.53 -21.80 -14.66
CA THR L 39 38.43 -22.91 -15.60
C THR L 39 39.34 -24.06 -15.21
N LYS L 40 40.53 -23.78 -14.74
CA LYS L 40 41.46 -24.84 -14.32
C LYS L 40 40.90 -25.62 -13.11
N ILE L 41 40.17 -24.94 -12.22
CA ILE L 41 39.67 -25.56 -10.99
C ILE L 41 38.33 -26.27 -11.15
N CYS L 42 37.62 -25.98 -12.24
CA CYS L 42 36.33 -26.60 -12.45
C CYS L 42 36.44 -27.69 -13.49
N ASP L 43 35.74 -28.80 -13.27
CA ASP L 43 35.54 -29.81 -14.29
C ASP L 43 34.81 -29.18 -15.45
N PRO L 44 35.20 -29.48 -16.69
CA PRO L 44 34.51 -28.87 -17.82
C PRO L 44 33.01 -29.14 -17.90
N GLY L 45 32.54 -30.19 -17.23
CA GLY L 45 31.13 -30.54 -17.21
C GLY L 45 30.47 -30.20 -15.90
N LEU L 46 30.99 -29.15 -15.26
CA LEU L 46 30.45 -28.62 -14.02
C LEU L 46 28.95 -28.38 -14.19
N THR L 47 28.17 -28.77 -13.19
CA THR L 47 26.75 -28.44 -13.17
C THR L 47 26.52 -27.53 -11.99
N ALA L 48 25.60 -26.60 -12.10
CA ALA L 48 25.34 -25.66 -11.01
C ALA L 48 23.86 -25.39 -10.84
N PHE L 49 23.48 -25.20 -9.57
CA PHE L 49 22.27 -24.50 -9.19
C PHE L 49 22.68 -23.17 -8.56
N GLU L 50 22.11 -22.07 -9.03
CA GLU L 50 22.39 -20.78 -8.42
C GLU L 50 21.28 -19.80 -8.75
N PRO L 51 21.10 -18.78 -7.91
CA PRO L 51 20.05 -17.79 -8.10
C PRO L 51 20.03 -17.13 -9.45
N GLU L 52 21.20 -16.89 -10.03
CA GLU L 52 21.28 -16.22 -11.32
C GLU L 52 20.79 -17.14 -12.43
N ALA L 53 20.83 -18.45 -12.22
CA ALA L 53 20.28 -19.40 -13.19
C ALA L 53 18.77 -19.57 -13.10
N LEU L 54 18.14 -18.80 -12.22
CA LEU L 54 16.68 -18.67 -12.15
C LEU L 54 15.91 -19.99 -11.94
N GLY L 55 16.44 -20.95 -11.21
CA GLY L 55 15.70 -22.20 -11.08
C GLY L 55 16.13 -23.34 -12.00
N ASN L 56 16.94 -23.04 -13.02
CA ASN L 56 17.45 -24.07 -13.91
C ASN L 56 18.79 -24.60 -13.44
N LEU L 57 19.07 -25.87 -13.73
CA LEU L 57 20.41 -26.45 -13.58
C LEU L 57 21.20 -26.11 -14.83
N VAL L 58 22.30 -25.39 -14.66
CA VAL L 58 23.16 -25.04 -15.80
C VAL L 58 24.38 -25.95 -15.88
N GLU L 59 24.90 -26.13 -17.07
CA GLU L 59 25.95 -27.11 -17.32
C GLU L 59 27.06 -26.45 -18.08
N GLY L 60 28.31 -26.78 -17.71
CA GLY L 60 29.52 -26.26 -18.38
C GLY L 60 29.88 -24.84 -17.98
N MET L 61 30.78 -24.26 -18.74
CA MET L 61 31.38 -23.00 -18.40
C MET L 61 30.67 -21.86 -19.07
N ASP L 62 29.96 -22.13 -20.16
CA ASP L 62 29.29 -21.10 -21.00
C ASP L 62 28.63 -20.06 -20.09
N PHE L 63 27.80 -20.53 -19.17
CA PHE L 63 26.91 -19.65 -18.42
C PHE L 63 27.68 -18.68 -17.53
N HIS L 64 28.76 -19.14 -16.94
CA HIS L 64 29.51 -18.32 -16.00
C HIS L 64 30.43 -17.36 -16.70
N ARG L 65 30.89 -17.71 -17.90
CA ARG L 65 31.77 -16.83 -18.66
C ARG L 65 31.23 -15.40 -18.74
N PHE L 66 29.93 -15.26 -18.99
CA PHE L 66 29.36 -13.93 -19.21
C PHE L 66 29.59 -13.06 -18.00
N TYR L 67 29.45 -13.65 -16.83
CA TYR L 67 29.64 -12.90 -15.58
C TYR L 67 31.08 -12.38 -15.45
N PHE L 68 32.05 -13.24 -15.75
CA PHE L 68 33.45 -12.84 -15.67
C PHE L 68 33.76 -11.75 -16.70
N GLU L 69 33.36 -11.99 -17.93
CA GLU L 69 33.67 -11.08 -19.03
C GLU L 69 33.08 -9.69 -18.87
N ASN L 70 31.96 -9.55 -18.16
CA ASN L 70 31.21 -8.30 -18.15
C ASN L 70 30.95 -7.75 -16.77
N ALA L 71 31.67 -8.22 -15.76
CA ALA L 71 31.54 -7.64 -14.42
C ALA L 71 32.93 -7.17 -14.04
N LEU L 72 33.24 -5.90 -14.31
CA LEU L 72 34.52 -5.31 -13.91
C LEU L 72 34.28 -4.53 -12.59
N SER L 73 34.10 -3.22 -12.73
CA SER L 73 33.85 -2.30 -11.59
C SER L 73 34.55 -2.72 -10.26
N ASN L 76 38.36 -1.05 -8.64
CA ASN L 76 38.70 -0.29 -7.43
C ASN L 76 37.55 -0.32 -6.40
N LYS L 77 36.99 -1.51 -6.15
CA LYS L 77 35.84 -1.71 -5.22
C LYS L 77 35.98 -3.05 -4.44
N PRO L 78 36.44 -2.99 -3.18
CA PRO L 78 36.97 -4.20 -2.50
C PRO L 78 35.92 -5.15 -1.98
N ILE L 79 36.35 -6.39 -1.77
CA ILE L 79 35.47 -7.50 -1.47
C ILE L 79 36.22 -8.50 -0.63
N HIS L 80 35.55 -9.06 0.36
CA HIS L 80 36.13 -10.10 1.19
C HIS L 80 35.10 -11.20 1.26
N THR L 81 35.56 -12.45 1.22
CA THR L 81 34.69 -13.58 1.42
C THR L 81 35.15 -14.33 2.65
N ILE L 82 34.19 -14.87 3.40
CA ILE L 82 34.50 -15.68 4.52
C ILE L 82 33.77 -16.95 4.26
N ILE L 83 34.46 -18.07 4.37
CA ILE L 83 33.82 -19.38 4.36
C ILE L 83 33.51 -19.72 5.81
N LEU L 84 32.25 -19.74 6.18
CA LEU L 84 31.88 -19.85 7.58
C LEU L 84 31.41 -21.24 7.89
N ASN L 85 31.89 -21.81 8.97
CA ASN L 85 31.36 -23.06 9.51
C ASN L 85 31.37 -24.24 8.50
N PRO L 86 32.49 -24.39 7.77
CA PRO L 86 32.49 -25.41 6.74
C PRO L 86 32.41 -26.80 7.29
N HIS L 87 31.63 -27.67 6.67
CA HIS L 87 31.62 -29.10 7.00
C HIS L 87 32.02 -29.81 5.74
N VAL L 88 32.96 -30.74 5.85
CA VAL L 88 33.51 -31.49 4.73
C VAL L 88 33.25 -32.96 4.92
N HIS L 89 32.68 -33.61 3.92
CA HIS L 89 32.58 -35.06 3.94
C HIS L 89 33.60 -35.64 2.97
N LEU L 90 34.39 -36.60 3.45
CA LEU L 90 35.29 -37.35 2.59
C LEU L 90 34.55 -38.57 2.14
N VAL L 91 34.40 -38.72 0.84
CA VAL L 91 33.49 -39.72 0.25
C VAL L 91 34.31 -40.64 -0.64
N GLY L 92 35.21 -41.41 -0.06
CA GLY L 92 36.23 -42.12 -0.85
C GLY L 92 37.48 -41.28 -1.07
N ASP L 93 38.53 -41.91 -1.59
CA ASP L 93 39.84 -41.27 -1.69
C ASP L 93 39.90 -40.08 -2.64
N ASP L 94 39.17 -40.15 -3.76
CA ASP L 94 39.26 -39.13 -4.80
C ASP L 94 38.01 -38.20 -4.82
N ALA L 95 37.21 -38.20 -3.76
CA ALA L 95 35.96 -37.44 -3.77
C ALA L 95 35.69 -36.79 -2.42
N ALA L 96 35.23 -35.53 -2.45
CA ALA L 96 34.71 -34.86 -1.26
C ALA L 96 33.55 -33.92 -1.56
N CYS L 97 32.82 -33.57 -0.52
CA CYS L 97 31.99 -32.38 -0.63
C CYS L 97 32.08 -31.50 0.58
N ILE L 98 31.76 -30.23 0.35
CA ILE L 98 31.95 -29.20 1.36
C ILE L 98 30.71 -28.33 1.36
N ALA L 99 30.23 -28.02 2.55
CA ALA L 99 29.05 -27.18 2.68
C ALA L 99 29.42 -26.07 3.68
N TYR L 100 29.06 -24.84 3.36
CA TYR L 100 29.41 -23.69 4.20
C TYR L 100 28.49 -22.52 3.93
N ILE L 101 28.46 -21.58 4.85
CA ILE L 101 27.89 -20.27 4.60
C ILE L 101 28.96 -19.36 4.01
N ARG L 102 28.63 -18.74 2.90
CA ARG L 102 29.54 -17.87 2.22
C ARG L 102 29.12 -16.46 2.54
N LEU L 103 29.87 -15.80 3.42
CA LEU L 103 29.66 -14.41 3.71
C LEU L 103 30.42 -13.60 2.69
N THR L 104 29.79 -12.57 2.15
CA THR L 104 30.50 -11.66 1.27
C THR L 104 30.41 -10.25 1.81
N GLN L 105 31.56 -9.65 2.11
CA GLN L 105 31.63 -8.28 2.55
C GLN L 105 31.94 -7.45 1.30
N TYR L 106 31.23 -6.35 1.14
CA TYR L 106 31.37 -5.54 -0.07
C TYR L 106 30.94 -4.10 0.20
N MET L 107 31.17 -3.20 -0.75
CA MET L 107 30.80 -1.81 -0.57
C MET L 107 29.52 -1.54 -1.34
N ASP L 108 28.56 -0.86 -0.72
CA ASP L 108 27.26 -0.64 -1.37
C ASP L 108 27.17 0.67 -2.15
N GLY L 109 26.07 0.81 -2.89
CA GLY L 109 25.76 2.04 -3.63
C GLY L 109 25.85 3.29 -2.76
N SER L 110 25.30 3.23 -1.55
CA SER L 110 25.34 4.38 -0.61
C SER L 110 26.74 4.66 -0.05
N GLY L 111 27.76 3.95 -0.55
CA GLY L 111 29.16 4.17 -0.16
C GLY L 111 29.63 3.35 1.02
N MET L 112 28.74 2.51 1.58
CA MET L 112 28.98 1.88 2.88
C MET L 112 29.26 0.38 2.83
N PRO L 113 29.91 -0.15 3.87
CA PRO L 113 30.19 -1.58 3.90
C PRO L 113 28.97 -2.41 4.33
N LYS L 114 28.68 -3.47 3.59
CA LYS L 114 27.60 -4.39 3.90
C LYS L 114 28.08 -5.82 3.75
N THR L 115 27.36 -6.72 4.44
CA THR L 115 27.58 -8.18 4.35
C THR L 115 26.33 -8.85 3.81
N MET L 116 26.52 -9.85 2.99
CA MET L 116 25.41 -10.67 2.57
C MET L 116 25.82 -12.12 2.72
N GLN L 117 24.87 -13.03 2.56
CA GLN L 117 25.19 -14.46 2.73
C GLN L 117 24.50 -15.41 1.78
N SER L 118 25.10 -16.57 1.62
CA SER L 118 24.53 -17.64 0.79
C SER L 118 24.86 -18.96 1.43
N GLU L 119 23.96 -19.90 1.30
CA GLU L 119 24.29 -21.28 1.61
C GLU L 119 24.98 -21.85 0.36
N GLU L 120 26.02 -22.63 0.51
CA GLU L 120 26.75 -23.11 -0.66
C GLU L 120 27.26 -24.53 -0.43
N THR L 121 27.00 -25.41 -1.40
CA THR L 121 27.52 -26.78 -1.42
C THR L 121 28.40 -26.92 -2.67
N ARG L 122 29.56 -27.57 -2.50
CA ARG L 122 30.45 -27.90 -3.62
C ARG L 122 30.89 -29.34 -3.53
N VAL L 123 30.85 -30.03 -4.67
CA VAL L 123 31.34 -31.39 -4.77
C VAL L 123 32.63 -31.39 -5.56
N TRP L 124 33.61 -32.09 -5.00
CA TRP L 124 34.99 -32.11 -5.50
C TRP L 124 35.46 -33.48 -5.91
N HIS L 125 36.21 -33.55 -7.00
CA HIS L 125 36.75 -34.80 -7.51
C HIS L 125 38.22 -34.59 -7.87
N ARG L 126 39.09 -35.50 -7.43
CA ARG L 126 40.50 -35.37 -7.70
C ARG L 126 40.77 -36.10 -8.99
N ARG L 127 41.27 -35.39 -9.99
CA ARG L 127 41.77 -35.97 -11.24
C ARG L 127 43.25 -35.62 -11.36
N ASP L 128 44.06 -36.59 -11.77
CA ASP L 128 45.51 -36.42 -11.90
C ASP L 128 46.14 -35.57 -10.80
N GLY L 129 45.75 -35.83 -9.55
CA GLY L 129 46.33 -35.14 -8.39
C GLY L 129 45.74 -33.80 -8.03
N LYS L 130 45.01 -33.19 -8.96
CA LYS L 130 44.44 -31.85 -8.75
C LYS L 130 42.93 -31.94 -8.46
N TRP L 131 42.50 -31.46 -7.30
CA TRP L 131 41.06 -31.40 -6.98
C TRP L 131 40.27 -30.49 -7.94
N GLN L 132 39.08 -30.92 -8.38
CA GLN L 132 38.27 -30.14 -9.29
C GLN L 132 36.81 -30.10 -8.86
N ASN L 133 36.18 -28.96 -9.09
CA ASN L 133 34.78 -28.79 -8.73
C ASN L 133 33.85 -29.33 -9.82
N VAL L 134 33.03 -30.35 -9.47
CA VAL L 134 32.15 -31.00 -10.45
C VAL L 134 30.72 -30.50 -10.36
N HIS L 135 30.37 -29.95 -9.22
CA HIS L 135 29.00 -29.48 -9.01
C HIS L 135 28.92 -28.48 -7.87
N PHE L 136 28.03 -27.51 -7.99
CA PHE L 136 27.76 -26.65 -6.86
C PHE L 136 26.35 -26.15 -6.83
N HIS L 137 25.93 -25.79 -5.63
CA HIS L 137 24.56 -25.40 -5.35
C HIS L 137 24.63 -24.24 -4.39
N ARG L 138 24.24 -23.04 -4.86
CA ARG L 138 24.13 -21.85 -4.00
C ARG L 138 22.67 -21.46 -3.86
N SER L 139 22.28 -21.05 -2.68
CA SER L 139 20.93 -20.56 -2.47
C SER L 139 20.99 -19.35 -1.57
N GLY L 140 20.10 -18.40 -1.80
CA GLY L 140 20.18 -17.09 -1.19
C GLY L 140 19.68 -17.17 0.21
N VAL M 12 -16.74 -12.42 -53.57
CA VAL M 12 -16.89 -12.09 -52.13
C VAL M 12 -15.52 -11.79 -51.52
N LYS M 13 -14.53 -12.64 -51.79
CA LYS M 13 -13.15 -12.47 -51.27
C LYS M 13 -12.52 -11.14 -51.72
N ALA M 14 -12.70 -10.77 -52.99
CA ALA M 14 -12.16 -9.52 -53.53
C ALA M 14 -12.88 -8.27 -53.02
N ARG M 15 -14.18 -8.41 -52.74
CA ARG M 15 -15.00 -7.31 -52.24
C ARG M 15 -14.63 -7.04 -50.78
N LYS M 16 -14.33 -8.12 -50.09
CA LYS M 16 -13.82 -8.03 -48.75
C LYS M 16 -12.46 -7.38 -48.74
N GLN M 17 -11.58 -7.76 -49.68
CA GLN M 17 -10.29 -7.08 -49.82
C GLN M 17 -10.42 -5.57 -49.99
N GLU M 18 -11.46 -5.15 -50.70
CA GLU M 18 -11.70 -3.75 -50.94
C GLU M 18 -11.84 -3.01 -49.61
N ILE M 19 -12.59 -3.59 -48.68
CA ILE M 19 -12.78 -2.98 -47.39
C ILE M 19 -11.49 -2.97 -46.58
N ILE M 20 -10.77 -4.07 -46.55
CA ILE M 20 -9.47 -4.11 -45.86
C ILE M 20 -8.52 -3.05 -46.45
N LYS M 21 -8.55 -2.89 -47.78
CA LYS M 21 -7.68 -1.92 -48.43
C LYS M 21 -8.04 -0.50 -47.98
N VAL M 22 -9.33 -0.18 -47.96
CA VAL M 22 -9.72 1.16 -47.58
C VAL M 22 -9.44 1.44 -46.08
N THR M 23 -9.65 0.43 -45.22
CA THR M 23 -9.32 0.54 -43.83
C THR M 23 -7.82 0.79 -43.65
N GLU M 24 -6.99 0.09 -44.41
CA GLU M 24 -5.54 0.36 -44.41
C GLU M 24 -5.24 1.77 -44.82
N GLN M 25 -5.90 2.25 -45.87
CA GLN M 25 -5.63 3.62 -46.34
C GLN M 25 -5.99 4.61 -45.28
N LEU M 26 -7.11 4.39 -44.61
CA LEU M 26 -7.56 5.27 -43.54
C LEU M 26 -6.46 5.37 -42.46
N ILE M 27 -6.00 4.21 -41.99
CA ILE M 27 -5.02 4.15 -40.90
C ILE M 27 -3.72 4.77 -41.39
N GLU M 28 -3.43 4.67 -42.67
CA GLU M 28 -2.21 5.31 -43.19
C GLU M 28 -2.31 6.83 -43.13
N ALA M 29 -3.52 7.31 -43.35
CA ALA M 29 -3.85 8.72 -43.18
C ALA M 29 -3.59 9.15 -41.75
N ILE M 30 -4.09 8.37 -40.79
CA ILE M 30 -3.94 8.74 -39.40
C ILE M 30 -2.44 8.78 -39.05
N ASN M 31 -1.70 7.75 -39.39
CA ASN M 31 -0.28 7.71 -39.03
C ASN M 31 0.55 8.77 -39.73
N ASN M 32 0.15 9.16 -40.93
CA ASN M 32 0.82 10.28 -41.60
C ASN M 32 0.43 11.65 -41.03
N GLY M 33 -0.62 11.68 -40.20
CA GLY M 33 -1.11 12.92 -39.63
C GLY M 33 -1.74 13.79 -40.68
N ASP M 34 -2.40 13.16 -41.66
CA ASP M 34 -2.97 13.88 -42.79
C ASP M 34 -4.50 14.02 -42.72
N PHE M 35 -4.95 15.18 -42.25
CA PHE M 35 -6.37 15.39 -41.99
C PHE M 35 -7.20 15.60 -43.26
N GLU M 36 -6.60 16.10 -44.33
CA GLU M 36 -7.33 16.20 -45.60
C GLU M 36 -7.66 14.77 -46.09
N ALA M 37 -6.64 13.92 -46.16
CA ALA M 37 -6.85 12.51 -46.49
C ALA M 37 -7.91 11.86 -45.54
N TYR M 38 -7.78 12.09 -44.25
CA TYR M 38 -8.74 11.53 -43.29
C TYR M 38 -10.15 12.05 -43.55
N THR M 39 -10.26 13.33 -43.88
CA THR M 39 -11.56 13.94 -44.12
C THR M 39 -12.20 13.41 -45.40
N LYS M 40 -11.37 13.02 -46.35
CA LYS M 40 -11.85 12.52 -47.63
C LYS M 40 -12.50 11.15 -47.39
N ILE M 41 -11.90 10.35 -46.51
CA ILE M 41 -12.32 8.96 -46.31
C ILE M 41 -13.49 8.79 -45.34
N CYS M 42 -13.77 9.82 -44.54
CA CYS M 42 -14.83 9.75 -43.52
C CYS M 42 -16.06 10.51 -43.95
N ASP M 43 -17.24 9.93 -43.72
CA ASP M 43 -18.48 10.66 -43.92
C ASP M 43 -18.45 11.86 -42.97
N PRO M 44 -18.88 13.05 -43.42
CA PRO M 44 -18.87 14.22 -42.54
C PRO M 44 -19.62 14.04 -41.21
N GLY M 45 -20.62 13.15 -41.19
CA GLY M 45 -21.41 12.83 -39.98
C GLY M 45 -20.96 11.56 -39.25
N LEU M 46 -19.72 11.18 -39.47
CA LEU M 46 -19.09 10.07 -38.80
C LEU M 46 -19.34 10.15 -37.31
N THR M 47 -19.71 9.02 -36.71
CA THR M 47 -19.82 8.94 -35.25
C THR M 47 -18.75 7.98 -34.78
N ALA M 48 -18.26 8.17 -33.55
CA ALA M 48 -17.18 7.33 -32.96
C ALA M 48 -17.39 7.08 -31.48
N PHE M 49 -17.03 5.88 -31.05
CA PHE M 49 -16.74 5.59 -29.67
C PHE M 49 -15.24 5.36 -29.63
N GLU M 50 -14.55 6.02 -28.72
CA GLU M 50 -13.11 5.78 -28.55
C GLU M 50 -12.66 6.22 -27.18
N PRO M 51 -11.56 5.65 -26.69
CA PRO M 51 -11.11 5.93 -25.32
C PRO M 51 -10.84 7.37 -25.02
N GLU M 52 -10.42 8.13 -26.00
CA GLU M 52 -10.11 9.53 -25.82
C GLU M 52 -11.39 10.35 -25.69
N ALA M 53 -12.51 9.85 -26.21
CA ALA M 53 -13.84 10.47 -26.02
C ALA M 53 -14.43 10.16 -24.62
N LEU M 54 -13.69 9.45 -23.77
CA LEU M 54 -14.06 9.26 -22.40
C LEU M 54 -15.46 8.70 -22.16
N GLY M 55 -15.95 7.83 -23.04
CA GLY M 55 -17.29 7.26 -22.83
C GLY M 55 -18.44 7.99 -23.50
N ASN M 56 -18.16 9.08 -24.22
CA ASN M 56 -19.16 9.74 -25.05
C ASN M 56 -19.11 9.29 -26.49
N LEU M 57 -20.25 9.40 -27.17
CA LEU M 57 -20.32 9.15 -28.59
C LEU M 57 -20.05 10.46 -29.21
N VAL M 58 -19.01 10.57 -30.01
CA VAL M 58 -18.71 11.85 -30.68
C VAL M 58 -19.12 11.82 -32.17
N GLU M 59 -19.35 13.01 -32.71
CA GLU M 59 -19.99 13.13 -33.99
C GLU M 59 -19.30 14.18 -34.83
N GLY M 60 -18.97 13.82 -36.07
CA GLY M 60 -18.33 14.74 -36.99
C GLY M 60 -16.82 14.79 -36.82
N MET M 61 -16.21 15.71 -37.54
CA MET M 61 -14.79 15.78 -37.60
C MET M 61 -14.19 16.65 -36.49
N ASP M 62 -14.98 17.59 -35.95
CA ASP M 62 -14.51 18.58 -34.95
C ASP M 62 -13.53 17.92 -33.96
N PHE M 63 -13.98 16.83 -33.35
CA PHE M 63 -13.25 16.22 -32.24
C PHE M 63 -11.86 15.68 -32.63
N HIS M 64 -11.75 15.10 -33.81
CA HIS M 64 -10.50 14.48 -34.22
C HIS M 64 -9.50 15.54 -34.70
N ARG M 65 -10.00 16.63 -35.23
CA ARG M 65 -9.12 17.67 -35.75
C ARG M 65 -8.01 18.00 -34.77
N PHE M 66 -8.36 18.17 -33.50
CA PHE M 66 -7.43 18.64 -32.47
C PHE M 66 -6.26 17.69 -32.38
N TYR M 67 -6.55 16.41 -32.50
CA TYR M 67 -5.50 15.40 -32.45
C TYR M 67 -4.52 15.47 -33.66
N PHE M 68 -5.03 15.79 -34.85
CA PHE M 68 -4.15 15.96 -36.01
C PHE M 68 -3.33 17.22 -35.90
N GLU M 69 -3.98 18.33 -35.61
CA GLU M 69 -3.31 19.62 -35.60
C GLU M 69 -2.21 19.70 -34.55
N ASN M 70 -2.40 19.05 -33.41
CA ASN M 70 -1.48 19.20 -32.27
C ASN M 70 -0.67 17.93 -31.99
N ALA M 71 -0.77 16.94 -32.86
CA ALA M 71 0.12 15.79 -32.76
C ALA M 71 1.47 16.15 -33.41
N ASN M 76 9.25 12.87 -35.71
CA ASN M 76 10.27 12.07 -36.39
C ASN M 76 10.42 10.66 -35.77
N LYS M 77 9.29 10.09 -35.30
CA LYS M 77 9.26 8.80 -34.57
C LYS M 77 8.41 7.73 -35.31
N PRO M 78 9.01 6.58 -35.70
CA PRO M 78 8.35 5.59 -36.59
C PRO M 78 7.24 4.77 -35.94
N ILE M 79 6.25 4.39 -36.75
CA ILE M 79 5.04 3.72 -36.29
C ILE M 79 4.65 2.72 -37.32
N HIS M 80 4.13 1.56 -36.91
CA HIS M 80 3.64 0.56 -37.83
C HIS M 80 2.33 0.03 -37.30
N THR M 81 1.33 -0.10 -38.15
CA THR M 81 0.08 -0.64 -37.71
C THR M 81 -0.15 -1.94 -38.38
N ILE M 82 -0.82 -2.86 -37.69
CA ILE M 82 -1.16 -4.14 -38.28
C ILE M 82 -2.61 -4.35 -38.03
N ILE M 83 -3.35 -4.59 -39.09
CA ILE M 83 -4.74 -4.96 -39.02
C ILE M 83 -4.80 -6.46 -38.89
N LEU M 84 -5.12 -6.97 -37.72
CA LEU M 84 -4.95 -8.39 -37.44
C LEU M 84 -6.27 -9.13 -37.44
N ASN M 85 -6.32 -10.24 -38.15
CA ASN M 85 -7.49 -11.09 -38.13
C ASN M 85 -8.78 -10.34 -38.50
N PRO M 86 -8.71 -9.51 -39.54
CA PRO M 86 -9.89 -8.78 -39.96
C PRO M 86 -11.02 -9.69 -40.41
N HIS M 87 -12.24 -9.45 -39.94
CA HIS M 87 -13.46 -10.12 -40.41
C HIS M 87 -14.32 -9.03 -40.99
N VAL M 88 -14.86 -9.26 -42.18
CA VAL M 88 -15.60 -8.26 -42.96
C VAL M 88 -16.96 -8.83 -43.29
N HIS M 89 -18.04 -8.14 -42.95
CA HIS M 89 -19.36 -8.52 -43.41
C HIS M 89 -19.77 -7.56 -44.50
N LEU M 90 -20.32 -8.10 -45.57
CA LEU M 90 -20.90 -7.29 -46.64
C LEU M 90 -22.39 -7.21 -46.35
N VAL M 91 -22.94 -6.02 -46.27
CA VAL M 91 -24.27 -5.84 -45.72
C VAL M 91 -25.11 -5.11 -46.76
N GLY M 92 -25.39 -5.77 -47.88
CA GLY M 92 -25.97 -5.10 -49.04
C GLY M 92 -24.85 -4.57 -49.93
N ASP M 93 -25.20 -4.11 -51.12
CA ASP M 93 -24.18 -3.80 -52.13
C ASP M 93 -23.25 -2.61 -51.78
N ASP M 94 -23.79 -1.59 -51.12
CA ASP M 94 -23.04 -0.38 -50.83
C ASP M 94 -22.67 -0.23 -49.34
N ALA M 95 -22.68 -1.34 -48.60
CA ALA M 95 -22.46 -1.30 -47.15
C ALA M 95 -21.63 -2.49 -46.69
N ALA M 96 -20.64 -2.21 -45.83
CA ALA M 96 -19.79 -3.22 -45.21
C ALA M 96 -19.42 -2.83 -43.77
N CYS M 97 -19.08 -3.82 -42.97
CA CYS M 97 -18.28 -3.49 -41.80
C CYS M 97 -17.12 -4.45 -41.62
N ILE M 98 -16.14 -4.00 -40.86
CA ILE M 98 -14.90 -4.70 -40.67
C ILE M 98 -14.53 -4.62 -39.22
N ALA M 99 -14.13 -5.74 -38.64
CA ALA M 99 -13.75 -5.83 -37.24
C ALA M 99 -12.38 -6.44 -37.19
N TYR M 100 -11.45 -5.88 -36.43
CA TYR M 100 -10.07 -6.35 -36.40
C TYR M 100 -9.36 -5.94 -35.11
N ILE M 101 -8.30 -6.65 -34.75
CA ILE M 101 -7.34 -6.11 -33.77
C ILE M 101 -6.34 -5.17 -34.46
N ARG M 102 -6.23 -3.96 -33.94
CA ARG M 102 -5.28 -2.98 -34.45
C ARG M 102 -4.04 -3.03 -33.54
N LEU M 103 -2.96 -3.62 -34.03
CA LEU M 103 -1.69 -3.60 -33.34
C LEU M 103 -0.98 -2.34 -33.74
N THR M 104 -0.40 -1.63 -32.79
CA THR M 104 0.42 -0.49 -33.16
C THR M 104 1.81 -0.70 -32.59
N GLN M 105 2.81 -0.64 -33.46
CA GLN M 105 4.19 -0.73 -33.03
C GLN M 105 4.73 0.67 -33.07
N TYR M 106 5.41 1.05 -32.01
CA TYR M 106 5.85 2.43 -31.87
C TYR M 106 7.07 2.48 -30.97
N MET M 107 7.66 3.67 -30.87
CA MET M 107 8.85 3.85 -30.08
C MET M 107 8.44 4.57 -28.81
N ASP M 108 9.01 4.18 -27.68
CA ASP M 108 8.57 4.71 -26.37
C ASP M 108 9.54 5.76 -25.85
N GLY M 109 9.19 6.29 -24.67
CA GLY M 109 10.03 7.23 -23.92
C GLY M 109 11.40 6.69 -23.58
N SER M 110 11.45 5.45 -23.06
CA SER M 110 12.74 4.79 -22.77
C SER M 110 13.60 4.53 -24.04
N GLY M 111 13.14 5.03 -25.21
CA GLY M 111 13.83 4.86 -26.51
C GLY M 111 13.57 3.54 -27.25
N MET M 112 12.68 2.70 -26.70
CA MET M 112 12.60 1.30 -27.11
C MET M 112 11.33 1.01 -27.92
N PRO M 113 11.39 -0.01 -28.80
CA PRO M 113 10.19 -0.41 -29.55
C PRO M 113 9.15 -1.11 -28.65
N LYS M 114 7.88 -0.85 -28.89
CA LYS M 114 6.78 -1.42 -28.11
C LYS M 114 5.53 -1.60 -28.96
N THR M 115 4.68 -2.54 -28.58
CA THR M 115 3.42 -2.79 -29.26
C THR M 115 2.28 -2.62 -28.29
N MET M 116 1.17 -2.11 -28.79
CA MET M 116 -0.07 -2.01 -28.04
C MET M 116 -1.20 -2.43 -28.94
N GLN M 117 -2.38 -2.59 -28.39
CA GLN M 117 -3.48 -3.08 -29.19
C GLN M 117 -4.82 -2.50 -28.83
N SER M 118 -5.74 -2.66 -29.77
CA SER M 118 -7.07 -2.15 -29.64
C SER M 118 -7.99 -3.04 -30.44
N GLU M 119 -9.21 -3.18 -29.97
CA GLU M 119 -10.26 -3.78 -30.76
C GLU M 119 -10.91 -2.63 -31.53
N GLU M 120 -11.22 -2.84 -32.81
CA GLU M 120 -11.74 -1.77 -33.64
C GLU M 120 -12.81 -2.29 -34.59
N THR M 121 -13.95 -1.61 -34.61
CA THR M 121 -15.01 -1.87 -35.57
C THR M 121 -15.18 -0.61 -36.41
N ARG M 122 -15.37 -0.78 -37.73
CA ARG M 122 -15.61 0.33 -38.65
C ARG M 122 -16.73 -0.05 -39.60
N VAL M 123 -17.65 0.87 -39.83
CA VAL M 123 -18.74 0.63 -40.77
C VAL M 123 -18.57 1.54 -41.95
N TRP M 124 -18.64 0.95 -43.13
CA TRP M 124 -18.33 1.61 -44.39
C TRP M 124 -19.54 1.70 -45.34
N HIS M 125 -19.63 2.80 -46.07
CA HIS M 125 -20.76 3.07 -46.98
C HIS M 125 -20.19 3.63 -48.26
N ARG M 126 -20.66 3.12 -49.40
CA ARG M 126 -20.15 3.57 -50.69
C ARG M 126 -21.07 4.62 -51.27
N ARG M 127 -20.51 5.82 -51.49
CA ARG M 127 -21.22 6.94 -52.13
C ARG M 127 -20.46 7.23 -53.40
N ASP M 128 -21.19 7.50 -54.48
CA ASP M 128 -20.62 7.71 -55.84
C ASP M 128 -19.27 7.02 -56.08
N GLY M 129 -19.19 5.72 -55.78
CA GLY M 129 -17.98 4.91 -56.02
C GLY M 129 -16.93 4.86 -54.91
N LYS M 130 -16.87 5.88 -54.06
CA LYS M 130 -15.87 5.91 -52.98
C LYS M 130 -16.47 5.30 -51.71
N TRP M 131 -15.75 4.40 -51.06
CA TRP M 131 -16.15 3.90 -49.72
C TRP M 131 -15.86 4.93 -48.66
N GLN M 132 -16.77 5.13 -47.71
CA GLN M 132 -16.56 6.15 -46.66
C GLN M 132 -16.93 5.64 -45.28
N ASN M 133 -16.11 5.97 -44.30
CA ASN M 133 -16.33 5.46 -42.93
C ASN M 133 -17.43 6.28 -42.26
N VAL M 134 -18.51 5.60 -41.86
CA VAL M 134 -19.65 6.30 -41.25
C VAL M 134 -19.68 6.16 -39.72
N HIS M 135 -19.00 5.14 -39.21
CA HIS M 135 -18.93 4.97 -37.77
C HIS M 135 -17.72 4.11 -37.41
N PHE M 136 -17.24 4.25 -36.17
CA PHE M 136 -16.22 3.35 -35.64
C PHE M 136 -16.21 3.30 -34.14
N HIS M 137 -15.64 2.23 -33.62
CA HIS M 137 -15.70 1.91 -32.20
C HIS M 137 -14.38 1.27 -31.90
N ARG M 138 -13.55 1.97 -31.11
CA ARG M 138 -12.26 1.45 -30.62
C ARG M 138 -12.40 1.26 -29.14
N SER M 139 -11.81 0.20 -28.63
CA SER M 139 -11.76 -0.05 -27.19
C SER M 139 -10.42 -0.69 -26.84
N GLY M 140 -9.95 -0.41 -25.64
CA GLY M 140 -8.59 -0.74 -25.28
C GLY M 140 -8.56 -2.17 -24.83
N THR N 5 -47.90 22.70 -33.46
CA THR N 5 -47.83 21.40 -34.19
C THR N 5 -46.43 21.22 -34.82
N THR N 6 -46.40 21.19 -36.15
CA THR N 6 -45.20 21.32 -36.99
C THR N 6 -44.38 22.62 -36.74
N ILE N 7 -45.02 23.79 -36.96
CA ILE N 7 -44.39 25.13 -36.87
C ILE N 7 -43.67 25.40 -35.51
N GLU N 8 -44.19 24.87 -34.41
CA GLU N 8 -43.56 25.05 -33.09
C GLU N 8 -42.21 24.35 -33.04
N ASP N 9 -42.04 23.25 -33.79
CA ASP N 9 -40.78 22.48 -33.81
C ASP N 9 -39.63 23.37 -34.26
N GLU N 10 -39.85 24.10 -35.36
CA GLU N 10 -38.82 24.97 -35.97
C GLU N 10 -38.54 26.13 -35.04
N ASP N 11 -39.63 26.80 -34.63
CA ASP N 11 -39.58 27.87 -33.61
C ASP N 11 -38.63 27.48 -32.52
N VAL N 12 -38.95 26.34 -31.95
CA VAL N 12 -38.23 25.75 -30.83
C VAL N 12 -36.77 25.41 -31.19
N LYS N 13 -36.54 24.79 -32.37
CA LYS N 13 -35.18 24.46 -32.84
C LYS N 13 -34.31 25.73 -32.86
N ALA N 14 -34.79 26.80 -33.50
CA ALA N 14 -34.04 28.06 -33.56
C ALA N 14 -33.80 28.71 -32.17
N ARG N 15 -34.80 28.71 -31.30
CA ARG N 15 -34.68 29.29 -29.96
C ARG N 15 -33.61 28.55 -29.17
N LYS N 16 -33.61 27.24 -29.29
CA LYS N 16 -32.63 26.42 -28.65
C LYS N 16 -31.22 26.68 -29.18
N GLN N 17 -31.07 26.86 -30.47
CA GLN N 17 -29.76 27.23 -31.02
C GLN N 17 -29.23 28.50 -30.38
N GLU N 18 -30.13 29.42 -30.11
CA GLU N 18 -29.75 30.71 -29.58
C GLU N 18 -29.03 30.50 -28.24
N ILE N 19 -29.53 29.56 -27.44
CA ILE N 19 -28.93 29.25 -26.15
C ILE N 19 -27.61 28.54 -26.32
N ILE N 20 -27.55 27.58 -27.24
CA ILE N 20 -26.30 26.88 -27.54
C ILE N 20 -25.25 27.86 -28.03
N LYS N 21 -25.67 28.79 -28.88
CA LYS N 21 -24.75 29.78 -29.43
C LYS N 21 -24.20 30.63 -28.31
N VAL N 22 -25.05 31.06 -27.40
CA VAL N 22 -24.58 31.99 -26.37
C VAL N 22 -23.66 31.25 -25.37
N THR N 23 -24.00 30.00 -25.04
CA THR N 23 -23.15 29.15 -24.23
C THR N 23 -21.80 28.98 -24.89
N GLU N 24 -21.78 28.85 -26.21
CA GLU N 24 -20.52 28.74 -26.94
C GLU N 24 -19.69 30.00 -26.83
N GLN N 25 -20.35 31.14 -26.85
CA GLN N 25 -19.63 32.40 -26.74
C GLN N 25 -19.05 32.57 -25.34
N LEU N 26 -19.79 32.11 -24.34
CA LEU N 26 -19.32 32.19 -22.97
C LEU N 26 -18.04 31.40 -22.82
N ILE N 27 -18.07 30.14 -23.26
CA ILE N 27 -16.91 29.26 -23.12
C ILE N 27 -15.72 29.84 -23.88
N GLU N 28 -15.98 30.49 -24.99
CA GLU N 28 -14.91 31.08 -25.78
C GLU N 28 -14.27 32.24 -25.05
N ALA N 29 -15.09 33.00 -24.31
CA ALA N 29 -14.59 34.09 -23.46
C ALA N 29 -13.65 33.51 -22.41
N ILE N 30 -14.13 32.46 -21.72
CA ILE N 30 -13.33 31.74 -20.73
C ILE N 30 -12.00 31.27 -21.35
N ASN N 31 -12.06 30.51 -22.44
CA ASN N 31 -10.83 30.00 -23.05
C ASN N 31 -9.89 31.10 -23.51
N ASN N 32 -10.44 32.24 -23.89
CA ASN N 32 -9.61 33.41 -24.25
C ASN N 32 -9.13 34.22 -23.05
N GLY N 33 -9.62 33.92 -21.86
CA GLY N 33 -9.23 34.65 -20.67
C GLY N 33 -9.70 36.09 -20.71
N ASP N 34 -10.84 36.31 -21.36
CA ASP N 34 -11.40 37.66 -21.50
C ASP N 34 -12.46 37.92 -20.41
N PHE N 35 -12.02 38.49 -19.30
CA PHE N 35 -12.90 38.73 -18.19
C PHE N 35 -13.98 39.77 -18.49
N GLU N 36 -13.61 40.83 -19.21
CA GLU N 36 -14.59 41.85 -19.61
C GLU N 36 -15.76 41.17 -20.38
N ALA N 37 -15.43 40.35 -21.38
CA ALA N 37 -16.45 39.62 -22.14
C ALA N 37 -17.25 38.71 -21.21
N TYR N 38 -16.58 37.96 -20.35
CA TYR N 38 -17.24 37.07 -19.39
C TYR N 38 -18.22 37.87 -18.52
N THR N 39 -17.79 39.05 -18.09
CA THR N 39 -18.61 39.91 -17.25
C THR N 39 -19.85 40.35 -17.99
N LYS N 40 -19.73 40.71 -19.26
CA LYS N 40 -20.91 41.15 -20.02
C LYS N 40 -21.94 40.02 -20.18
N ILE N 41 -21.48 38.77 -20.23
CA ILE N 41 -22.39 37.65 -20.45
C ILE N 41 -22.98 37.06 -19.17
N CYS N 42 -22.40 37.42 -18.03
CA CYS N 42 -22.87 36.91 -16.75
C CYS N 42 -23.66 37.97 -16.04
N ASP N 43 -24.78 37.56 -15.45
CA ASP N 43 -25.50 38.40 -14.51
C ASP N 43 -24.54 38.72 -13.36
N PRO N 44 -24.51 39.97 -12.87
CA PRO N 44 -23.61 40.30 -11.76
C PRO N 44 -23.82 39.50 -10.49
N GLY N 45 -24.99 38.89 -10.32
CA GLY N 45 -25.29 38.05 -9.15
C GLY N 45 -25.28 36.57 -9.46
N LEU N 46 -24.45 36.22 -10.43
CA LEU N 46 -24.22 34.84 -10.84
C LEU N 46 -23.86 34.00 -9.63
N THR N 47 -24.48 32.83 -9.52
CA THR N 47 -24.13 31.88 -8.50
C THR N 47 -23.59 30.65 -9.17
N ALA N 48 -22.58 30.01 -8.57
CA ALA N 48 -21.94 28.84 -9.21
C ALA N 48 -21.67 27.73 -8.20
N PHE N 49 -21.82 26.50 -8.66
CA PHE N 49 -21.22 25.35 -8.05
C PHE N 49 -20.10 24.88 -8.99
N GLU N 50 -18.90 24.71 -8.45
CA GLU N 50 -17.84 24.15 -9.27
C GLU N 50 -16.76 23.50 -8.41
N PRO N 51 -16.05 22.52 -8.95
CA PRO N 51 -14.97 21.87 -8.20
C PRO N 51 -13.98 22.77 -7.53
N GLU N 52 -13.64 23.89 -8.13
CA GLU N 52 -12.64 24.79 -7.56
C GLU N 52 -13.20 25.50 -6.32
N ALA N 53 -14.54 25.65 -6.27
CA ALA N 53 -15.20 26.24 -5.09
C ALA N 53 -15.35 25.24 -3.91
N LEU N 54 -14.81 24.04 -4.07
CA LEU N 54 -14.65 23.08 -2.98
C LEU N 54 -15.93 22.73 -2.23
N GLY N 55 -17.07 22.60 -2.92
CA GLY N 55 -18.29 22.27 -2.22
C GLY N 55 -19.17 23.44 -1.80
N ASN N 56 -18.66 24.66 -1.89
CA ASN N 56 -19.43 25.86 -1.58
C ASN N 56 -20.12 26.42 -2.82
N LEU N 57 -21.27 27.06 -2.62
CA LEU N 57 -21.91 27.90 -3.65
C LEU N 57 -21.28 29.31 -3.63
N VAL N 58 -20.63 29.72 -4.71
CA VAL N 58 -20.04 31.05 -4.77
C VAL N 58 -20.95 32.01 -5.51
N GLU N 59 -20.83 33.29 -5.17
CA GLU N 59 -21.74 34.30 -5.65
C GLU N 59 -20.94 35.46 -6.25
N GLY N 60 -21.41 35.99 -7.37
CA GLY N 60 -20.78 37.14 -8.01
C GLY N 60 -19.54 36.81 -8.81
N MET N 61 -18.83 37.86 -9.19
CA MET N 61 -17.71 37.73 -10.07
C MET N 61 -16.37 37.65 -9.33
N ASP N 62 -16.33 38.06 -8.05
CA ASP N 62 -15.10 38.10 -7.23
C ASP N 62 -14.31 36.82 -7.42
N PHE N 63 -14.98 35.68 -7.23
CA PHE N 63 -14.30 34.38 -7.14
C PHE N 63 -13.62 33.97 -8.45
N HIS N 64 -14.26 34.26 -9.57
CA HIS N 64 -13.75 33.88 -10.89
C HIS N 64 -12.62 34.82 -11.36
N ARG N 65 -12.69 36.08 -10.97
CA ARG N 65 -11.70 37.03 -11.39
C ARG N 65 -10.28 36.53 -11.14
N PHE N 66 -10.04 35.87 -10.01
CA PHE N 66 -8.69 35.41 -9.66
C PHE N 66 -8.15 34.45 -10.72
N TYR N 67 -9.02 33.58 -11.19
CA TYR N 67 -8.64 32.62 -12.23
C TYR N 67 -8.25 33.30 -13.54
N PHE N 68 -9.02 34.29 -13.98
CA PHE N 68 -8.70 35.02 -15.19
C PHE N 68 -7.38 35.78 -15.02
N GLU N 69 -7.27 36.52 -13.91
CA GLU N 69 -6.12 37.38 -13.69
C GLU N 69 -4.80 36.65 -13.54
N ASN N 70 -4.83 35.40 -13.14
CA ASN N 70 -3.59 34.69 -12.80
C ASN N 70 -3.41 33.37 -13.53
N ALA N 71 -4.18 33.13 -14.57
CA ALA N 71 -3.96 31.93 -15.37
C ALA N 71 -3.59 32.35 -16.79
N LYS N 77 0.26 26.34 -25.63
CA LYS N 77 -0.72 25.46 -25.02
C LYS N 77 -2.19 25.77 -25.49
N PRO N 78 -2.53 25.44 -26.76
CA PRO N 78 -3.88 25.56 -27.36
C PRO N 78 -4.93 24.69 -26.67
N ILE N 79 -6.19 25.03 -26.90
CA ILE N 79 -7.31 24.44 -26.19
C ILE N 79 -8.50 24.42 -27.12
N HIS N 80 -9.31 23.37 -27.04
CA HIS N 80 -10.54 23.29 -27.79
C HIS N 80 -11.61 22.76 -26.86
N THR N 81 -12.78 23.35 -26.93
CA THR N 81 -13.90 22.89 -26.15
C THR N 81 -14.96 22.35 -27.08
N ILE N 82 -15.65 21.30 -26.65
CA ILE N 82 -16.74 20.78 -27.43
C ILE N 82 -17.89 20.70 -26.48
N ILE N 83 -19.01 21.29 -26.87
CA ILE N 83 -20.26 21.15 -26.13
C ILE N 83 -20.95 19.92 -26.68
N LEU N 84 -21.01 18.87 -25.89
CA LEU N 84 -21.46 17.57 -26.39
C LEU N 84 -22.86 17.28 -25.91
N ASN N 85 -23.71 16.88 -26.83
CA ASN N 85 -25.02 16.38 -26.48
C ASN N 85 -25.89 17.37 -25.69
N PRO N 86 -25.86 18.64 -26.09
CA PRO N 86 -26.59 19.62 -25.30
C PRO N 86 -28.10 19.40 -25.32
N HIS N 87 -28.77 19.51 -24.18
CA HIS N 87 -30.22 19.54 -24.08
C HIS N 87 -30.60 20.90 -23.52
N VAL N 88 -31.53 21.57 -24.17
CA VAL N 88 -31.96 22.90 -23.79
C VAL N 88 -33.43 22.82 -23.37
N HIS N 89 -33.77 23.39 -22.23
CA HIS N 89 -35.18 23.59 -21.90
C HIS N 89 -35.56 25.05 -22.04
N LEU N 90 -36.62 25.34 -22.77
CA LEU N 90 -37.13 26.70 -22.83
C LEU N 90 -38.18 26.82 -21.73
N VAL N 91 -37.97 27.77 -20.83
CA VAL N 91 -38.73 27.85 -19.59
C VAL N 91 -39.38 29.22 -19.54
N GLY N 92 -40.36 29.46 -20.43
CA GLY N 92 -40.92 30.81 -20.64
C GLY N 92 -40.12 31.61 -21.65
N ASP N 93 -40.62 32.77 -22.06
CA ASP N 93 -40.02 33.53 -23.16
C ASP N 93 -38.60 34.04 -22.84
N ASP N 94 -38.34 34.47 -21.62
CA ASP N 94 -37.07 35.11 -21.29
C ASP N 94 -36.13 34.25 -20.43
N ALA N 95 -36.34 32.93 -20.42
CA ALA N 95 -35.59 32.02 -19.55
C ALA N 95 -35.31 30.67 -20.22
N ALA N 96 -34.08 30.18 -20.13
CA ALA N 96 -33.75 28.83 -20.59
C ALA N 96 -32.67 28.20 -19.71
N CYS N 97 -32.56 26.88 -19.76
CA CYS N 97 -31.36 26.25 -19.27
C CYS N 97 -30.86 25.19 -20.20
N ILE N 98 -29.57 24.95 -20.08
CA ILE N 98 -28.84 24.11 -21.00
C ILE N 98 -27.96 23.18 -20.21
N ALA N 99 -27.96 21.90 -20.60
CA ALA N 99 -27.15 20.89 -19.91
C ALA N 99 -26.38 20.12 -20.96
N TYR N 100 -25.08 19.95 -20.71
CA TYR N 100 -24.20 19.33 -21.70
C TYR N 100 -22.94 18.74 -21.07
N ILE N 101 -22.28 17.85 -21.78
CA ILE N 101 -20.94 17.46 -21.42
C ILE N 101 -19.96 18.43 -22.07
N ARG N 102 -19.09 18.99 -21.26
CA ARG N 102 -18.09 19.89 -21.75
C ARG N 102 -16.78 19.15 -21.85
N LEU N 103 -16.39 18.83 -23.08
CA LEU N 103 -15.11 18.20 -23.36
C LEU N 103 -14.09 19.29 -23.54
N THR N 104 -12.95 19.13 -22.93
CA THR N 104 -11.85 20.05 -23.18
C THR N 104 -10.66 19.27 -23.70
N GLN N 105 -10.17 19.69 -24.85
CA GLN N 105 -8.95 19.12 -25.43
C GLN N 105 -7.85 20.10 -25.13
N TYR N 106 -6.73 19.59 -24.63
CA TYR N 106 -5.63 20.46 -24.17
C TYR N 106 -4.31 19.72 -24.28
N MET N 107 -3.21 20.42 -24.07
CA MET N 107 -1.88 19.80 -24.12
C MET N 107 -1.35 19.58 -22.72
N ASP N 108 -0.83 18.39 -22.45
CA ASP N 108 -0.41 18.03 -21.08
C ASP N 108 1.06 18.37 -20.81
N GLY N 109 1.45 18.21 -19.54
CA GLY N 109 2.83 18.36 -19.08
C GLY N 109 3.83 17.53 -19.88
N SER N 110 3.46 16.27 -20.16
CA SER N 110 4.31 15.35 -20.97
C SER N 110 4.44 15.78 -22.44
N GLY N 111 3.82 16.90 -22.83
CA GLY N 111 3.87 17.41 -24.19
C GLY N 111 2.73 16.95 -25.12
N MET N 112 1.83 16.12 -24.60
CA MET N 112 0.86 15.37 -25.42
C MET N 112 -0.59 15.88 -25.33
N PRO N 113 -1.42 15.59 -26.34
CA PRO N 113 -2.80 16.01 -26.32
C PRO N 113 -3.69 15.09 -25.48
N LYS N 114 -4.50 15.68 -24.61
CA LYS N 114 -5.41 14.95 -23.75
C LYS N 114 -6.82 15.58 -23.80
N THR N 115 -7.81 14.78 -23.46
CA THR N 115 -9.19 15.26 -23.32
C THR N 115 -9.66 15.04 -21.91
N MET N 116 -10.43 15.97 -21.37
CA MET N 116 -11.06 15.75 -20.09
C MET N 116 -12.52 16.14 -20.20
N GLN N 117 -13.31 15.86 -19.18
CA GLN N 117 -14.73 16.18 -19.26
C GLN N 117 -15.37 16.67 -17.98
N SER N 118 -16.47 17.38 -18.13
CA SER N 118 -17.28 17.87 -17.01
C SER N 118 -18.70 17.82 -17.42
N GLU N 119 -19.57 17.55 -16.47
CA GLU N 119 -20.98 17.74 -16.66
C GLU N 119 -21.20 19.20 -16.34
N GLU N 120 -22.04 19.89 -17.09
CA GLU N 120 -22.26 21.32 -16.87
C GLU N 120 -23.73 21.70 -17.14
N THR N 121 -24.30 22.46 -16.20
CA THR N 121 -25.63 23.05 -16.32
C THR N 121 -25.49 24.57 -16.27
N ARG N 122 -26.18 25.27 -17.17
CA ARG N 122 -26.23 26.72 -17.16
C ARG N 122 -27.68 27.24 -17.31
N VAL N 123 -28.02 28.23 -16.48
CA VAL N 123 -29.34 28.84 -16.54
C VAL N 123 -29.21 30.27 -17.06
N TRP N 124 -30.05 30.57 -18.04
CA TRP N 124 -29.95 31.79 -18.83
C TRP N 124 -31.19 32.64 -18.71
N HIS N 125 -31.02 33.96 -18.67
CA HIS N 125 -32.11 34.89 -18.52
C HIS N 125 -31.86 36.03 -19.51
N ARG N 126 -32.89 36.41 -20.25
CA ARG N 126 -32.74 37.46 -21.23
C ARG N 126 -33.14 38.77 -20.60
N ARG N 127 -32.19 39.71 -20.49
CA ARG N 127 -32.48 41.08 -20.03
C ARG N 127 -32.14 41.99 -21.18
N ASP N 128 -32.99 43.00 -21.41
CA ASP N 128 -32.84 43.95 -22.51
C ASP N 128 -32.34 43.34 -23.82
N GLY N 129 -32.94 42.21 -24.22
CA GLY N 129 -32.59 41.55 -25.49
C GLY N 129 -31.34 40.66 -25.48
N LYS N 130 -30.48 40.80 -24.45
CA LYS N 130 -29.23 40.04 -24.38
C LYS N 130 -29.34 38.89 -23.33
N TRP N 131 -29.14 37.65 -23.77
CA TRP N 131 -29.10 36.51 -22.82
C TRP N 131 -27.96 36.61 -21.81
N GLN N 132 -28.24 36.31 -20.55
CA GLN N 132 -27.22 36.36 -19.52
C GLN N 132 -27.23 35.13 -18.59
N ASN N 133 -26.03 34.70 -18.18
CA ASN N 133 -25.91 33.52 -17.34
C ASN N 133 -26.14 33.89 -15.87
N VAL N 134 -27.17 33.31 -15.25
CA VAL N 134 -27.50 33.63 -13.86
C VAL N 134 -27.00 32.61 -12.85
N HIS N 135 -26.72 31.39 -13.33
CA HIS N 135 -26.28 30.29 -12.48
C HIS N 135 -25.60 29.22 -13.31
N PHE N 136 -24.60 28.57 -12.73
CA PHE N 136 -24.06 27.36 -13.34
C PHE N 136 -23.56 26.37 -12.32
N HIS N 137 -23.48 25.12 -12.77
CA HIS N 137 -23.15 23.99 -11.93
C HIS N 137 -22.26 23.13 -12.80
N ARG N 138 -20.98 22.99 -12.42
CA ARG N 138 -20.07 22.07 -13.09
C ARG N 138 -19.66 20.99 -12.08
N SER N 139 -19.58 19.75 -12.53
CA SER N 139 -19.11 18.67 -11.70
C SER N 139 -18.18 17.77 -12.51
N GLY N 140 -17.18 17.22 -11.85
CA GLY N 140 -16.07 16.57 -12.52
C GLY N 140 -16.47 15.19 -12.94
C ACT O . 15.64 -18.14 29.56
O ACT O . 16.02 -18.70 28.51
OXT ACT O . 16.55 -18.20 30.42
CH3 ACT O . 14.29 -17.48 29.70
C ACT P . 14.83 -34.51 3.32
O ACT P . 15.83 -35.32 3.32
OXT ACT P . 14.44 -34.29 2.10
CH3 ACT P . 14.17 -33.86 4.57
CD CD Q . 32.61 -50.31 -2.04
C ACT R . 11.82 -14.45 -32.56
O ACT R . 11.73 -15.27 -33.56
OXT ACT R . 12.43 -15.02 -31.59
CH3 ACT R . 11.29 -13.00 -32.51
C ACT S . -3.10 -30.77 -21.86
O ACT S . -2.75 -31.56 -22.81
OXT ACT S . -3.53 -29.65 -22.34
CH3 ACT S . -3.02 -31.06 -20.35
C ACT T . -5.72 34.69 12.93
O ACT T . -6.15 35.50 13.79
OXT ACT T . -6.54 34.61 11.97
CH3 ACT T . -4.40 33.91 13.02
C ACT U . -2.13 6.07 37.34
O ACT U . -1.03 5.56 37.03
OXT ACT U . -2.02 6.80 38.36
CH3 ACT U . -3.43 5.86 36.59
CD CD V . 8.12 18.30 57.33
C ACT W . -25.02 -9.67 -26.63
O ACT W . -25.41 -9.69 -27.83
OXT ACT W . -25.00 -8.49 -26.19
CH3 ACT W . -24.57 -10.87 -25.80
C ACT X . -23.89 19.60 20.02
O ACT X . -22.83 19.73 20.68
OXT ACT X . -24.63 20.57 20.37
CH3 ACT X . -24.22 18.49 18.99
CD CD Y . -20.94 45.24 33.04
C ACT Z . -33.80 12.90 -7.83
O ACT Z . -33.32 13.69 -6.98
OXT ACT Z . -34.66 13.50 -8.55
CH3 ACT Z . -33.35 11.43 -7.98
C ACT AA . 16.47 19.44 27.97
O ACT AA . 15.33 19.94 27.78
OXT ACT AA . 16.73 19.52 29.20
CH3 ACT AA . 17.36 18.82 26.88
CD CD BA . 16.67 26.05 52.23
CD CD CA . 8.02 26.92 55.33
CD CD DA . 14.06 25.54 53.23
C ACT EA . 32.64 -4.87 17.60
O ACT EA . 33.43 -5.63 18.27
OXT ACT EA . 32.02 -4.15 18.43
CH3 ACT EA . 32.40 -4.81 16.08
C ACT FA . 30.60 -19.98 -8.73
O ACT FA . 31.13 -21.11 -8.87
OXT ACT FA . 30.51 -19.68 -7.50
CH3 ACT FA . 30.10 -19.06 -9.87
C ACT GA . -9.50 7.22 -35.65
O ACT GA . -8.81 6.17 -35.55
OXT ACT GA . -10.39 7.10 -36.52
CH3 ACT GA . -9.29 8.47 -34.78
C ACT HA . -16.81 29.27 -15.44
O ACT HA . -16.75 28.32 -16.26
OXT ACT HA . -17.86 29.92 -15.57
CH3 ACT HA . -15.73 29.56 -14.42
#